data_2VMF
#
_entry.id   2VMF
#
_cell.length_a   91.051
_cell.length_b   114.663
_cell.length_c   99.090
_cell.angle_alpha   90.00
_cell.angle_beta   113.19
_cell.angle_gamma   90.00
#
_symmetry.space_group_name_H-M   'P 1 21 1'
#
loop_
_entity.id
_entity.type
_entity.pdbx_description
1 polymer BETA-MANNOSIDASE
2 non-polymer (5R,6R,7S,8R)-5-(HYDROXYMETHYL)-5,6,7,8-TETRAHYDROIMIDAZO[1,2-A]PYRIDINE-6,7,8-TRIOL
3 non-polymer 1,2-ETHANEDIOL
4 non-polymer 'BROMIDE ION'
5 non-polymer 'CHLORIDE ION'
6 water water
#
_entity_poly.entity_id   1
_entity_poly.type   'polypeptide(L)'
_entity_poly.pdbx_seq_one_letter_code
;QGNDTSEVMLLDTGWEFSQSGTEKWMPATVPGTVHQDLISHELLPNPFYGMNEKKIQWVENEDWEYRTSFIVSEEQLNRD
GIQLIFEGLDTYADVYLNGSLLLKADNMFVGYTLPVKSVLRKGENHLYIYFHSPIRQTLPQYASNGFNYPADNDHHEKHL
SVFSRKAPYSYGWDWGIRMVTSGVWRPVTLRFYDIATISDYYVRQLSLTDENARLSNELIVNQIVPQKIPAEVRVNVSLN
GTTVTEVKQQVTLQPGINHITLPAEVTNPVRWMPNGWGTPTLYDFSAQIACGDRIVAEQSHRIGLRTIRVVNEKDKDGES
FYFEVNGIPMFAKGANYIPQDALLPNVTTERYQTLFRDMKEANMNMVRIWGGGTYENNLFYDLADENGILVWQDFMFACT
PYPSDPTFLKRVEAEAVYNIRRLRNHASLAMWCGNNEILEALKYWGFEKKFTPEVYQGLMHGYDKLFRELLPSTVKEFDS
DRFYVHSSPYLANWGRPESWGTGDSHNWGVWYGKKPFESLDTDLPRFMSEFGFQSFPEMKTIAAFAAPEDYQIESEVMNA
HQKSSIGNSLIRTYMERDYIIPESFEDFVYVGLVLQGQGMRHGLEAHRRNRPYCMGTLYWQLNDSWPVVSWSSIDYYGNW
KALHYQAKRAFAPVLINPIQQNDSLSVYLISDRLDTMEQMTLEMKVVDFDGKTLGKKIQVHSLEVPANTSKCVYRAKLDG
WLTPEDCRRSFLKLILKDKSGHQVAESVHFFRKTKDLQLPPTSVSYQMKQTDGKCELTLFSSMLAKDIFIETPLQGARYS
DNFFDLLPGERKKVIITSPRIKKGEELPVNIKHIRETYKEHHHHHH
;
_entity_poly.pdbx_strand_id   A,B
#
loop_
_chem_comp.id
_chem_comp.type
_chem_comp.name
_chem_comp.formula
BR non-polymer 'BROMIDE ION' 'Br -1'
CL non-polymer 'CHLORIDE ION' 'Cl -1'
EDO non-polymer 1,2-ETHANEDIOL 'C2 H6 O2'
MVL non-polymer (5R,6R,7S,8R)-5-(HYDROXYMETHYL)-5,6,7,8-TETRAHYDROIMIDAZO[1,2-A]PYRIDINE-6,7,8-TRIOL 'C8 H12 N2 O4'
#
# COMPACT_ATOMS: atom_id res chain seq x y z
N ASN A 3 -7.11 -15.62 -15.97
CA ASN A 3 -6.18 -15.69 -17.13
C ASN A 3 -6.57 -16.81 -18.16
N ASP A 4 -6.88 -18.02 -17.71
CA ASP A 4 -7.08 -19.16 -18.62
C ASP A 4 -8.04 -20.23 -18.10
N THR A 5 -8.24 -21.32 -18.82
CA THR A 5 -9.23 -22.33 -18.38
C THR A 5 -8.74 -23.32 -17.33
N SER A 6 -7.45 -23.26 -16.98
CA SER A 6 -6.93 -24.22 -16.01
C SER A 6 -7.56 -24.00 -14.62
N GLU A 7 -7.49 -25.01 -13.77
CA GLU A 7 -7.85 -24.89 -12.36
C GLU A 7 -6.63 -25.30 -11.56
N VAL A 8 -6.27 -24.49 -10.57
CA VAL A 8 -5.16 -24.82 -9.67
C VAL A 8 -5.69 -25.20 -8.28
N MET A 9 -5.16 -26.29 -7.71
CA MET A 9 -5.44 -26.62 -6.32
CA MET A 9 -5.43 -26.63 -6.31
C MET A 9 -4.18 -26.42 -5.50
N LEU A 10 -4.28 -25.61 -4.44
CA LEU A 10 -3.13 -25.37 -3.57
C LEU A 10 -3.07 -26.48 -2.56
N LEU A 11 -2.00 -27.27 -2.59
CA LEU A 11 -1.85 -28.32 -1.59
C LEU A 11 -1.15 -27.74 -0.34
N ASP A 12 -1.89 -26.91 0.39
CA ASP A 12 -1.35 -26.16 1.53
C ASP A 12 -2.14 -26.34 2.85
N THR A 13 -3.02 -27.34 2.91
CA THR A 13 -3.62 -27.69 4.21
C THR A 13 -3.71 -29.21 4.42
N GLY A 14 -3.85 -29.61 5.68
CA GLY A 14 -4.05 -31.00 6.01
C GLY A 14 -2.79 -31.84 5.93
N TRP A 15 -1.63 -31.21 6.05
CA TRP A 15 -0.39 -31.98 6.04
C TRP A 15 -0.06 -32.46 7.43
N GLU A 16 0.53 -33.65 7.53
CA GLU A 16 1.05 -34.14 8.80
C GLU A 16 2.50 -34.52 8.60
N PHE A 17 3.22 -34.55 9.71
CA PHE A 17 4.60 -34.96 9.67
C PHE A 17 4.92 -36.00 10.77
N SER A 18 6.01 -36.73 10.58
CA SER A 18 6.43 -37.77 11.52
C SER A 18 7.93 -37.91 11.46
N GLN A 19 8.58 -38.02 12.61
CA GLN A 19 9.99 -38.41 12.65
C GLN A 19 10.03 -39.87 12.23
N SER A 20 10.79 -40.20 11.17
CA SER A 20 10.76 -41.59 10.64
C SER A 20 11.08 -42.61 11.70
N GLY A 21 10.27 -43.66 11.70
CA GLY A 21 10.47 -44.76 12.63
C GLY A 21 9.53 -44.67 13.82
N THR A 22 8.94 -43.51 14.08
CA THR A 22 8.22 -43.38 15.35
C THR A 22 6.77 -43.77 15.20
N GLU A 23 6.30 -43.67 13.96
CA GLU A 23 4.89 -43.89 13.58
C GLU A 23 3.92 -42.92 14.21
N LYS A 24 4.47 -41.91 14.89
CA LYS A 24 3.65 -40.86 15.48
C LYS A 24 3.56 -39.68 14.50
N TRP A 25 2.34 -39.20 14.28
CA TRP A 25 2.04 -38.17 13.28
C TRP A 25 1.38 -36.96 13.93
N MET A 26 1.67 -35.75 13.41
CA MET A 26 1.09 -34.50 13.93
C MET A 26 0.91 -33.51 12.81
N PRO A 27 0.00 -32.52 13.00
CA PRO A 27 -0.23 -31.54 11.93
C PRO A 27 1.05 -30.73 11.58
N ALA A 28 1.17 -30.38 10.30
CA ALA A 28 2.27 -29.58 9.81
C ALA A 28 1.73 -28.42 9.03
N THR A 29 2.61 -27.45 8.79
CA THR A 29 2.26 -26.32 8.00
C THR A 29 3.19 -26.37 6.81
N VAL A 30 2.57 -26.26 5.63
CA VAL A 30 3.28 -26.39 4.38
C VAL A 30 2.83 -25.25 3.48
N PRO A 31 3.76 -24.50 2.85
CA PRO A 31 5.23 -24.62 2.93
C PRO A 31 5.74 -24.41 4.35
N GLY A 32 6.79 -25.12 4.73
CA GLY A 32 7.33 -24.94 6.06
C GLY A 32 8.58 -25.74 6.16
N THR A 33 8.98 -26.07 7.38
CA THR A 33 10.21 -26.76 7.67
C THR A 33 9.90 -27.68 8.81
N VAL A 34 10.74 -28.70 8.95
CA VAL A 34 10.67 -29.67 10.02
C VAL A 34 10.89 -29.01 11.36
N HIS A 35 11.85 -28.11 11.43
CA HIS A 35 12.08 -27.33 12.68
C HIS A 35 10.82 -26.52 13.10
N GLN A 36 10.23 -25.78 12.16
CA GLN A 36 9.09 -24.97 12.51
C GLN A 36 7.91 -25.86 12.99
N ASP A 37 7.74 -27.02 12.34
CA ASP A 37 6.62 -27.91 12.69
C ASP A 37 6.81 -28.43 14.12
N LEU A 38 8.06 -28.72 14.45
CA LEU A 38 8.43 -29.17 15.78
C LEU A 38 8.25 -28.06 16.83
N ILE A 39 8.68 -26.84 16.48
CA ILE A 39 8.52 -25.67 17.36
C ILE A 39 7.05 -25.48 17.71
N SER A 40 6.21 -25.53 16.67
CA SER A 40 4.78 -25.34 16.82
C SER A 40 4.18 -26.38 17.76
N HIS A 41 4.85 -27.52 17.95
CA HIS A 41 4.31 -28.53 18.90
C HIS A 41 5.12 -28.63 20.19
N GLU A 42 5.93 -27.60 20.43
CA GLU A 42 6.79 -27.51 21.59
C GLU A 42 7.64 -28.75 21.69
N LEU A 43 8.07 -29.23 20.53
CA LEU A 43 8.92 -30.38 20.41
C LEU A 43 10.37 -29.92 20.22
N LEU A 44 10.57 -28.61 20.16
CA LEU A 44 11.91 -27.99 20.20
C LEU A 44 11.74 -26.69 20.90
N PRO A 45 12.76 -26.26 21.65
CA PRO A 45 12.66 -24.93 22.24
C PRO A 45 12.95 -23.87 21.20
N ASN A 46 12.62 -22.61 21.50
CA ASN A 46 12.95 -21.50 20.60
C ASN A 46 14.43 -21.58 20.20
N PRO A 47 14.72 -22.00 18.92
CA PRO A 47 16.10 -22.20 18.50
C PRO A 47 16.94 -20.92 18.65
N PHE A 48 16.30 -19.76 18.62
CA PHE A 48 17.04 -18.48 18.67
C PHE A 48 17.29 -17.99 20.08
N TYR A 49 16.69 -18.62 21.08
CA TYR A 49 16.91 -18.22 22.48
C TYR A 49 18.12 -18.83 23.18
N GLY A 50 18.87 -17.98 23.89
CA GLY A 50 19.82 -18.42 24.87
C GLY A 50 20.83 -19.35 24.25
N MET A 51 20.93 -20.57 24.81
CA MET A 51 21.90 -21.61 24.44
C MET A 51 21.28 -22.70 23.57
N ASN A 52 20.07 -22.46 23.02
CA ASN A 52 19.29 -23.50 22.34
C ASN A 52 19.86 -24.06 21.02
N GLU A 53 20.93 -23.47 20.47
CA GLU A 53 21.48 -23.97 19.21
C GLU A 53 21.85 -25.44 19.32
N LYS A 54 22.67 -25.75 20.32
CA LYS A 54 23.15 -27.10 20.56
C LYS A 54 22.07 -28.15 20.86
N LYS A 55 20.96 -27.69 21.46
CA LYS A 55 19.75 -28.47 21.79
C LYS A 55 18.80 -28.82 20.60
N ILE A 56 19.06 -28.26 19.42
CA ILE A 56 18.19 -28.53 18.29
C ILE A 56 18.88 -29.33 17.16
N GLN A 57 20.16 -29.62 17.36
CA GLN A 57 21.02 -30.18 16.33
C GLN A 57 20.64 -31.63 15.94
N TRP A 58 20.02 -32.33 16.87
CA TRP A 58 19.60 -33.73 16.73
C TRP A 58 18.66 -33.94 15.54
N VAL A 59 17.83 -32.94 15.24
CA VAL A 59 16.88 -32.96 14.11
C VAL A 59 17.55 -33.33 12.79
N GLU A 60 18.78 -32.88 12.57
CA GLU A 60 19.46 -33.11 11.29
C GLU A 60 19.96 -34.55 11.13
N ASN A 61 19.98 -35.31 12.22
CA ASN A 61 20.34 -36.74 12.16
C ASN A 61 19.15 -37.68 11.88
N GLU A 62 17.94 -37.14 11.97
CA GLU A 62 16.72 -37.90 11.75
C GLU A 62 16.17 -37.76 10.32
N ASP A 63 15.43 -38.78 9.86
CA ASP A 63 14.63 -38.63 8.64
C ASP A 63 13.26 -38.19 9.05
N TRP A 64 12.56 -37.54 8.09
CA TRP A 64 11.24 -36.91 8.35
C TRP A 64 10.30 -37.18 7.19
N GLU A 65 9.08 -37.57 7.51
CA GLU A 65 8.10 -37.88 6.50
C GLU A 65 6.93 -36.93 6.63
N TYR A 66 6.29 -36.64 5.47
CA TYR A 66 5.18 -35.69 5.33
C TYR A 66 4.11 -36.39 4.51
N ARG A 67 2.86 -36.25 4.93
CA ARG A 67 1.76 -36.85 4.15
C ARG A 67 0.58 -35.85 4.09
N THR A 68 -0.14 -35.89 2.99
CA THR A 68 -1.41 -35.18 2.87
C THR A 68 -2.34 -36.03 1.99
N SER A 69 -3.65 -35.85 2.16
CA SER A 69 -4.66 -36.48 1.29
C SER A 69 -5.47 -35.41 0.61
N PHE A 70 -5.94 -35.68 -0.60
CA PHE A 70 -6.86 -34.74 -1.25
C PHE A 70 -7.85 -35.50 -2.13
N ILE A 71 -8.90 -34.80 -2.50
CA ILE A 71 -10.00 -35.39 -3.26
C ILE A 71 -9.87 -34.91 -4.68
N VAL A 72 -10.04 -35.81 -5.65
CA VAL A 72 -10.15 -35.41 -7.04
C VAL A 72 -11.50 -35.90 -7.57
N SER A 73 -12.22 -35.03 -8.27
CA SER A 73 -13.51 -35.42 -8.81
C SER A 73 -13.35 -36.09 -10.16
N GLU A 74 -14.39 -36.82 -10.55
CA GLU A 74 -14.52 -37.39 -11.88
C GLU A 74 -14.27 -36.36 -12.99
N GLU A 75 -14.81 -35.16 -12.78
CA GLU A 75 -14.76 -34.08 -13.73
C GLU A 75 -13.33 -33.56 -13.88
N GLN A 76 -12.63 -33.43 -12.75
CA GLN A 76 -11.22 -33.04 -12.76
C GLN A 76 -10.34 -34.10 -13.41
N LEU A 77 -10.63 -35.38 -13.15
CA LEU A 77 -9.92 -36.48 -13.80
C LEU A 77 -10.09 -36.53 -15.30
N ASN A 78 -11.14 -35.89 -15.82
CA ASN A 78 -11.32 -35.78 -17.25
C ASN A 78 -10.70 -34.55 -17.88
N ARG A 79 -9.92 -33.78 -17.13
CA ARG A 79 -9.17 -32.73 -17.79
C ARG A 79 -8.07 -33.44 -18.62
N ASP A 80 -7.62 -32.81 -19.71
CA ASP A 80 -6.60 -33.43 -20.57
C ASP A 80 -5.34 -33.69 -19.80
N GLY A 81 -4.96 -32.76 -18.92
CA GLY A 81 -3.69 -32.94 -18.22
C GLY A 81 -3.82 -32.54 -16.79
N ILE A 82 -2.97 -33.14 -15.94
CA ILE A 82 -2.87 -32.72 -14.54
C ILE A 82 -1.43 -32.78 -14.06
N GLN A 83 -0.86 -31.64 -13.68
CA GLN A 83 0.53 -31.59 -13.19
C GLN A 83 0.60 -31.22 -11.73
N LEU A 84 1.49 -31.94 -11.04
CA LEU A 84 1.88 -31.63 -9.68
C LEU A 84 3.20 -30.88 -9.74
N ILE A 85 3.17 -29.64 -9.24
CA ILE A 85 4.35 -28.76 -9.20
C ILE A 85 4.85 -28.56 -7.77
N PHE A 86 6.11 -28.89 -7.59
CA PHE A 86 6.84 -28.54 -6.39
C PHE A 86 7.78 -27.38 -6.67
N GLU A 87 7.51 -26.24 -6.07
CA GLU A 87 8.37 -25.12 -6.24
C GLU A 87 9.68 -25.21 -5.43
N GLY A 88 9.74 -26.11 -4.43
CA GLY A 88 10.98 -26.39 -3.73
C GLY A 88 10.90 -27.54 -2.73
N LEU A 89 11.89 -28.44 -2.80
CA LEU A 89 11.98 -29.51 -1.82
C LEU A 89 13.40 -29.49 -1.26
N ASP A 90 13.49 -29.34 0.05
CA ASP A 90 14.76 -29.30 0.76
C ASP A 90 14.90 -30.65 1.53
N THR A 91 15.67 -31.63 1.04
CA THR A 91 16.45 -31.59 -0.23
C THR A 91 16.37 -32.98 -0.89
N TYR A 92 16.79 -34.03 -0.15
CA TYR A 92 16.70 -35.42 -0.63
C TYR A 92 15.32 -35.99 -0.26
N ALA A 93 14.42 -35.90 -1.23
CA ALA A 93 13.02 -36.16 -0.98
C ALA A 93 12.48 -37.15 -2.00
N ASP A 94 11.94 -38.27 -1.50
CA ASP A 94 11.29 -39.30 -2.31
C ASP A 94 9.83 -38.97 -2.27
N VAL A 95 9.27 -38.64 -3.41
CA VAL A 95 7.86 -38.20 -3.47
C VAL A 95 7.05 -39.38 -4.00
N TYR A 96 6.02 -39.77 -3.25
CA TYR A 96 5.18 -40.90 -3.58
C TYR A 96 3.75 -40.43 -3.68
N LEU A 97 3.10 -40.79 -4.79
CA LEU A 97 1.69 -40.49 -4.95
C LEU A 97 0.93 -41.77 -5.33
N ASN A 98 -0.02 -42.19 -4.51
CA ASN A 98 -0.89 -43.33 -4.83
C ASN A 98 -0.05 -44.61 -5.21
N GLY A 99 0.97 -44.94 -4.42
CA GLY A 99 1.84 -46.10 -4.67
C GLY A 99 2.94 -45.89 -5.71
N SER A 100 2.91 -44.75 -6.42
CA SER A 100 3.96 -44.42 -7.40
C SER A 100 5.04 -43.48 -6.86
N LEU A 101 6.29 -43.83 -7.12
CA LEU A 101 7.44 -42.94 -6.91
C LEU A 101 7.57 -42.00 -8.08
N LEU A 102 7.08 -40.77 -7.91
CA LEU A 102 7.11 -39.75 -8.95
C LEU A 102 8.50 -39.12 -9.14
N LEU A 103 9.32 -39.14 -8.09
CA LEU A 103 10.47 -38.26 -8.07
C LEU A 103 11.41 -38.56 -6.91
N LYS A 104 12.72 -38.58 -7.24
CA LYS A 104 13.75 -38.54 -6.25
C LYS A 104 14.47 -37.20 -6.36
N ALA A 105 13.96 -36.22 -5.60
CA ALA A 105 14.41 -34.83 -5.63
C ALA A 105 15.79 -34.78 -4.96
N ASP A 106 16.68 -33.90 -5.38
CA ASP A 106 18.01 -33.86 -4.77
C ASP A 106 18.61 -32.48 -4.93
N ASN A 107 17.76 -31.48 -5.11
CA ASN A 107 18.25 -30.11 -5.30
C ASN A 107 17.26 -29.12 -4.79
N MET A 108 17.60 -28.53 -3.65
CA MET A 108 16.76 -27.47 -3.03
C MET A 108 16.36 -26.32 -3.97
N PHE A 109 17.26 -25.96 -4.88
CA PHE A 109 17.14 -24.80 -5.71
C PHE A 109 16.36 -25.03 -7.03
N VAL A 110 15.66 -26.17 -7.11
CA VAL A 110 15.00 -26.58 -8.36
C VAL A 110 13.50 -26.76 -8.14
N GLY A 111 12.68 -26.22 -9.03
CA GLY A 111 11.28 -26.55 -9.02
C GLY A 111 11.08 -27.78 -9.87
N TYR A 112 10.10 -28.62 -9.51
CA TYR A 112 9.81 -29.83 -10.28
C TYR A 112 8.35 -29.83 -10.72
N THR A 113 8.11 -30.18 -11.97
CA THR A 113 6.79 -30.26 -12.59
C THR A 113 6.54 -31.69 -13.07
N LEU A 114 5.51 -32.32 -12.53
CA LEU A 114 5.34 -33.74 -12.67
C LEU A 114 3.98 -34.01 -13.28
N PRO A 115 3.95 -34.85 -14.35
CA PRO A 115 2.64 -35.22 -14.92
C PRO A 115 2.00 -36.31 -14.07
N VAL A 116 0.77 -36.10 -13.59
CA VAL A 116 0.18 -37.05 -12.63
C VAL A 116 -1.22 -37.60 -12.98
N LYS A 117 -1.81 -37.18 -14.08
CA LYS A 117 -3.17 -37.60 -14.39
C LYS A 117 -3.38 -39.13 -14.30
N SER A 118 -2.42 -39.88 -14.87
CA SER A 118 -2.49 -41.32 -15.02
C SER A 118 -2.35 -42.01 -13.70
N VAL A 119 -1.76 -41.33 -12.74
CA VAL A 119 -1.57 -41.89 -11.39
C VAL A 119 -2.69 -41.52 -10.36
N LEU A 120 -3.43 -40.44 -10.62
CA LEU A 120 -4.51 -39.96 -9.73
C LEU A 120 -5.77 -40.87 -9.80
N ARG A 121 -6.53 -40.93 -8.71
CA ARG A 121 -7.77 -41.71 -8.62
C ARG A 121 -8.95 -40.79 -8.19
N LYS A 122 -10.14 -41.07 -8.72
CA LYS A 122 -11.38 -40.38 -8.35
C LYS A 122 -11.57 -40.56 -6.84
N GLY A 123 -11.93 -39.50 -6.14
CA GLY A 123 -12.03 -39.60 -4.68
C GLY A 123 -10.70 -39.24 -4.02
N GLU A 124 -10.27 -40.06 -3.07
CA GLU A 124 -9.14 -39.73 -2.24
C GLU A 124 -7.82 -40.16 -2.85
N ASN A 125 -6.78 -39.38 -2.58
CA ASN A 125 -5.46 -39.50 -3.24
C ASN A 125 -4.47 -39.22 -2.15
N HIS A 126 -3.42 -40.03 -2.08
CA HIS A 126 -2.46 -39.92 -0.99
C HIS A 126 -1.07 -39.51 -1.45
N LEU A 127 -0.62 -38.35 -0.97
CA LEU A 127 0.75 -37.86 -1.24
C LEU A 127 1.62 -38.07 0.00
N TYR A 128 2.78 -38.69 -0.22
CA TYR A 128 3.70 -39.05 0.82
C TYR A 128 5.14 -38.71 0.40
N ILE A 129 5.83 -37.95 1.27
CA ILE A 129 7.21 -37.51 1.01
C ILE A 129 8.17 -37.95 2.12
N TYR A 130 9.20 -38.66 1.70
CA TYR A 130 10.23 -39.10 2.60
C TYR A 130 11.51 -38.21 2.43
N PHE A 131 11.86 -37.47 3.49
CA PHE A 131 13.04 -36.57 3.47
C PHE A 131 14.18 -37.29 4.16
N HIS A 132 15.14 -37.76 3.36
CA HIS A 132 16.35 -38.36 3.90
C HIS A 132 17.12 -37.22 4.58
N SER A 133 17.70 -37.49 5.75
CA SER A 133 18.59 -36.55 6.40
C SER A 133 19.72 -36.20 5.42
N PRO A 134 19.96 -34.89 5.20
CA PRO A 134 21.02 -34.51 4.28
C PRO A 134 22.35 -34.83 4.89
N ILE A 135 22.40 -35.07 6.21
CA ILE A 135 23.64 -35.51 6.84
C ILE A 135 23.95 -36.97 6.51
N ARG A 136 23.01 -37.85 6.84
CA ARG A 136 23.11 -39.30 6.69
C ARG A 136 23.19 -39.66 5.23
N GLN A 137 22.52 -38.87 4.40
CA GLN A 137 22.62 -39.04 2.94
C GLN A 137 24.04 -38.84 2.37
N THR A 138 24.82 -37.96 3.00
CA THR A 138 26.12 -37.57 2.45
C THR A 138 27.33 -38.10 3.23
N LEU A 139 27.09 -38.64 4.42
CA LEU A 139 28.13 -39.39 5.14
C LEU A 139 28.89 -40.38 4.27
N PRO A 140 28.14 -41.23 3.52
CA PRO A 140 28.89 -42.22 2.71
C PRO A 140 29.66 -41.56 1.57
N GLN A 141 29.12 -40.48 1.03
CA GLN A 141 29.78 -39.68 -0.01
C GLN A 141 31.05 -39.00 0.48
N TYR A 142 30.99 -38.49 1.69
CA TYR A 142 32.17 -37.96 2.39
C TYR A 142 33.18 -39.08 2.69
N ALA A 143 32.70 -40.25 3.06
CA ALA A 143 33.60 -41.35 3.38
C ALA A 143 34.34 -41.82 2.13
N SER A 144 33.67 -41.84 0.99
CA SER A 144 34.34 -42.14 -0.29
C SER A 144 35.38 -41.08 -0.76
N ASN A 145 35.40 -39.89 -0.17
CA ASN A 145 36.12 -38.75 -0.79
C ASN A 145 37.59 -38.66 -0.47
N GLY A 146 37.97 -39.21 0.67
CA GLY A 146 39.33 -39.18 1.15
C GLY A 146 39.96 -37.85 1.49
N PHE A 147 39.17 -36.80 1.59
CA PHE A 147 39.59 -35.50 2.14
C PHE A 147 38.32 -34.75 2.54
N ASN A 148 38.52 -33.75 3.38
CA ASN A 148 37.47 -32.93 3.89
C ASN A 148 37.62 -31.58 3.15
N TYR A 149 36.62 -31.20 2.37
CA TYR A 149 36.61 -29.86 1.77
C TYR A 149 36.74 -28.75 2.82
N PRO A 150 37.37 -27.64 2.46
CA PRO A 150 37.63 -26.60 3.52
C PRO A 150 36.50 -25.55 3.68
N ALA A 151 35.27 -26.00 3.85
CA ALA A 151 34.14 -25.14 4.13
C ALA A 151 34.05 -24.87 5.65
N ASP A 152 34.86 -23.92 6.11
CA ASP A 152 34.93 -23.50 7.49
C ASP A 152 33.62 -22.96 8.05
N ASN A 153 32.75 -22.44 7.21
CA ASN A 153 31.47 -21.93 7.75
C ASN A 153 30.47 -23.03 8.00
N ASP A 154 30.82 -24.24 7.59
CA ASP A 154 30.02 -25.44 7.85
C ASP A 154 30.38 -25.96 9.25
N HIS A 155 29.54 -25.68 10.25
CA HIS A 155 29.91 -25.96 11.66
C HIS A 155 29.67 -27.42 12.05
N HIS A 156 30.57 -28.26 11.58
CA HIS A 156 30.57 -29.68 11.85
C HIS A 156 31.98 -30.09 11.54
N GLU A 157 32.45 -31.15 12.17
CA GLU A 157 33.73 -31.75 11.85
C GLU A 157 33.84 -32.20 10.36
N LYS A 158 32.76 -32.76 9.83
CA LYS A 158 32.73 -33.19 8.43
C LYS A 158 32.01 -32.14 7.61
N HIS A 159 32.67 -31.59 6.61
CA HIS A 159 32.00 -30.54 5.83
C HIS A 159 31.16 -31.07 4.65
N LEU A 160 29.96 -31.45 5.01
CA LEU A 160 29.05 -32.18 4.12
C LEU A 160 28.25 -31.27 3.23
N SER A 161 28.27 -29.97 3.56
CA SER A 161 27.53 -28.94 2.87
C SER A 161 27.86 -29.05 1.40
N VAL A 162 29.15 -29.15 1.07
CA VAL A 162 29.62 -29.08 -0.33
C VAL A 162 29.06 -30.14 -1.28
N PHE A 163 28.63 -31.26 -0.71
CA PHE A 163 28.07 -32.38 -1.45
C PHE A 163 26.61 -32.18 -1.78
N SER A 164 25.92 -31.25 -1.10
CA SER A 164 24.50 -31.01 -1.35
C SER A 164 24.18 -29.66 -2.00
N ARG A 165 23.24 -29.67 -2.96
CA ARG A 165 22.64 -28.44 -3.51
C ARG A 165 21.55 -28.04 -2.54
N LYS A 166 22.02 -27.41 -1.47
CA LYS A 166 21.16 -27.00 -0.37
C LYS A 166 21.78 -25.69 0.16
N ALA A 167 20.96 -24.75 0.64
CA ALA A 167 21.41 -23.45 1.10
C ALA A 167 22.68 -23.57 1.97
N PRO A 168 23.80 -22.97 1.52
CA PRO A 168 25.05 -23.19 2.28
C PRO A 168 24.97 -22.72 3.73
N TYR A 169 24.36 -21.55 3.92
CA TYR A 169 24.27 -20.98 5.25
C TYR A 169 23.46 -21.88 6.20
N SER A 170 22.63 -22.78 5.67
CA SER A 170 21.86 -23.68 6.57
C SER A 170 22.77 -24.55 7.49
N TYR A 171 23.97 -24.86 7.02
CA TYR A 171 24.97 -25.59 7.82
C TYR A 171 25.72 -24.69 8.80
N GLY A 172 25.35 -23.40 8.90
CA GLY A 172 26.11 -22.52 9.79
C GLY A 172 26.81 -21.47 8.95
N TRP A 173 26.99 -20.26 9.49
CA TRP A 173 27.84 -19.23 8.90
C TRP A 173 28.42 -18.35 10.03
N ASP A 174 29.24 -17.34 9.68
CA ASP A 174 29.92 -16.54 10.72
C ASP A 174 28.99 -15.41 11.26
N TRP A 175 27.73 -15.45 10.85
CA TRP A 175 26.67 -14.62 11.42
C TRP A 175 25.42 -15.46 11.63
N GLY A 176 25.55 -16.78 11.45
CA GLY A 176 24.34 -17.64 11.43
C GLY A 176 24.30 -18.85 12.34
N ILE A 177 23.10 -19.28 12.65
CA ILE A 177 22.88 -20.48 13.42
C ILE A 177 22.86 -21.71 12.47
N ARG A 178 23.37 -22.86 12.94
CA ARG A 178 23.27 -24.12 12.18
C ARG A 178 21.89 -24.71 12.38
N MET A 179 21.09 -24.71 11.33
CA MET A 179 19.77 -25.35 11.35
C MET A 179 19.58 -26.03 10.02
N VAL A 180 20.07 -27.27 9.93
CA VAL A 180 20.11 -28.03 8.67
C VAL A 180 18.74 -28.70 8.55
N THR A 181 17.84 -27.91 7.97
CA THR A 181 16.44 -28.27 7.98
C THR A 181 16.04 -29.01 6.72
N SER A 182 14.75 -29.40 6.64
CA SER A 182 14.16 -30.11 5.48
C SER A 182 12.71 -29.73 5.35
N GLY A 183 12.14 -30.04 4.20
CA GLY A 183 10.71 -29.94 4.05
C GLY A 183 10.31 -29.35 2.73
N VAL A 184 9.01 -29.18 2.56
CA VAL A 184 8.43 -28.62 1.36
C VAL A 184 8.54 -27.12 1.59
N TRP A 185 9.60 -26.51 1.06
CA TRP A 185 9.93 -25.11 1.40
C TRP A 185 9.32 -24.01 0.51
N ARG A 186 8.76 -24.43 -0.62
CA ARG A 186 7.96 -23.52 -1.42
C ARG A 186 6.67 -24.27 -1.79
N PRO A 187 5.75 -23.57 -2.45
CA PRO A 187 4.41 -24.12 -2.63
C PRO A 187 4.28 -25.37 -3.52
N VAL A 188 3.25 -26.15 -3.20
CA VAL A 188 2.84 -27.33 -3.95
C VAL A 188 1.51 -27.01 -4.59
N THR A 189 1.44 -27.17 -5.91
N THR A 189 1.45 -27.15 -5.91
CA THR A 189 0.25 -26.87 -6.67
CA THR A 189 0.24 -26.92 -6.65
C THR A 189 -0.06 -28.01 -7.66
C THR A 189 -0.06 -28.11 -7.55
N LEU A 190 -1.35 -28.32 -7.77
CA LEU A 190 -1.83 -29.32 -8.67
C LEU A 190 -2.64 -28.55 -9.67
N ARG A 191 -2.27 -28.62 -10.94
CA ARG A 191 -3.03 -27.90 -11.97
C ARG A 191 -3.75 -28.84 -12.94
N PHE A 192 -5.03 -28.57 -13.17
CA PHE A 192 -5.89 -29.43 -14.01
C PHE A 192 -6.19 -28.61 -15.25
N TYR A 193 -5.89 -29.13 -16.45
CA TYR A 193 -5.90 -28.22 -17.60
C TYR A 193 -6.27 -28.90 -18.90
N ASP A 194 -6.54 -28.10 -19.93
CA ASP A 194 -6.76 -28.71 -21.23
C ASP A 194 -5.73 -28.31 -22.24
N ILE A 195 -5.39 -29.28 -23.10
CA ILE A 195 -4.52 -29.10 -24.30
C ILE A 195 -3.01 -29.01 -23.94
N ALA A 196 -2.61 -27.93 -23.25
CA ALA A 196 -1.19 -27.59 -23.04
C ALA A 196 -1.04 -26.61 -21.89
N THR A 197 0.21 -26.49 -21.46
CA THR A 197 0.65 -25.46 -20.52
C THR A 197 1.80 -24.66 -21.18
N ILE A 198 1.92 -23.40 -20.79
CA ILE A 198 3.08 -22.62 -21.13
C ILE A 198 4.19 -23.04 -20.14
N SER A 199 5.21 -23.71 -20.66
CA SER A 199 6.34 -24.15 -19.88
C SER A 199 7.25 -22.98 -19.51
N ASP A 200 7.44 -22.07 -20.44
CA ASP A 200 8.32 -20.94 -20.21
C ASP A 200 7.83 -19.87 -21.14
N TYR A 201 7.86 -18.63 -20.63
CA TYR A 201 7.58 -17.44 -21.42
C TYR A 201 8.74 -16.51 -21.15
N TYR A 202 9.56 -16.30 -22.17
CA TYR A 202 10.68 -15.38 -22.15
C TYR A 202 10.41 -14.19 -23.06
N VAL A 203 10.40 -12.99 -22.49
CA VAL A 203 10.30 -11.78 -23.27
C VAL A 203 11.73 -11.30 -23.55
N ARG A 204 12.22 -11.51 -24.77
CA ARG A 204 13.61 -11.22 -25.06
C ARG A 204 13.75 -9.85 -25.74
N GLN A 205 14.45 -8.93 -25.09
CA GLN A 205 14.68 -7.59 -25.65
C GLN A 205 15.79 -7.68 -26.71
N LEU A 206 15.45 -7.31 -27.94
CA LEU A 206 16.34 -7.36 -29.10
C LEU A 206 17.06 -6.05 -29.24
N SER A 207 16.32 -4.94 -29.09
CA SER A 207 16.91 -3.59 -29.10
C SER A 207 16.08 -2.58 -28.36
N LEU A 208 16.74 -1.48 -28.00
CA LEU A 208 16.05 -0.41 -27.32
C LEU A 208 16.70 0.90 -27.64
N THR A 209 15.90 1.81 -28.19
CA THR A 209 16.29 3.19 -28.46
C THR A 209 15.19 4.06 -27.89
N ASP A 210 15.37 5.39 -27.82
CA ASP A 210 14.23 6.29 -27.43
C ASP A 210 12.98 6.17 -28.28
N GLU A 211 13.18 5.71 -29.51
CA GLU A 211 12.10 5.61 -30.51
C GLU A 211 11.40 4.24 -30.53
N ASN A 212 12.15 3.18 -30.29
CA ASN A 212 11.55 1.87 -30.39
C ASN A 212 12.20 0.79 -29.54
N ALA A 213 11.35 -0.01 -28.88
CA ALA A 213 11.80 -1.22 -28.26
C ALA A 213 11.33 -2.36 -29.14
N ARG A 214 12.29 -3.19 -29.55
CA ARG A 214 11.98 -4.43 -30.25
C ARG A 214 12.11 -5.66 -29.35
N LEU A 215 11.07 -6.49 -29.28
CA LEU A 215 11.05 -7.65 -28.40
C LEU A 215 10.75 -8.95 -29.15
N SER A 216 11.35 -10.02 -28.66
CA SER A 216 10.98 -11.35 -29.12
C SER A 216 10.34 -12.20 -28.03
N ASN A 217 9.08 -12.60 -28.21
CA ASN A 217 8.34 -13.33 -27.21
C ASN A 217 8.52 -14.81 -27.50
N GLU A 218 9.28 -15.47 -26.63
CA GLU A 218 9.70 -16.85 -26.82
C GLU A 218 8.96 -17.74 -25.81
N LEU A 219 8.20 -18.69 -26.37
CA LEU A 219 7.32 -19.56 -25.62
C LEU A 219 7.67 -21.02 -25.83
N ILE A 220 7.63 -21.78 -24.74
CA ILE A 220 7.79 -23.21 -24.80
C ILE A 220 6.44 -23.74 -24.28
N VAL A 221 5.71 -24.46 -25.15
CA VAL A 221 4.39 -24.96 -24.82
C VAL A 221 4.48 -26.49 -24.74
N ASN A 222 3.99 -27.09 -23.66
CA ASN A 222 3.99 -28.52 -23.59
C ASN A 222 2.57 -29.00 -23.82
N GLN A 223 2.36 -29.66 -24.97
CA GLN A 223 1.07 -30.12 -25.37
C GLN A 223 0.90 -31.60 -24.95
N ILE A 224 -0.16 -31.86 -24.18
CA ILE A 224 -0.32 -33.12 -23.45
C ILE A 224 -1.27 -34.14 -24.10
N VAL A 225 -1.96 -33.73 -25.16
CA VAL A 225 -2.91 -34.64 -25.85
C VAL A 225 -2.26 -35.27 -27.11
N PRO A 226 -2.83 -36.38 -27.60
CA PRO A 226 -2.17 -37.03 -28.76
C PRO A 226 -2.55 -36.46 -30.16
N GLN A 227 -3.55 -35.58 -30.23
CA GLN A 227 -3.95 -35.02 -31.52
C GLN A 227 -3.09 -33.81 -31.82
N LYS A 228 -3.08 -33.38 -33.07
CA LYS A 228 -2.52 -32.11 -33.50
C LYS A 228 -3.59 -31.02 -33.26
N ILE A 229 -3.24 -29.93 -32.58
CA ILE A 229 -4.22 -28.88 -32.15
C ILE A 229 -3.90 -27.51 -32.75
N PRO A 230 -4.79 -27.03 -33.68
CA PRO A 230 -4.64 -25.66 -34.15
C PRO A 230 -4.85 -24.73 -32.96
N ALA A 231 -4.06 -23.68 -32.90
CA ALA A 231 -4.14 -22.76 -31.78
C ALA A 231 -3.75 -21.41 -32.31
N GLU A 232 -4.14 -20.35 -31.61
CA GLU A 232 -3.54 -19.08 -31.91
C GLU A 232 -2.85 -18.56 -30.65
N VAL A 233 -1.58 -18.21 -30.82
CA VAL A 233 -0.78 -17.56 -29.79
C VAL A 233 -0.92 -16.04 -29.86
N ARG A 234 -1.27 -15.47 -28.71
CA ARG A 234 -1.52 -14.04 -28.61
C ARG A 234 -0.65 -13.44 -27.53
N VAL A 235 -0.04 -12.30 -27.86
CA VAL A 235 0.69 -11.51 -26.89
C VAL A 235 0.08 -10.10 -26.83
N ASN A 236 -0.36 -9.70 -25.64
CA ASN A 236 -0.84 -8.36 -25.38
C ASN A 236 0.19 -7.61 -24.51
N VAL A 237 0.63 -6.44 -24.99
CA VAL A 237 1.47 -5.60 -24.20
C VAL A 237 0.58 -4.47 -23.68
N SER A 238 0.60 -4.27 -22.36
CA SER A 238 -0.20 -3.20 -21.77
CA SER A 238 -0.22 -3.23 -21.73
C SER A 238 0.58 -2.41 -20.71
N LEU A 239 0.11 -1.20 -20.45
CA LEU A 239 0.73 -0.33 -19.50
C LEU A 239 -0.43 0.27 -18.69
N ASN A 240 -0.43 0.03 -17.37
CA ASN A 240 -1.45 0.59 -16.45
C ASN A 240 -2.87 0.20 -16.96
N GLY A 241 -3.00 -0.98 -17.59
CA GLY A 241 -4.32 -1.53 -17.97
C GLY A 241 -4.76 -1.15 -19.37
N THR A 242 -3.91 -0.42 -20.08
CA THR A 242 -4.21 0.00 -21.43
C THR A 242 -3.25 -0.68 -22.39
N THR A 243 -3.83 -1.33 -23.41
CA THR A 243 -3.11 -2.05 -24.44
C THR A 243 -2.23 -1.11 -25.22
N VAL A 244 -0.96 -1.49 -25.37
CA VAL A 244 0.02 -0.73 -26.11
C VAL A 244 0.22 -1.39 -27.49
N THR A 245 0.38 -2.71 -27.53
CA THR A 245 0.46 -3.45 -28.78
C THR A 245 -0.02 -4.86 -28.56
N GLU A 246 -0.51 -5.47 -29.63
CA GLU A 246 -1.03 -6.83 -29.56
C GLU A 246 -0.55 -7.55 -30.85
N VAL A 247 -0.05 -8.79 -30.70
CA VAL A 247 0.47 -9.63 -31.82
C VAL A 247 -0.09 -11.05 -31.64
N LYS A 248 -0.06 -11.83 -32.72
CA LYS A 248 -0.96 -12.97 -32.93
C LYS A 248 -0.20 -13.94 -33.86
N GLN A 249 -0.28 -15.24 -33.60
CA GLN A 249 0.40 -16.20 -34.46
C GLN A 249 -0.28 -17.57 -34.56
N GLN A 250 -0.78 -17.90 -35.75
CA GLN A 250 -1.36 -19.25 -36.00
C GLN A 250 -0.37 -20.39 -35.95
N VAL A 251 -0.74 -21.44 -35.23
CA VAL A 251 0.13 -22.61 -35.13
C VAL A 251 -0.72 -23.84 -35.07
N THR A 252 -0.09 -24.98 -35.28
CA THR A 252 -0.67 -26.23 -34.91
C THR A 252 0.28 -26.88 -33.98
N LEU A 253 -0.19 -27.05 -32.75
CA LEU A 253 0.61 -27.61 -31.65
C LEU A 253 0.70 -29.13 -31.79
N GLN A 254 1.92 -29.63 -31.78
CA GLN A 254 2.18 -31.05 -31.88
C GLN A 254 2.25 -31.60 -30.47
N PRO A 255 1.97 -32.90 -30.28
CA PRO A 255 2.27 -33.57 -29.01
C PRO A 255 3.68 -33.21 -28.49
N GLY A 256 3.82 -32.99 -27.18
CA GLY A 256 5.10 -32.56 -26.64
C GLY A 256 5.41 -31.07 -26.69
N ILE A 257 6.72 -30.76 -26.71
CA ILE A 257 7.22 -29.37 -26.66
C ILE A 257 7.08 -28.68 -27.99
N ASN A 258 6.59 -27.45 -27.93
CA ASN A 258 6.47 -26.60 -29.09
C ASN A 258 7.24 -25.33 -28.82
N HIS A 259 7.98 -24.82 -29.79
CA HIS A 259 8.64 -23.53 -29.57
C HIS A 259 8.01 -22.50 -30.45
N ILE A 260 7.52 -21.44 -29.85
CA ILE A 260 6.85 -20.40 -30.58
C ILE A 260 7.58 -19.09 -30.30
N THR A 261 7.82 -18.29 -31.35
CA THR A 261 8.42 -16.95 -31.28
C THR A 261 7.54 -15.91 -32.00
N LEU A 262 7.15 -14.86 -31.26
CA LEU A 262 6.41 -13.74 -31.82
C LEU A 262 7.13 -12.46 -31.50
N PRO A 263 7.57 -11.74 -32.56
CA PRO A 263 8.02 -10.38 -32.41
C PRO A 263 6.94 -9.37 -31.95
N ALA A 264 7.33 -8.40 -31.14
CA ALA A 264 6.45 -7.27 -30.80
C ALA A 264 7.32 -6.06 -30.63
N GLU A 265 6.72 -4.89 -30.86
CA GLU A 265 7.41 -3.63 -30.74
C GLU A 265 6.63 -2.62 -29.89
N VAL A 266 7.33 -1.76 -29.18
CA VAL A 266 6.71 -0.68 -28.41
C VAL A 266 7.35 0.61 -28.89
N THR A 267 6.64 1.45 -29.64
CA THR A 267 7.18 2.76 -30.05
C THR A 267 7.22 3.73 -28.88
N ASN A 268 8.21 4.64 -28.88
CA ASN A 268 8.43 5.59 -27.78
C ASN A 268 8.25 4.96 -26.39
N PRO A 269 9.05 3.91 -26.10
CA PRO A 269 8.90 3.08 -24.91
C PRO A 269 9.16 3.92 -23.67
N VAL A 270 8.33 3.73 -22.64
CA VAL A 270 8.66 4.32 -21.32
C VAL A 270 9.70 3.46 -20.56
N ARG A 271 10.89 3.99 -20.43
CA ARG A 271 12.01 3.20 -19.85
C ARG A 271 11.90 2.91 -18.35
N TRP A 272 12.30 1.70 -17.92
CA TRP A 272 12.48 1.40 -16.52
C TRP A 272 13.76 2.09 -16.05
N MET A 273 13.67 2.92 -15.01
CA MET A 273 14.84 3.57 -14.44
C MET A 273 15.11 3.09 -12.99
N PRO A 274 16.39 3.07 -12.59
CA PRO A 274 16.78 2.70 -11.24
C PRO A 274 16.39 3.77 -10.21
N ASN A 275 16.30 3.33 -8.94
CA ASN A 275 15.99 4.22 -7.80
C ASN A 275 16.92 5.42 -7.81
N GLY A 276 16.35 6.62 -7.73
CA GLY A 276 17.13 7.85 -7.79
C GLY A 276 17.07 8.52 -9.15
N TRP A 277 16.87 7.74 -10.22
CA TRP A 277 16.99 8.27 -11.59
C TRP A 277 15.65 8.40 -12.29
N GLY A 278 14.55 8.01 -11.64
CA GLY A 278 13.21 8.11 -12.26
C GLY A 278 12.30 6.98 -11.82
N THR A 279 11.31 6.68 -12.65
CA THR A 279 10.28 5.70 -12.29
C THR A 279 10.66 4.29 -12.78
N PRO A 280 10.40 3.26 -11.95
CA PRO A 280 10.72 1.86 -12.32
C PRO A 280 9.55 1.30 -13.16
N THR A 281 9.32 1.91 -14.31
CA THR A 281 8.18 1.55 -15.21
C THR A 281 8.16 0.10 -15.68
N LEU A 282 7.03 -0.57 -15.40
CA LEU A 282 6.79 -1.96 -15.73
C LEU A 282 5.60 -2.14 -16.64
N TYR A 283 5.84 -2.74 -17.79
CA TYR A 283 4.81 -3.07 -18.78
C TYR A 283 4.25 -4.40 -18.37
N ASP A 284 3.03 -4.68 -18.80
CA ASP A 284 2.47 -6.02 -18.59
C ASP A 284 2.44 -6.81 -19.91
N PHE A 285 3.20 -7.90 -19.92
CA PHE A 285 3.23 -8.77 -21.12
C PHE A 285 2.44 -10.07 -20.83
N SER A 286 1.38 -10.34 -21.58
CA SER A 286 0.52 -11.49 -21.33
C SER A 286 0.57 -12.35 -22.56
N ALA A 287 0.94 -13.64 -22.39
CA ALA A 287 0.93 -14.61 -23.50
C ALA A 287 -0.22 -15.56 -23.26
N GLN A 288 -1.05 -15.76 -24.29
CA GLN A 288 -2.17 -16.69 -24.22
C GLN A 288 -2.10 -17.71 -25.34
N ILE A 289 -2.42 -18.96 -25.03
CA ILE A 289 -2.75 -19.93 -26.07
C ILE A 289 -4.27 -20.07 -26.22
N ALA A 290 -4.81 -19.69 -27.38
CA ALA A 290 -6.23 -19.80 -27.66
C ALA A 290 -6.56 -20.91 -28.67
N CYS A 291 -7.43 -21.84 -28.25
CA CYS A 291 -7.92 -22.93 -29.09
C CYS A 291 -9.41 -22.79 -29.28
N GLY A 292 -9.83 -22.16 -30.38
CA GLY A 292 -11.25 -21.82 -30.58
C GLY A 292 -11.83 -20.98 -29.46
N ARG A 294 -11.80 -20.83 -26.29
CA ARG A 294 -11.18 -20.93 -24.97
C ARG A 294 -9.68 -20.61 -24.94
N ILE A 295 -9.29 -19.82 -23.94
CA ILE A 295 -7.89 -19.60 -23.63
C ILE A 295 -7.48 -20.74 -22.72
N VAL A 296 -6.72 -21.68 -23.28
CA VAL A 296 -6.28 -22.88 -22.57
C VAL A 296 -5.10 -22.66 -21.64
N ALA A 297 -4.27 -21.68 -21.96
CA ALA A 297 -3.06 -21.38 -21.17
C ALA A 297 -2.74 -19.93 -21.26
N GLU A 298 -2.29 -19.35 -20.17
CA GLU A 298 -1.87 -17.93 -20.15
C GLU A 298 -0.72 -17.76 -19.15
N GLN A 299 0.16 -16.82 -19.43
CA GLN A 299 1.27 -16.51 -18.55
C GLN A 299 1.62 -15.05 -18.83
N SER A 300 1.86 -14.29 -17.76
CA SER A 300 2.29 -12.90 -17.90
CA SER A 300 2.27 -12.88 -17.84
C SER A 300 3.58 -12.66 -17.11
N HIS A 301 4.28 -11.62 -17.50
CA HIS A 301 5.43 -11.11 -16.78
C HIS A 301 5.29 -9.59 -16.78
N ARG A 302 5.76 -8.95 -15.72
CA ARG A 302 5.97 -7.52 -15.72
C ARG A 302 7.34 -7.35 -16.27
N ILE A 303 7.46 -6.40 -17.20
CA ILE A 303 8.64 -6.26 -18.04
C ILE A 303 9.12 -4.82 -17.95
N GLY A 304 10.38 -4.61 -17.63
CA GLY A 304 10.88 -3.26 -17.67
C GLY A 304 11.76 -3.06 -18.89
N LEU A 305 11.60 -1.93 -19.57
CA LEU A 305 12.37 -1.73 -20.80
C LEU A 305 13.56 -0.87 -20.50
N ARG A 306 14.75 -1.47 -20.57
CA ARG A 306 15.95 -0.75 -20.21
C ARG A 306 17.17 -1.48 -20.74
N THR A 307 18.29 -0.77 -20.83
CA THR A 307 19.54 -1.49 -21.09
C THR A 307 20.37 -1.52 -19.81
N ILE A 308 20.97 -2.66 -19.52
CA ILE A 308 22.02 -2.75 -18.48
C ILE A 308 23.22 -3.38 -19.13
N ARG A 309 24.29 -2.63 -19.18
CA ARG A 309 25.57 -3.14 -19.65
C ARG A 309 26.59 -3.06 -18.52
N VAL A 310 27.25 -4.18 -18.22
CA VAL A 310 28.34 -4.18 -17.26
C VAL A 310 29.62 -3.97 -18.06
N VAL A 311 30.37 -2.94 -17.71
CA VAL A 311 31.58 -2.58 -18.43
C VAL A 311 32.73 -3.02 -17.57
N ASN A 312 33.45 -4.01 -18.08
CA ASN A 312 34.58 -4.63 -17.38
C ASN A 312 35.71 -4.77 -18.44
N GLU A 313 36.48 -3.69 -18.58
CA GLU A 313 37.42 -3.52 -19.68
C GLU A 313 38.78 -3.00 -19.19
N LYS A 314 39.85 -3.42 -19.84
CA LYS A 314 41.17 -2.87 -19.51
C LYS A 314 41.19 -1.37 -19.71
N ASP A 315 41.86 -0.66 -18.82
CA ASP A 315 42.01 0.77 -18.94
C ASP A 315 43.30 1.16 -18.25
N LYS A 316 43.57 2.46 -18.23
CA LYS A 316 44.80 2.99 -17.67
C LYS A 316 44.96 2.66 -16.18
N ASP A 317 43.82 2.51 -15.48
CA ASP A 317 43.89 2.25 -14.06
C ASP A 317 43.96 0.74 -13.70
N GLY A 318 43.59 -0.09 -14.66
CA GLY A 318 43.69 -1.55 -14.51
C GLY A 318 42.55 -2.19 -15.29
N GLU A 319 41.46 -2.61 -14.62
CA GLU A 319 40.22 -3.09 -15.31
C GLU A 319 39.02 -2.48 -14.62
N SER A 320 38.17 -1.82 -15.41
CA SER A 320 36.99 -1.16 -14.88
C SER A 320 35.96 -2.21 -14.50
N PHE A 321 35.04 -1.81 -13.64
CA PHE A 321 33.93 -2.69 -13.30
C PHE A 321 32.81 -1.74 -12.96
N TYR A 322 31.89 -1.48 -13.91
CA TYR A 322 30.77 -0.58 -13.62
C TYR A 322 29.49 -0.89 -14.38
N PHE A 323 28.40 -0.36 -13.86
CA PHE A 323 27.11 -0.51 -14.51
C PHE A 323 26.70 0.78 -15.25
N GLU A 324 26.42 0.55 -16.54
CA GLU A 324 25.85 1.55 -17.41
CA GLU A 324 25.86 1.53 -17.44
C GLU A 324 24.38 1.21 -17.57
N VAL A 325 23.51 2.15 -17.22
CA VAL A 325 22.05 1.92 -17.26
C VAL A 325 21.42 2.91 -18.19
N ASN A 326 20.69 2.38 -19.16
CA ASN A 326 20.06 3.22 -20.17
C ASN A 326 21.10 4.18 -20.74
N GLY A 327 22.32 3.69 -20.93
CA GLY A 327 23.42 4.41 -21.60
C GLY A 327 24.23 5.26 -20.65
N ILE A 328 23.84 5.27 -19.38
CA ILE A 328 24.45 6.20 -18.46
C ILE A 328 25.13 5.42 -17.36
N PRO A 329 26.44 5.68 -17.17
CA PRO A 329 27.24 5.09 -16.09
C PRO A 329 26.59 5.40 -14.74
N MET A 330 26.19 4.35 -14.01
CA MET A 330 25.40 4.52 -12.78
C MET A 330 26.24 4.06 -11.62
N PHE A 331 26.63 5.00 -10.76
CA PHE A 331 27.30 4.66 -9.52
C PHE A 331 26.38 3.79 -8.63
N ALA A 332 26.82 2.57 -8.33
CA ALA A 332 26.07 1.57 -7.51
C ALA A 332 26.14 1.90 -6.03
N LYS A 333 25.00 1.90 -5.40
CA LYS A 333 24.92 2.20 -3.97
C LYS A 333 24.01 1.14 -3.33
N GLY A 334 24.57 0.31 -2.48
CA GLY A 334 23.78 -0.79 -1.94
C GLY A 334 24.44 -1.65 -0.89
N ALA A 335 23.93 -2.86 -0.79
CA ALA A 335 24.40 -3.75 0.25
C ALA A 335 24.32 -5.20 -0.24
N ASN A 336 24.98 -6.07 0.51
CA ASN A 336 24.89 -7.51 0.29
C ASN A 336 23.76 -8.08 1.13
N TYR A 337 22.89 -8.86 0.47
CA TYR A 337 21.73 -9.49 1.08
C TYR A 337 21.94 -10.98 1.42
N ILE A 338 21.51 -11.38 2.63
CA ILE A 338 21.60 -12.79 3.09
C ILE A 338 20.17 -13.27 3.36
N PRO A 339 19.99 -14.57 3.63
CA PRO A 339 18.65 -15.06 3.98
C PRO A 339 18.04 -14.27 5.17
N GLN A 340 16.74 -13.94 5.08
CA GLN A 340 16.12 -13.20 6.18
C GLN A 340 15.76 -14.03 7.41
N ASP A 341 15.98 -15.34 7.35
CA ASP A 341 15.63 -16.29 8.43
C ASP A 341 16.38 -17.60 8.25
N ALA A 342 16.67 -18.26 9.38
CA ALA A 342 17.18 -19.63 9.41
C ALA A 342 16.16 -20.63 8.83
N LEU A 343 14.90 -20.21 8.83
CA LEU A 343 13.79 -21.01 8.34
C LEU A 343 13.10 -20.19 7.27
N LEU A 344 13.45 -20.48 6.01
CA LEU A 344 13.02 -19.63 4.86
C LEU A 344 11.52 -19.41 4.66
N PRO A 345 10.69 -20.47 4.87
CA PRO A 345 9.27 -20.25 4.66
C PRO A 345 8.63 -19.37 5.76
N ASN A 346 9.37 -19.05 6.82
CA ASN A 346 8.86 -18.11 7.84
C ASN A 346 8.94 -16.63 7.36
N VAL A 347 9.62 -16.37 6.23
CA VAL A 347 9.72 -14.99 5.73
C VAL A 347 8.45 -14.67 4.95
N THR A 348 7.69 -13.75 5.53
CA THR A 348 6.37 -13.39 5.06
C THR A 348 6.47 -12.33 3.96
N THR A 349 5.37 -12.17 3.20
CA THR A 349 5.27 -11.13 2.21
C THR A 349 5.57 -9.76 2.81
N GLU A 350 5.10 -9.53 4.05
CA GLU A 350 5.27 -8.22 4.70
C GLU A 350 6.75 -7.94 4.99
N ARG A 351 7.43 -8.98 5.44
CA ARG A 351 8.84 -8.92 5.77
C ARG A 351 9.66 -8.58 4.50
N TYR A 352 9.39 -9.26 3.38
CA TYR A 352 10.02 -8.90 2.10
C TYR A 352 9.68 -7.43 1.70
N GLN A 353 8.42 -7.02 1.82
CA GLN A 353 8.04 -5.62 1.49
C GLN A 353 8.77 -4.53 2.29
N THR A 354 8.90 -4.76 3.60
CA THR A 354 9.65 -3.89 4.50
C THR A 354 11.14 -3.81 4.20
N LEU A 355 11.76 -4.94 3.88
CA LEU A 355 13.19 -4.93 3.50
C LEU A 355 13.44 -4.03 2.29
N PHE A 356 12.56 -4.10 1.30
CA PHE A 356 12.71 -3.26 0.11
C PHE A 356 12.40 -1.79 0.37
N ARG A 357 11.41 -1.53 1.23
CA ARG A 357 11.19 -0.20 1.77
C ARG A 357 12.42 0.36 2.45
N ASP A 358 13.14 -0.48 3.20
CA ASP A 358 14.38 -0.11 3.88
C ASP A 358 15.50 0.18 2.94
N MET A 359 15.55 -0.57 1.83
CA MET A 359 16.58 -0.32 0.83
C MET A 359 16.27 0.94 0.05
N LYS A 360 15.02 1.06 -0.42
CA LYS A 360 14.61 2.24 -1.18
C LYS A 360 14.79 3.53 -0.35
N GLU A 361 14.43 3.46 0.93
CA GLU A 361 14.51 4.60 1.81
C GLU A 361 15.96 5.00 2.13
N ALA A 362 16.91 4.06 2.04
CA ALA A 362 18.29 4.41 2.25
C ALA A 362 18.96 4.82 0.92
N ASN A 363 18.14 5.11 -0.10
CA ASN A 363 18.67 5.57 -1.39
C ASN A 363 19.50 4.54 -2.13
N MET A 364 19.25 3.26 -1.87
CA MET A 364 20.00 2.25 -2.60
C MET A 364 19.45 2.05 -4.04
N ASN A 365 20.31 1.58 -4.93
CA ASN A 365 19.92 1.24 -6.29
C ASN A 365 20.43 -0.14 -6.66
N MET A 366 21.07 -0.84 -5.72
CA MET A 366 21.55 -2.21 -6.02
C MET A 366 21.59 -3.08 -4.76
N VAL A 367 21.39 -4.39 -4.95
CA VAL A 367 21.59 -5.38 -3.92
C VAL A 367 22.28 -6.61 -4.54
N ARG A 368 23.27 -7.14 -3.82
CA ARG A 368 23.89 -8.38 -4.19
C ARG A 368 23.24 -9.53 -3.39
N ILE A 369 22.70 -10.54 -4.09
CA ILE A 369 22.19 -11.74 -3.45
C ILE A 369 23.33 -12.70 -3.39
N TRP A 370 23.98 -12.70 -2.22
CA TRP A 370 25.26 -13.38 -2.03
C TRP A 370 25.17 -14.90 -2.09
N GLY A 371 26.23 -15.53 -2.61
CA GLY A 371 26.23 -16.99 -2.94
C GLY A 371 26.04 -18.09 -1.89
N GLY A 372 25.96 -17.72 -0.61
CA GLY A 372 25.72 -18.70 0.47
C GLY A 372 24.27 -18.80 0.95
N GLY A 373 23.36 -18.06 0.34
CA GLY A 373 21.93 -18.10 0.64
C GLY A 373 21.11 -19.02 -0.30
N THR A 374 20.08 -18.44 -0.90
CA THR A 374 19.31 -19.08 -1.95
C THR A 374 19.14 -18.14 -3.17
N TYR A 375 18.70 -18.71 -4.29
CA TYR A 375 18.13 -17.89 -5.35
C TYR A 375 16.79 -17.51 -4.78
N GLU A 376 16.55 -16.22 -4.71
CA GLU A 376 15.46 -15.80 -3.88
C GLU A 376 14.14 -16.10 -4.60
N ASN A 377 13.07 -15.93 -3.86
CA ASN A 377 11.80 -16.26 -4.41
C ASN A 377 11.28 -15.18 -5.43
N ASN A 378 10.23 -15.48 -6.17
CA ASN A 378 9.73 -14.54 -7.17
C ASN A 378 9.37 -13.12 -6.65
N LEU A 379 8.73 -13.09 -5.48
CA LEU A 379 8.42 -11.86 -4.74
C LEU A 379 9.61 -10.91 -4.60
N PHE A 380 10.73 -11.44 -4.11
CA PHE A 380 11.91 -10.64 -3.95
C PHE A 380 12.24 -9.85 -5.23
N TYR A 381 12.31 -10.55 -6.37
CA TYR A 381 12.71 -9.92 -7.61
C TYR A 381 11.61 -9.00 -8.13
N ASP A 382 10.35 -9.36 -7.85
CA ASP A 382 9.20 -8.47 -8.18
C ASP A 382 9.28 -7.14 -7.44
N LEU A 383 9.80 -7.19 -6.22
CA LEU A 383 9.94 -6.00 -5.36
C LEU A 383 11.10 -5.17 -5.83
N ALA A 384 12.21 -5.84 -6.15
CA ALA A 384 13.34 -5.19 -6.84
C ALA A 384 12.88 -4.41 -8.08
N ASP A 385 12.10 -5.06 -8.96
CA ASP A 385 11.58 -4.50 -10.20
C ASP A 385 10.85 -3.21 -9.87
N GLU A 386 9.87 -3.26 -8.94
CA GLU A 386 9.00 -2.11 -8.70
C GLU A 386 9.60 -1.02 -7.80
N ASN A 387 10.73 -1.34 -7.17
CA ASN A 387 11.50 -0.37 -6.39
C ASN A 387 12.74 0.16 -7.09
N GLY A 388 12.97 -0.31 -8.31
CA GLY A 388 14.10 0.20 -9.08
C GLY A 388 15.45 -0.18 -8.50
N ILE A 389 15.56 -1.39 -7.90
CA ILE A 389 16.84 -1.81 -7.30
C ILE A 389 17.47 -2.83 -8.24
N LEU A 390 18.67 -2.61 -8.72
CA LEU A 390 19.34 -3.62 -9.55
C LEU A 390 19.80 -4.84 -8.72
N VAL A 391 19.83 -6.01 -9.35
CA VAL A 391 20.10 -7.25 -8.65
C VAL A 391 21.36 -7.90 -9.23
N TRP A 392 22.36 -8.05 -8.35
CA TRP A 392 23.52 -8.88 -8.68
C TRP A 392 23.28 -10.30 -8.08
N GLN A 393 23.06 -11.29 -8.95
CA GLN A 393 22.76 -12.65 -8.52
C GLN A 393 23.99 -13.57 -8.58
N ASP A 394 24.54 -13.93 -7.41
CA ASP A 394 25.52 -15.03 -7.33
C ASP A 394 24.79 -16.32 -7.58
N PHE A 395 25.49 -17.28 -8.16
CA PHE A 395 25.06 -18.67 -8.04
C PHE A 395 25.43 -19.12 -6.61
N MET A 396 24.75 -20.16 -6.12
CA MET A 396 24.81 -20.52 -4.72
C MET A 396 26.06 -21.37 -4.35
N PHE A 397 27.22 -20.74 -4.49
CA PHE A 397 28.50 -21.38 -4.12
C PHE A 397 29.28 -20.34 -3.34
N ALA A 398 29.84 -20.69 -2.17
CA ALA A 398 30.56 -19.66 -1.37
C ALA A 398 31.76 -20.19 -0.61
N CYS A 399 32.89 -19.54 -0.79
CA CYS A 399 34.06 -19.63 0.14
C CYS A 399 34.82 -20.91 0.18
N THR A 400 34.34 -21.93 -0.52
CA THR A 400 35.10 -23.20 -0.59
C THR A 400 35.12 -23.70 -2.02
N PRO A 401 36.20 -24.41 -2.41
CA PRO A 401 35.99 -25.19 -3.63
C PRO A 401 34.90 -26.32 -3.44
N TYR A 402 34.24 -26.68 -4.55
CA TYR A 402 33.13 -27.66 -4.57
C TYR A 402 33.54 -28.85 -5.43
N PRO A 403 32.86 -30.01 -5.25
CA PRO A 403 33.07 -31.10 -6.22
C PRO A 403 32.87 -30.68 -7.68
N SER A 404 33.37 -31.48 -8.61
CA SER A 404 33.12 -31.21 -10.00
C SER A 404 32.99 -32.48 -10.81
N ASP A 405 32.61 -33.58 -10.19
CA ASP A 405 32.41 -34.86 -10.90
C ASP A 405 31.23 -34.75 -11.88
N PRO A 406 31.20 -35.60 -12.91
CA PRO A 406 30.10 -35.46 -13.86
C PRO A 406 28.71 -35.31 -13.25
N THR A 407 28.37 -36.10 -12.25
CA THR A 407 27.01 -36.12 -11.71
C THR A 407 26.64 -34.86 -10.93
N PHE A 408 27.63 -34.30 -10.23
CA PHE A 408 27.43 -33.07 -9.49
C PHE A 408 27.19 -31.96 -10.50
N LEU A 409 28.01 -31.92 -11.56
CA LEU A 409 27.90 -30.86 -12.57
C LEU A 409 26.53 -30.94 -13.26
N LYS A 410 26.03 -32.15 -13.53
CA LYS A 410 24.67 -32.31 -14.08
C LYS A 410 23.58 -31.70 -13.19
N ARG A 411 23.66 -31.96 -11.89
CA ARG A 411 22.76 -31.38 -10.88
CA ARG A 411 22.78 -31.39 -10.86
C ARG A 411 22.80 -29.85 -10.91
N VAL A 412 24.00 -29.27 -10.93
CA VAL A 412 24.17 -27.84 -10.96
C VAL A 412 23.62 -27.21 -12.26
N GLU A 413 23.87 -27.90 -13.38
CA GLU A 413 23.35 -27.48 -14.65
C GLU A 413 21.81 -27.33 -14.61
N ALA A 414 21.10 -28.33 -14.07
CA ALA A 414 19.63 -28.27 -13.86
C ALA A 414 19.19 -27.05 -13.04
N GLU A 415 19.83 -26.88 -11.89
CA GLU A 415 19.68 -25.70 -11.01
C GLU A 415 19.90 -24.37 -11.74
N ALA A 416 20.99 -24.30 -12.53
CA ALA A 416 21.30 -23.07 -13.28
C ALA A 416 20.27 -22.80 -14.38
N VAL A 417 19.97 -23.82 -15.19
CA VAL A 417 18.91 -23.65 -16.19
C VAL A 417 17.58 -23.22 -15.51
N TYR A 418 17.22 -23.86 -14.40
CA TYR A 418 15.93 -23.60 -13.78
C TYR A 418 15.80 -22.12 -13.30
N ASN A 419 16.82 -21.66 -12.56
CA ASN A 419 16.81 -20.32 -12.02
C ASN A 419 17.08 -19.24 -13.05
N ILE A 420 17.91 -19.53 -14.08
CA ILE A 420 18.09 -18.54 -15.16
C ILE A 420 16.71 -18.28 -15.83
N ARG A 421 16.02 -19.33 -16.23
CA ARG A 421 14.68 -19.15 -16.84
C ARG A 421 13.69 -18.51 -15.93
N ARG A 422 13.77 -18.87 -14.64
CA ARG A 422 12.90 -18.29 -13.56
C ARG A 422 13.08 -16.78 -13.45
N LEU A 423 14.32 -16.30 -13.63
CA LEU A 423 14.65 -14.93 -13.21
C LEU A 423 14.90 -13.94 -14.32
N ARG A 424 15.05 -14.47 -15.55
CA ARG A 424 15.55 -13.70 -16.69
C ARG A 424 14.65 -12.65 -17.27
N ASN A 425 13.36 -12.69 -16.89
CA ASN A 425 12.41 -11.63 -17.27
C ASN A 425 12.35 -10.43 -16.32
N HIS A 426 13.15 -10.44 -15.26
CA HIS A 426 13.08 -9.36 -14.28
C HIS A 426 13.94 -8.17 -14.72
N ALA A 427 13.34 -6.97 -14.67
CA ALA A 427 13.99 -5.68 -14.98
C ALA A 427 15.19 -5.45 -14.08
N SER A 428 15.04 -5.93 -12.84
CA SER A 428 16.00 -5.73 -11.76
C SER A 428 17.26 -6.56 -12.03
N LEU A 429 17.10 -7.73 -12.65
CA LEU A 429 18.27 -8.62 -12.82
C LEU A 429 19.35 -7.97 -13.69
N ALA A 430 20.53 -7.76 -13.10
CA ALA A 430 21.64 -7.01 -13.76
C ALA A 430 22.84 -7.86 -14.16
N MET A 431 23.17 -8.89 -13.37
CA MET A 431 24.33 -9.77 -13.68
C MET A 431 24.33 -11.07 -12.86
N TRP A 432 25.07 -12.09 -13.34
CA TRP A 432 25.29 -13.36 -12.66
C TRP A 432 26.74 -13.42 -12.18
N CYS A 433 26.97 -14.02 -11.02
CA CYS A 433 28.37 -14.15 -10.53
C CYS A 433 28.54 -15.60 -10.13
N GLY A 434 29.59 -16.28 -10.58
CA GLY A 434 29.66 -17.74 -10.36
C GLY A 434 29.69 -18.20 -8.91
N ASN A 435 30.42 -17.44 -8.08
CA ASN A 435 30.52 -17.75 -6.65
C ASN A 435 30.99 -16.58 -5.81
N ASN A 436 30.98 -16.78 -4.48
CA ASN A 436 31.63 -15.90 -3.56
C ASN A 436 33.00 -16.36 -3.11
N GLU A 437 34.04 -15.59 -3.50
CA GLU A 437 35.41 -15.75 -2.93
C GLU A 437 36.09 -17.12 -3.10
N ILE A 438 35.57 -18.00 -3.97
CA ILE A 438 36.21 -19.34 -4.14
C ILE A 438 37.60 -19.23 -4.80
N LEU A 439 37.79 -18.35 -5.80
CA LEU A 439 39.13 -18.31 -6.43
C LEU A 439 40.12 -17.65 -5.45
N GLU A 440 39.65 -16.62 -4.76
CA GLU A 440 40.42 -16.00 -3.68
C GLU A 440 40.87 -17.03 -2.66
N ALA A 441 39.91 -17.81 -2.16
CA ALA A 441 40.16 -18.91 -1.23
C ALA A 441 41.21 -19.90 -1.71
N LEU A 442 41.08 -20.36 -2.94
CA LEU A 442 41.97 -21.33 -3.56
C LEU A 442 43.39 -20.79 -3.71
N LYS A 443 43.49 -19.50 -4.05
CA LYS A 443 44.75 -18.80 -4.24
C LYS A 443 45.42 -18.35 -2.93
N TYR A 444 44.62 -17.91 -1.98
CA TYR A 444 45.18 -17.16 -0.85
C TYR A 444 44.90 -17.68 0.52
N TRP A 445 44.01 -18.66 0.67
CA TRP A 445 43.60 -19.02 2.02
C TRP A 445 44.35 -20.20 2.58
N GLY A 446 45.42 -20.62 1.92
CA GLY A 446 46.32 -21.59 2.50
C GLY A 446 45.98 -23.05 2.26
N PHE A 447 45.02 -23.30 1.37
CA PHE A 447 44.62 -24.69 1.01
C PHE A 447 45.76 -25.59 0.54
N GLU A 448 46.76 -25.00 -0.10
CA GLU A 448 47.90 -25.73 -0.63
C GLU A 448 48.76 -26.41 0.47
N LYS A 449 48.62 -25.98 1.73
CA LYS A 449 49.27 -26.67 2.83
C LYS A 449 48.33 -27.64 3.56
N LYS A 450 47.11 -27.79 3.04
CA LYS A 450 46.08 -28.58 3.68
C LYS A 450 45.81 -29.90 2.91
N PHE A 451 46.15 -29.93 1.62
CA PHE A 451 45.86 -31.06 0.72
C PHE A 451 47.15 -31.49 0.02
N THR A 452 47.18 -32.74 -0.46
CA THR A 452 48.27 -33.18 -1.33
C THR A 452 48.35 -32.29 -2.59
N PRO A 453 49.49 -32.35 -3.32
CA PRO A 453 49.51 -31.54 -4.53
C PRO A 453 48.52 -32.06 -5.57
N GLU A 454 48.17 -33.34 -5.49
CA GLU A 454 47.34 -33.94 -6.50
C GLU A 454 45.89 -33.52 -6.29
N VAL A 455 45.46 -33.48 -5.02
CA VAL A 455 44.12 -33.07 -4.67
C VAL A 455 44.02 -31.55 -4.85
N TYR A 456 45.07 -30.81 -4.50
CA TYR A 456 45.03 -29.37 -4.78
C TYR A 456 44.78 -29.07 -6.28
N GLN A 457 45.48 -29.81 -7.13
CA GLN A 457 45.35 -29.70 -8.59
C GLN A 457 43.96 -30.08 -9.11
N GLY A 458 43.41 -31.15 -8.54
CA GLY A 458 42.04 -31.56 -8.83
C GLY A 458 41.04 -30.46 -8.47
N LEU A 459 41.27 -29.74 -7.38
CA LEU A 459 40.43 -28.64 -6.96
C LEU A 459 40.49 -27.47 -7.96
N MET A 460 41.70 -27.15 -8.40
CA MET A 460 41.94 -26.11 -9.40
C MET A 460 41.33 -26.45 -10.76
N HIS A 461 41.52 -27.66 -11.25
CA HIS A 461 40.86 -28.07 -12.51
CA HIS A 461 40.88 -28.04 -12.50
C HIS A 461 39.36 -28.09 -12.33
N GLY A 462 38.89 -28.51 -11.14
CA GLY A 462 37.43 -28.55 -10.83
C GLY A 462 36.78 -27.17 -10.77
N TYR A 463 37.54 -26.19 -10.28
CA TYR A 463 37.15 -24.81 -10.34
C TYR A 463 36.75 -24.39 -11.78
N ASP A 464 37.65 -24.59 -12.73
CA ASP A 464 37.38 -24.19 -14.13
C ASP A 464 36.19 -24.89 -14.73
N LYS A 465 36.08 -26.20 -14.51
CA LYS A 465 34.95 -26.99 -15.01
C LYS A 465 33.60 -26.37 -14.68
N LEU A 466 33.49 -25.87 -13.45
CA LEU A 466 32.23 -25.35 -12.95
C LEU A 466 32.05 -23.85 -13.29
N PHE A 467 33.02 -23.02 -12.89
CA PHE A 467 32.88 -21.56 -12.92
C PHE A 467 33.40 -20.88 -14.17
N ARG A 468 34.24 -21.57 -14.91
CA ARG A 468 34.72 -20.98 -16.16
C ARG A 468 34.24 -21.74 -17.38
N GLU A 469 33.48 -22.81 -17.17
CA GLU A 469 32.92 -23.54 -18.32
C GLU A 469 31.41 -23.70 -18.17
N LEU A 470 30.97 -24.57 -17.28
CA LEU A 470 29.53 -24.85 -17.15
C LEU A 470 28.69 -23.60 -16.86
N LEU A 471 29.01 -22.83 -15.83
CA LEU A 471 28.09 -21.69 -15.47
C LEU A 471 28.05 -20.58 -16.57
N PRO A 472 29.23 -20.06 -16.98
CA PRO A 472 29.24 -19.09 -18.09
C PRO A 472 28.59 -19.62 -19.37
N SER A 473 28.79 -20.88 -19.73
CA SER A 473 28.13 -21.33 -20.97
C SER A 473 26.60 -21.47 -20.83
N THR A 474 26.14 -21.79 -19.63
CA THR A 474 24.71 -21.87 -19.39
C THR A 474 24.10 -20.45 -19.46
N VAL A 475 24.82 -19.46 -18.92
CA VAL A 475 24.32 -18.07 -18.97
C VAL A 475 24.32 -17.59 -20.42
N LYS A 476 25.38 -17.95 -21.16
CA LYS A 476 25.44 -17.64 -22.59
C LYS A 476 24.27 -18.22 -23.36
N GLU A 477 23.88 -19.44 -23.04
CA GLU A 477 22.75 -20.05 -23.69
C GLU A 477 21.36 -19.44 -23.34
N PHE A 478 21.13 -19.20 -22.05
CA PHE A 478 19.79 -18.91 -21.58
C PHE A 478 19.56 -17.46 -21.18
N ASP A 479 20.65 -16.71 -21.01
CA ASP A 479 20.52 -15.29 -20.68
C ASP A 479 21.60 -14.45 -21.37
N SER A 480 21.56 -14.41 -22.71
CA SER A 480 22.78 -14.06 -23.43
C SER A 480 23.14 -12.58 -23.43
N ASP A 481 22.23 -11.72 -23.03
CA ASP A 481 22.58 -10.30 -22.94
C ASP A 481 22.92 -9.85 -21.51
N ARG A 482 23.10 -10.81 -20.61
CA ARG A 482 23.49 -10.54 -19.20
C ARG A 482 24.91 -10.91 -18.91
N PHE A 483 25.58 -10.03 -18.18
CA PHE A 483 26.96 -10.26 -17.78
C PHE A 483 27.09 -11.45 -16.81
N TYR A 484 28.20 -12.17 -16.94
CA TYR A 484 28.60 -13.20 -16.02
C TYR A 484 30.06 -12.95 -15.64
N VAL A 485 30.37 -13.11 -14.35
CA VAL A 485 31.74 -13.10 -13.91
C VAL A 485 31.92 -14.37 -13.11
N HIS A 486 33.08 -14.99 -13.21
CA HIS A 486 33.31 -16.30 -12.54
C HIS A 486 33.33 -16.27 -10.98
N SER A 487 33.71 -15.12 -10.41
CA SER A 487 33.84 -15.02 -8.98
C SER A 487 33.86 -13.56 -8.57
N SER A 488 33.40 -13.28 -7.35
CA SER A 488 33.60 -12.01 -6.65
C SER A 488 34.43 -12.25 -5.35
N PRO A 489 35.58 -11.57 -5.18
CA PRO A 489 36.22 -10.65 -6.17
C PRO A 489 36.94 -11.47 -7.23
N TYR A 490 36.93 -11.03 -8.49
CA TYR A 490 37.48 -11.89 -9.52
C TYR A 490 38.99 -11.92 -9.54
N LEU A 491 39.63 -10.82 -9.19
CA LEU A 491 41.11 -10.78 -9.12
C LEU A 491 41.66 -10.07 -7.88
N ALA A 492 41.11 -8.89 -7.58
CA ALA A 492 41.61 -8.03 -6.52
C ALA A 492 41.60 -8.81 -5.22
N ASN A 493 42.67 -8.63 -4.47
CA ASN A 493 42.80 -9.18 -3.13
C ASN A 493 43.21 -8.07 -2.15
N TRP A 494 42.58 -8.04 -1.00
CA TRP A 494 42.76 -6.89 -0.11
C TRP A 494 44.17 -6.65 0.46
N GLY A 495 44.97 -7.71 0.58
CA GLY A 495 46.36 -7.56 1.07
C GLY A 495 47.36 -7.28 -0.07
N ARG A 496 46.87 -7.07 -1.30
CA ARG A 496 47.73 -6.92 -2.48
C ARG A 496 47.35 -5.69 -3.29
N PRO A 497 47.86 -4.51 -2.88
CA PRO A 497 47.56 -3.18 -3.42
C PRO A 497 47.70 -3.12 -4.95
N GLU A 498 48.62 -3.89 -5.49
CA GLU A 498 48.86 -3.91 -6.93
C GLU A 498 47.66 -4.50 -7.73
N SER A 499 46.78 -5.22 -7.04
CA SER A 499 45.65 -5.84 -7.67
C SER A 499 44.37 -5.00 -7.56
N TRP A 500 44.42 -3.89 -6.79
CA TRP A 500 43.22 -3.10 -6.50
C TRP A 500 42.57 -2.35 -7.67
N GLY A 501 43.34 -2.12 -8.75
CA GLY A 501 42.82 -1.48 -9.98
C GLY A 501 42.15 -2.41 -10.95
N THR A 502 42.07 -3.68 -10.56
CA THR A 502 41.55 -4.74 -11.41
C THR A 502 40.26 -5.30 -10.88
N GLY A 503 39.16 -4.76 -11.38
CA GLY A 503 37.85 -5.30 -11.11
C GLY A 503 37.34 -4.95 -9.73
N ASP A 504 36.48 -5.83 -9.20
CA ASP A 504 35.81 -5.58 -7.91
C ASP A 504 36.65 -6.04 -6.70
N SER A 505 36.40 -5.40 -5.55
CA SER A 505 37.15 -5.71 -4.34
C SER A 505 36.21 -6.10 -3.21
N HIS A 506 36.63 -7.11 -2.43
CA HIS A 506 36.12 -7.30 -1.06
C HIS A 506 37.20 -6.76 -0.15
N ASN A 507 37.06 -5.54 0.33
CA ASN A 507 38.14 -5.02 1.19
C ASN A 507 37.88 -5.42 2.63
N TRP A 508 38.51 -6.53 3.04
CA TRP A 508 38.40 -6.95 4.41
C TRP A 508 39.67 -6.60 5.20
N GLY A 509 40.42 -5.65 4.64
CA GLY A 509 41.51 -4.94 5.37
C GLY A 509 40.94 -4.20 6.56
N VAL A 510 39.87 -3.45 6.37
CA VAL A 510 39.05 -3.02 7.49
C VAL A 510 38.32 -4.27 8.02
N TRP A 511 38.35 -4.41 9.34
CA TRP A 511 37.84 -5.56 10.09
C TRP A 511 38.92 -6.67 10.23
N TYR A 512 39.03 -7.61 9.26
CA TYR A 512 40.05 -8.67 9.34
C TYR A 512 41.47 -8.18 9.32
N GLY A 513 41.80 -7.14 8.53
CA GLY A 513 43.17 -6.66 8.52
C GLY A 513 43.47 -5.62 9.62
N LYS A 514 42.47 -5.32 10.44
CA LYS A 514 42.57 -4.32 11.53
C LYS A 514 42.81 -2.87 11.05
N LYS A 515 42.68 -2.62 9.77
CA LYS A 515 42.98 -1.27 9.24
C LYS A 515 41.99 -0.24 9.75
N PRO A 516 42.50 0.98 10.04
CA PRO A 516 41.62 2.06 10.46
C PRO A 516 40.58 2.35 9.37
N PHE A 517 39.43 2.89 9.75
CA PHE A 517 38.46 3.33 8.74
C PHE A 517 39.07 4.35 7.77
N GLU A 518 40.07 5.10 8.23
CA GLU A 518 40.68 6.16 7.38
C GLU A 518 41.41 5.56 6.18
N SER A 519 41.81 4.30 6.31
CA SER A 519 42.46 3.56 5.22
C SER A 519 41.50 3.47 4.01
N LEU A 520 40.20 3.63 4.23
CA LEU A 520 39.23 3.57 3.12
C LEU A 520 39.34 4.78 2.18
N ASP A 521 39.98 5.85 2.65
CA ASP A 521 40.20 7.08 1.88
C ASP A 521 41.42 6.92 0.97
N THR A 522 42.30 5.99 1.30
CA THR A 522 43.49 5.79 0.50
C THR A 522 43.53 4.45 -0.26
N ASP A 523 42.81 3.43 0.22
CA ASP A 523 42.83 2.09 -0.38
C ASP A 523 41.58 1.91 -1.22
N LEU A 524 41.63 2.38 -2.45
CA LEU A 524 40.41 2.44 -3.26
C LEU A 524 40.27 1.32 -4.28
N PRO A 525 39.05 0.77 -4.42
CA PRO A 525 38.76 -0.20 -5.48
C PRO A 525 38.16 0.45 -6.76
N ARG A 526 38.05 -0.32 -7.81
CA ARG A 526 37.29 0.06 -9.00
C ARG A 526 35.80 -0.06 -8.75
N PHE A 527 35.46 -0.96 -7.82
CA PHE A 527 34.07 -1.27 -7.43
C PHE A 527 34.17 -2.04 -6.12
N MET A 528 33.53 -1.56 -5.05
CA MET A 528 33.58 -2.28 -3.74
C MET A 528 32.34 -3.17 -3.63
N SER A 529 32.52 -4.46 -3.85
CA SER A 529 31.41 -5.41 -3.78
C SER A 529 31.21 -5.94 -2.34
N GLU A 530 32.20 -5.73 -1.48
CA GLU A 530 32.02 -6.01 -0.04
C GLU A 530 32.97 -5.15 0.75
N PHE A 531 32.46 -4.59 1.85
CA PHE A 531 33.31 -4.22 2.97
C PHE A 531 32.38 -4.07 4.22
N GLY A 532 32.90 -4.19 5.44
CA GLY A 532 32.01 -4.26 6.57
C GLY A 532 32.59 -4.24 7.97
N PHE A 533 31.70 -4.15 8.97
CA PHE A 533 32.11 -3.99 10.35
C PHE A 533 30.97 -4.47 11.17
N GLN A 534 31.26 -5.33 12.16
CA GLN A 534 30.27 -5.87 13.08
C GLN A 534 29.73 -4.89 14.12
N SER A 535 28.49 -5.17 14.53
CA SER A 535 28.01 -4.54 15.76
C SER A 535 26.98 -5.39 16.50
N PHE A 536 26.99 -5.27 17.83
CA PHE A 536 25.93 -5.86 18.64
C PHE A 536 24.65 -5.15 18.23
N PRO A 537 23.55 -5.89 18.15
CA PRO A 537 22.28 -5.20 17.89
C PRO A 537 21.80 -4.52 19.19
N GLU A 538 20.84 -3.65 19.05
CA GLU A 538 20.38 -2.89 20.21
C GLU A 538 19.74 -3.77 21.31
N MET A 539 19.61 -3.20 22.51
CA MET A 539 19.25 -3.97 23.68
C MET A 539 17.93 -4.75 23.57
N LYS A 540 16.88 -4.16 22.97
CA LYS A 540 15.63 -4.91 22.78
C LYS A 540 15.80 -6.20 21.98
N THR A 541 16.78 -6.25 21.08
CA THR A 541 17.07 -7.51 20.32
C THR A 541 17.87 -8.49 21.16
N ILE A 542 18.85 -7.97 21.91
CA ILE A 542 19.56 -8.78 22.89
C ILE A 542 18.58 -9.44 23.90
N ALA A 543 17.63 -8.66 24.37
CA ALA A 543 16.64 -9.13 25.33
C ALA A 543 15.81 -10.24 24.74
N ALA A 544 15.65 -10.24 23.41
CA ALA A 544 14.85 -11.32 22.76
C ALA A 544 15.57 -12.66 22.84
N PHE A 545 16.89 -12.67 23.02
CA PHE A 545 17.62 -13.95 23.10
C PHE A 545 18.33 -14.22 24.47
N ALA A 546 18.36 -13.23 25.34
CA ALA A 546 19.19 -13.31 26.55
C ALA A 546 18.42 -12.76 27.74
N ALA A 547 18.56 -13.42 28.88
CA ALA A 547 18.08 -12.90 30.16
C ALA A 547 19.05 -11.82 30.68
N PRO A 548 18.56 -10.94 31.57
CA PRO A 548 19.43 -9.82 31.99
C PRO A 548 20.75 -10.25 32.61
N GLU A 549 20.75 -11.35 33.35
CA GLU A 549 22.01 -11.88 33.89
C GLU A 549 22.98 -12.30 32.78
N ASP A 550 22.49 -12.41 31.53
CA ASP A 550 23.36 -12.77 30.39
C ASP A 550 24.01 -11.55 29.66
N TYR A 551 23.60 -10.32 29.99
CA TYR A 551 24.05 -9.07 29.26
C TYR A 551 25.43 -8.73 29.81
N GLN A 552 26.44 -9.56 29.57
CA GLN A 552 27.74 -9.27 29.04
C GLN A 552 28.26 -9.74 27.67
N ILE A 553 29.34 -9.09 27.25
CA ILE A 553 30.00 -9.40 25.99
C ILE A 553 30.36 -10.87 25.93
N GLU A 554 30.94 -11.35 27.01
CA GLU A 554 31.46 -12.70 27.03
C GLU A 554 30.63 -13.67 27.87
N SER A 555 29.38 -13.33 28.25
CA SER A 555 28.55 -14.42 28.85
C SER A 555 28.44 -15.54 27.85
N GLU A 556 27.87 -16.64 28.24
CA GLU A 556 27.83 -17.68 27.27
C GLU A 556 26.62 -17.93 26.42
N VAL A 557 25.37 -17.53 26.72
CA VAL A 557 24.57 -16.54 26.00
C VAL A 557 25.25 -15.90 24.82
N MET A 558 26.19 -14.97 24.98
CA MET A 558 26.17 -13.75 24.24
C MET A 558 27.13 -14.39 23.18
N ASN A 559 27.99 -15.26 23.69
CA ASN A 559 28.88 -16.08 22.90
C ASN A 559 28.42 -17.12 21.84
N ALA A 560 27.51 -18.05 22.13
CA ALA A 560 26.19 -18.24 21.51
C ALA A 560 25.65 -17.43 20.36
N HIS A 561 25.70 -16.10 20.47
CA HIS A 561 25.16 -15.22 19.46
C HIS A 561 26.23 -14.32 18.89
N GLN A 562 27.47 -14.82 18.93
CA GLN A 562 28.63 -14.22 18.27
C GLN A 562 29.36 -15.36 17.53
N LYS A 563 29.23 -15.42 16.20
CA LYS A 563 29.74 -16.58 15.42
C LYS A 563 31.06 -16.23 14.83
N SER A 564 31.55 -15.05 15.19
CA SER A 564 32.93 -14.73 14.91
C SER A 564 33.72 -14.30 16.14
N SER A 565 34.97 -14.61 16.24
CA SER A 565 35.45 -15.72 16.95
C SER A 565 36.66 -14.96 17.54
N ILE A 566 37.36 -14.15 16.73
CA ILE A 566 37.53 -12.68 16.69
C ILE A 566 36.65 -11.42 16.87
N GLY A 567 35.33 -11.50 16.71
CA GLY A 567 34.57 -10.27 16.57
C GLY A 567 34.56 -9.36 17.77
N ASN A 568 34.44 -9.92 18.96
CA ASN A 568 34.28 -9.07 20.15
C ASN A 568 35.51 -8.26 20.41
N SER A 569 36.68 -8.87 20.27
CA SER A 569 37.89 -8.12 20.48
C SER A 569 38.19 -7.06 19.37
N LEU A 570 37.86 -7.35 18.12
CA LEU A 570 37.91 -6.32 17.08
C LEU A 570 37.04 -5.14 17.40
N ILE A 571 35.82 -5.38 17.88
CA ILE A 571 34.93 -4.31 18.20
C ILE A 571 35.57 -3.35 19.21
N ARG A 572 36.01 -3.91 20.33
CA ARG A 572 36.68 -3.13 21.36
C ARG A 572 37.96 -2.42 20.84
N THR A 573 38.79 -3.13 20.07
CA THR A 573 40.02 -2.56 19.46
C THR A 573 39.68 -1.31 18.65
N TYR A 574 38.73 -1.41 17.72
CA TYR A 574 38.28 -0.27 16.94
C TYR A 574 37.61 0.82 17.77
N MET A 575 36.73 0.45 18.70
CA MET A 575 36.06 1.42 19.57
C MET A 575 37.04 2.27 20.35
N GLU A 576 38.13 1.66 20.83
CA GLU A 576 39.09 2.37 21.67
C GLU A 576 39.87 3.43 20.87
N ARG A 577 40.05 3.21 19.57
CA ARG A 577 40.69 4.19 18.68
C ARG A 577 39.95 5.52 18.61
N ASP A 578 38.64 5.51 18.75
CA ASP A 578 37.81 6.68 18.42
C ASP A 578 36.88 7.16 19.51
N TYR A 579 36.62 6.30 20.50
CA TYR A 579 35.60 6.54 21.55
C TYR A 579 36.14 6.08 22.86
N ILE A 580 35.57 6.61 23.92
CA ILE A 580 35.87 6.10 25.25
C ILE A 580 35.02 4.85 25.40
N ILE A 581 35.64 3.74 25.82
CA ILE A 581 34.90 2.49 25.96
C ILE A 581 34.07 2.58 27.24
N PRO A 582 32.73 2.51 27.12
CA PRO A 582 31.90 2.62 28.31
C PRO A 582 32.04 1.41 29.21
N GLU A 583 31.81 1.65 30.50
CA GLU A 583 31.85 0.65 31.52
C GLU A 583 30.65 -0.27 31.49
N SER A 584 29.47 0.26 31.22
CA SER A 584 28.29 -0.60 31.18
C SER A 584 28.08 -1.31 29.83
N PHE A 585 27.52 -2.52 29.91
CA PHE A 585 27.21 -3.34 28.72
C PHE A 585 26.26 -2.58 27.77
N GLU A 586 25.20 -1.96 28.31
CA GLU A 586 24.25 -1.21 27.48
C GLU A 586 24.80 0.07 26.80
N ASP A 587 25.71 0.76 27.50
CA ASP A 587 26.38 1.91 26.88
C ASP A 587 27.36 1.46 25.82
N PHE A 588 28.06 0.37 26.07
CA PHE A 588 28.95 -0.26 25.09
C PHE A 588 28.19 -0.68 23.80
N VAL A 589 27.01 -1.30 23.98
CA VAL A 589 26.14 -1.64 22.82
C VAL A 589 25.79 -0.40 22.01
N TYR A 590 25.34 0.67 22.70
CA TYR A 590 25.05 1.95 22.08
C TYR A 590 26.25 2.55 21.33
N VAL A 591 27.43 2.65 21.97
CA VAL A 591 28.62 3.18 21.26
C VAL A 591 29.08 2.28 20.07
N GLY A 592 28.91 0.96 20.21
CA GLY A 592 29.17 0.05 19.09
C GLY A 592 28.28 0.29 17.88
N LEU A 593 27.02 0.72 18.12
CA LEU A 593 26.13 1.00 17.01
C LEU A 593 26.63 2.27 16.29
N VAL A 594 27.02 3.26 17.10
CA VAL A 594 27.54 4.54 16.62
C VAL A 594 28.85 4.33 15.86
N LEU A 595 29.75 3.51 16.43
CA LEU A 595 31.02 3.18 15.83
C LEU A 595 30.87 2.58 14.41
N GLN A 596 30.05 1.52 14.31
CA GLN A 596 29.83 0.80 13.04
C GLN A 596 29.23 1.79 12.03
N GLY A 597 28.32 2.66 12.47
CA GLY A 597 27.68 3.67 11.57
C GLY A 597 28.67 4.71 11.07
N GLN A 598 29.53 5.21 11.95
CA GLN A 598 30.48 6.27 11.62
C GLN A 598 31.65 5.80 10.77
N GLY A 599 32.24 4.65 11.09
CA GLY A 599 33.39 4.13 10.31
C GLY A 599 32.97 3.67 8.91
N MET A 600 31.84 2.94 8.85
CA MET A 600 31.31 2.50 7.56
C MET A 600 30.89 3.63 6.62
N ARG A 601 30.17 4.62 7.15
CA ARG A 601 29.77 5.76 6.28
C ARG A 601 30.97 6.58 5.81
N HIS A 602 32.04 6.66 6.60
CA HIS A 602 33.29 7.29 6.10
C HIS A 602 33.82 6.54 4.81
N GLY A 603 33.70 5.22 4.79
CA GLY A 603 34.03 4.43 3.58
C GLY A 603 33.04 4.64 2.45
N LEU A 604 31.75 4.58 2.71
CA LEU A 604 30.74 4.82 1.65
C LEU A 604 31.04 6.15 0.95
N GLU A 605 31.37 7.16 1.77
CA GLU A 605 31.76 8.51 1.34
C GLU A 605 33.03 8.54 0.49
N ALA A 606 34.09 7.87 0.94
CA ALA A 606 35.32 7.72 0.14
C ALA A 606 35.01 7.14 -1.24
N HIS A 607 34.05 6.22 -1.30
CA HIS A 607 33.90 5.51 -2.56
C HIS A 607 33.16 6.37 -3.59
N ARG A 608 32.10 7.04 -3.15
CA ARG A 608 31.41 8.04 -3.99
C ARG A 608 32.30 9.23 -4.32
N ARG A 609 33.15 9.63 -3.37
CA ARG A 609 33.99 10.81 -3.59
C ARG A 609 35.01 10.56 -4.70
N ASN A 610 35.47 9.31 -4.77
CA ASN A 610 36.46 8.86 -5.71
C ASN A 610 35.98 8.28 -7.05
N ARG A 611 34.72 8.54 -7.36
CA ARG A 611 34.22 8.33 -8.69
C ARG A 611 34.95 9.27 -9.69
N PRO A 612 35.26 8.80 -10.93
CA PRO A 612 34.91 7.55 -11.61
C PRO A 612 35.88 6.38 -11.44
N TYR A 613 37.04 6.59 -10.81
CA TYR A 613 37.96 5.52 -10.46
C TYR A 613 37.23 4.36 -9.79
N CYS A 614 36.49 4.71 -8.73
CA CYS A 614 35.53 3.83 -8.05
C CYS A 614 34.10 4.05 -8.56
N MET A 615 33.42 2.99 -8.95
CA MET A 615 32.10 3.12 -9.53
C MET A 615 30.99 2.37 -8.76
N GLY A 616 31.24 1.99 -7.52
CA GLY A 616 30.14 1.41 -6.77
C GLY A 616 30.58 0.95 -5.43
N THR A 617 29.62 0.81 -4.51
CA THR A 617 29.92 0.33 -3.16
C THR A 617 28.73 -0.45 -2.59
N LEU A 618 28.98 -1.70 -2.22
CA LEU A 618 27.96 -2.54 -1.59
C LEU A 618 28.53 -3.01 -0.27
N TYR A 619 28.00 -2.53 0.85
CA TYR A 619 28.54 -2.99 2.10
C TYR A 619 28.03 -4.34 2.49
N TRP A 620 28.84 -4.96 3.34
CA TRP A 620 28.54 -6.21 3.99
C TRP A 620 28.14 -5.86 5.47
N GLN A 621 26.89 -6.04 5.88
CA GLN A 621 25.85 -6.73 5.12
C GLN A 621 24.52 -5.99 5.39
N LEU A 622 23.49 -6.16 4.55
CA LEU A 622 22.20 -5.49 4.83
C LEU A 622 21.49 -5.99 6.11
N ASN A 623 21.40 -7.32 6.27
CA ASN A 623 20.31 -7.81 7.12
C ASN A 623 20.79 -9.02 7.88
N ASP A 624 19.93 -9.58 8.72
CA ASP A 624 20.28 -10.76 9.55
C ASP A 624 19.31 -11.91 9.43
N SER A 625 19.79 -13.14 9.65
CA SER A 625 18.91 -14.31 9.56
C SER A 625 18.25 -14.70 10.89
N TRP A 626 18.75 -14.10 11.99
CA TRP A 626 18.32 -14.40 13.37
C TRP A 626 18.98 -13.38 14.34
N PRO A 627 18.58 -13.40 15.64
CA PRO A 627 19.17 -12.46 16.61
C PRO A 627 20.64 -12.79 16.84
N VAL A 628 21.50 -11.85 16.51
CA VAL A 628 22.90 -12.17 16.56
C VAL A 628 23.71 -10.88 16.44
N VAL A 629 24.99 -10.95 16.82
CA VAL A 629 25.99 -9.92 16.56
C VAL A 629 26.48 -10.13 15.12
N SER A 630 26.44 -9.06 14.31
CA SER A 630 26.83 -9.21 12.90
C SER A 630 27.14 -7.86 12.23
N TRP A 631 27.50 -7.95 10.94
CA TRP A 631 27.86 -6.82 10.11
C TRP A 631 26.63 -6.08 9.57
N SER A 632 25.41 -6.49 9.94
CA SER A 632 24.21 -5.89 9.36
C SER A 632 23.93 -4.43 9.71
N SER A 633 23.12 -3.77 8.87
CA SER A 633 22.67 -2.41 9.14
C SER A 633 21.25 -2.43 9.71
N ILE A 634 20.57 -3.56 9.55
CA ILE A 634 19.23 -3.79 10.07
C ILE A 634 19.24 -5.15 10.80
N ASP A 635 18.93 -5.17 12.10
CA ASP A 635 18.87 -6.46 12.86
C ASP A 635 17.67 -7.36 12.47
N TYR A 636 17.63 -8.55 13.05
CA TYR A 636 16.69 -9.58 12.65
C TYR A 636 15.25 -9.09 12.76
N TYR A 637 14.98 -8.19 13.73
CA TYR A 637 13.62 -7.69 14.01
C TYR A 637 13.28 -6.48 13.18
N GLY A 638 14.21 -6.09 12.31
CA GLY A 638 13.93 -4.94 11.43
C GLY A 638 14.26 -3.55 12.01
N ASN A 639 14.98 -3.53 13.14
CA ASN A 639 15.43 -2.27 13.67
C ASN A 639 16.63 -1.81 12.90
N TRP A 640 16.52 -0.58 12.39
CA TRP A 640 17.66 0.05 11.78
C TRP A 640 18.68 0.35 12.89
N LYS A 641 19.91 -0.07 12.64
CA LYS A 641 21.03 0.33 13.45
C LYS A 641 21.47 1.68 12.94
N ALA A 642 22.49 2.24 13.61
CA ALA A 642 23.03 3.54 13.17
C ALA A 642 23.46 3.49 11.70
N LEU A 643 24.13 2.38 11.33
CA LEU A 643 24.61 2.19 9.98
C LEU A 643 23.51 2.39 8.96
N HIS A 644 22.25 2.02 9.23
CA HIS A 644 21.30 2.17 8.15
C HIS A 644 20.99 3.66 7.90
N TYR A 645 20.86 4.43 8.98
CA TYR A 645 20.63 5.87 8.86
C TYR A 645 21.80 6.51 8.20
N GLN A 646 23.01 6.04 8.55
CA GLN A 646 24.24 6.58 7.98
C GLN A 646 24.43 6.24 6.48
N ALA A 647 24.06 5.02 6.10
CA ALA A 647 24.01 4.61 4.68
C ALA A 647 23.06 5.52 3.88
N LYS A 648 21.88 5.72 4.41
CA LYS A 648 20.92 6.63 3.78
C LYS A 648 21.50 8.05 3.49
N ARG A 649 22.15 8.62 4.50
CA ARG A 649 22.85 9.91 4.41
C ARG A 649 23.97 9.88 3.39
N ALA A 650 24.84 8.89 3.50
CA ALA A 650 25.96 8.76 2.55
C ALA A 650 25.54 8.44 1.12
N PHE A 651 24.32 7.97 0.93
CA PHE A 651 23.83 7.59 -0.41
C PHE A 651 22.88 8.66 -0.97
N ALA A 652 22.67 9.74 -0.21
CA ALA A 652 21.85 10.83 -0.69
C ALA A 652 22.28 11.25 -2.11
N PRO A 653 21.30 11.43 -3.04
CA PRO A 653 21.55 11.88 -4.43
C PRO A 653 22.56 13.02 -4.50
N VAL A 654 22.36 14.05 -3.68
CA VAL A 654 23.36 15.10 -3.50
C VAL A 654 23.87 15.08 -2.06
N LEU A 655 25.20 15.13 -1.95
CA LEU A 655 25.83 15.05 -0.68
C LEU A 655 26.99 16.05 -0.59
N ILE A 656 27.06 16.77 0.53
CA ILE A 656 28.22 17.59 0.88
C ILE A 656 29.15 16.72 1.68
N ASN A 657 30.32 16.46 1.12
CA ASN A 657 31.26 15.59 1.78
C ASN A 657 32.53 16.33 2.25
N PRO A 658 32.57 16.75 3.52
CA PRO A 658 33.85 17.29 4.02
C PRO A 658 34.78 16.14 4.40
N ILE A 659 36.04 16.19 3.97
CA ILE A 659 37.05 15.18 4.28
C ILE A 659 38.33 15.93 4.78
N GLN A 660 38.78 15.55 5.97
CA GLN A 660 39.89 16.22 6.61
C GLN A 660 41.02 15.23 6.75
N GLN A 661 42.17 15.56 6.16
CA GLN A 661 43.41 14.79 6.21
C GLN A 661 44.57 15.77 6.32
N ASN A 662 45.65 15.31 6.96
CA ASN A 662 46.92 16.05 7.13
C ASN A 662 46.67 17.51 7.55
N ASP A 663 45.84 17.67 8.59
CA ASP A 663 45.48 18.96 9.16
C ASP A 663 44.87 19.95 8.15
N SER A 664 44.23 19.42 7.12
CA SER A 664 43.50 20.25 6.18
C SER A 664 42.12 19.69 5.88
N LEU A 665 41.22 20.58 5.47
CA LEU A 665 39.85 20.23 5.13
C LEU A 665 39.58 20.50 3.65
N SER A 666 39.08 19.49 2.95
CA SER A 666 38.44 19.65 1.64
C SER A 666 36.97 19.42 1.77
N VAL A 667 36.21 20.08 0.91
CA VAL A 667 34.79 19.81 0.82
C VAL A 667 34.50 19.43 -0.62
N TYR A 668 33.83 18.30 -0.79
CA TYR A 668 33.42 17.84 -2.11
C TYR A 668 31.93 17.86 -2.21
N LEU A 669 31.48 18.13 -3.42
CA LEU A 669 30.06 18.01 -3.69
C LEU A 669 29.92 16.82 -4.62
N ILE A 670 29.03 15.91 -4.21
CA ILE A 670 28.82 14.64 -4.89
C ILE A 670 27.35 14.53 -5.31
N SER A 671 27.16 14.24 -6.59
CA SER A 671 25.84 14.17 -7.12
C SER A 671 25.73 12.90 -7.91
N ASP A 672 24.61 12.19 -7.73
CA ASP A 672 24.17 11.13 -8.63
C ASP A 672 22.91 11.55 -9.36
N ARG A 673 22.60 12.86 -9.40
CA ARG A 673 21.47 13.34 -10.23
C ARG A 673 21.74 13.26 -11.72
N LEU A 674 20.67 13.11 -12.49
CA LEU A 674 20.74 13.12 -13.95
C LEU A 674 20.89 14.55 -14.56
N ASP A 675 20.50 15.58 -13.80
CA ASP A 675 20.62 17.00 -14.19
C ASP A 675 21.77 17.70 -13.45
N THR A 676 22.40 18.68 -14.10
CA THR A 676 23.42 19.53 -13.47
C THR A 676 22.77 20.67 -12.66
N MET A 677 23.35 20.99 -11.51
CA MET A 677 22.91 22.13 -10.71
C MET A 677 23.92 23.27 -10.86
N GLU A 678 23.37 24.47 -11.07
CA GLU A 678 24.12 25.67 -11.47
C GLU A 678 23.88 26.83 -10.51
N GLN A 679 24.83 27.75 -10.41
CA GLN A 679 24.64 28.95 -9.55
C GLN A 679 24.45 28.57 -8.06
N MET A 680 25.20 27.56 -7.61
CA MET A 680 25.04 27.04 -6.23
C MET A 680 25.95 27.75 -5.25
N THR A 681 25.47 27.84 -4.01
CA THR A 681 26.24 28.42 -2.92
C THR A 681 26.46 27.39 -1.81
N LEU A 682 27.72 27.16 -1.49
CA LEU A 682 28.05 26.37 -0.32
C LEU A 682 28.28 27.35 0.82
N GLU A 683 27.58 27.14 1.94
CA GLU A 683 27.74 27.95 3.14
C GLU A 683 28.13 27.11 4.37
N MET A 684 29.23 27.49 5.02
CA MET A 684 29.74 26.85 6.22
C MET A 684 29.86 27.80 7.44
N LYS A 685 29.76 27.25 8.64
CA LYS A 685 30.05 28.03 9.82
C LYS A 685 30.42 27.16 11.01
N VAL A 686 31.45 27.62 11.73
CA VAL A 686 31.97 26.96 12.91
C VAL A 686 31.10 27.38 14.08
N VAL A 687 30.58 26.41 14.81
CA VAL A 687 29.67 26.66 15.92
C VAL A 687 30.23 25.86 17.11
N ASP A 688 30.30 26.44 18.30
CA ASP A 688 30.71 25.65 19.46
C ASP A 688 29.56 24.83 20.07
N PHE A 689 29.89 24.04 21.11
CA PHE A 689 28.94 23.12 21.71
C PHE A 689 27.82 23.80 22.52
N ASP A 690 27.96 25.10 22.77
CA ASP A 690 26.95 25.94 23.45
C ASP A 690 26.07 26.67 22.45
N GLY A 691 26.48 26.72 21.18
CA GLY A 691 25.61 27.24 20.13
C GLY A 691 26.10 28.52 19.48
N LYS A 692 27.26 28.99 19.94
CA LYS A 692 27.82 30.27 19.52
C LYS A 692 28.72 30.11 18.32
N THR A 693 28.41 30.85 17.26
CA THR A 693 29.26 30.94 16.06
C THR A 693 30.65 31.46 16.40
N LEU A 694 31.67 30.75 15.90
CA LEU A 694 33.05 31.22 15.99
C LEU A 694 33.40 31.84 14.64
N GLY A 695 33.89 33.08 14.66
CA GLY A 695 34.28 33.76 13.41
C GLY A 695 33.04 34.08 12.61
N LYS A 696 33.15 34.05 11.28
CA LYS A 696 32.01 34.40 10.44
C LYS A 696 31.67 33.24 9.52
N LYS A 697 30.46 33.30 8.94
CA LYS A 697 30.06 32.37 7.88
C LYS A 697 31.02 32.45 6.70
N ILE A 698 31.25 31.30 6.05
CA ILE A 698 32.07 31.24 4.87
C ILE A 698 31.13 30.94 3.69
N GLN A 699 31.23 31.73 2.62
CA GLN A 699 30.39 31.56 1.43
C GLN A 699 31.23 31.26 0.18
N VAL A 700 30.95 30.11 -0.47
CA VAL A 700 31.49 29.84 -1.82
C VAL A 700 30.32 29.89 -2.79
N HIS A 701 30.28 30.96 -3.58
CA HIS A 701 29.22 31.21 -4.51
C HIS A 701 29.57 30.69 -5.88
N SER A 702 28.57 30.70 -6.76
CA SER A 702 28.72 30.37 -8.19
C SER A 702 29.22 28.94 -8.40
N LEU A 703 28.64 27.98 -7.67
CA LEU A 703 29.11 26.60 -7.81
C LEU A 703 28.27 25.80 -8.80
N GLU A 704 28.94 24.98 -9.58
CA GLU A 704 28.24 24.05 -10.43
C GLU A 704 28.40 22.63 -9.87
N VAL A 705 27.33 21.84 -9.95
CA VAL A 705 27.31 20.44 -9.48
C VAL A 705 26.84 19.60 -10.68
N PRO A 706 27.77 19.24 -11.58
CA PRO A 706 27.40 18.45 -12.76
C PRO A 706 26.76 17.07 -12.41
N ALA A 707 25.88 16.60 -13.30
CA ALA A 707 25.26 15.30 -13.15
C ALA A 707 26.35 14.24 -12.91
N ASN A 708 26.08 13.33 -11.99
CA ASN A 708 26.92 12.13 -11.81
C ASN A 708 28.39 12.43 -11.64
N THR A 709 28.72 13.43 -10.83
CA THR A 709 30.10 13.80 -10.54
C THR A 709 30.35 13.99 -9.04
N SER A 710 31.63 13.87 -8.68
CA SER A 710 32.15 14.23 -7.39
C SER A 710 33.23 15.26 -7.68
N LYS A 711 33.14 16.45 -7.08
CA LYS A 711 34.15 17.51 -7.33
C LYS A 711 34.47 18.32 -6.10
N CYS A 712 35.74 18.71 -5.98
CA CYS A 712 36.22 19.55 -4.88
C CYS A 712 35.91 21.03 -5.14
N VAL A 713 35.25 21.70 -4.18
CA VAL A 713 34.87 23.12 -4.34
C VAL A 713 35.48 24.04 -3.26
N TYR A 714 36.22 23.46 -2.31
CA TYR A 714 36.68 24.20 -1.16
C TYR A 714 37.82 23.51 -0.46
N ARG A 715 38.91 24.24 -0.22
CA ARG A 715 40.01 23.76 0.60
C ARG A 715 40.54 24.87 1.48
N ALA A 716 40.84 24.53 2.72
CA ALA A 716 41.46 25.42 3.67
C ALA A 716 42.25 24.55 4.61
N LYS A 717 43.44 25.02 5.01
CA LYS A 717 44.22 24.41 6.06
C LYS A 717 43.62 24.78 7.40
N LEU A 718 43.67 23.85 8.37
CA LEU A 718 43.18 24.13 9.74
C LEU A 718 44.08 25.11 10.52
N ASP A 719 45.39 25.00 10.28
CA ASP A 719 46.34 25.88 10.96
C ASP A 719 46.16 27.37 10.60
N GLY A 720 45.96 28.18 11.63
CA GLY A 720 45.63 29.61 11.43
C GLY A 720 44.14 29.88 11.22
N TRP A 721 43.35 28.81 11.13
CA TRP A 721 41.89 28.95 11.07
C TRP A 721 41.28 28.61 12.43
N LEU A 722 41.57 27.41 12.92
CA LEU A 722 41.08 27.00 14.22
C LEU A 722 42.26 26.52 15.03
N THR A 723 42.20 26.75 16.33
CA THR A 723 43.25 26.27 17.22
C THR A 723 42.91 24.82 17.59
N PRO A 724 43.87 24.09 18.21
CA PRO A 724 43.60 22.70 18.56
C PRO A 724 42.44 22.60 19.58
N GLU A 725 42.26 23.66 20.36
CA GLU A 725 41.21 23.73 21.36
C GLU A 725 39.85 23.98 20.71
N ASP A 726 39.82 24.77 19.63
CA ASP A 726 38.58 25.01 18.84
C ASP A 726 38.09 23.71 18.26
N CYS A 727 39.03 22.98 17.64
CA CYS A 727 38.85 21.61 17.10
C CYS A 727 38.23 20.61 18.08
N ARG A 728 38.62 20.67 19.35
CA ARG A 728 38.00 19.87 20.41
C ARG A 728 36.63 20.40 20.85
N ARG A 729 36.23 21.61 20.42
CA ARG A 729 35.07 22.30 21.08
C ARG A 729 33.95 22.80 20.18
N SER A 730 34.06 22.54 18.89
CA SER A 730 33.17 23.13 17.90
C SER A 730 33.00 22.15 16.74
N PHE A 731 32.02 22.45 15.90
CA PHE A 731 31.77 21.66 14.69
C PHE A 731 31.56 22.61 13.52
N LEU A 732 31.70 22.03 12.32
CA LEU A 732 31.42 22.69 11.08
C LEU A 732 30.03 22.28 10.55
N LYS A 733 29.13 23.24 10.46
CA LYS A 733 27.86 23.08 9.78
C LYS A 733 28.09 23.47 8.30
N LEU A 734 27.50 22.73 7.38
CA LEU A 734 27.67 22.97 5.95
C LEU A 734 26.33 22.76 5.29
N ILE A 735 25.94 23.73 4.45
CA ILE A 735 24.67 23.70 3.75
C ILE A 735 24.98 24.06 2.32
N LEU A 736 24.24 23.47 1.39
CA LEU A 736 24.30 23.85 -0.03
C LEU A 736 22.95 24.43 -0.40
N LYS A 737 22.98 25.57 -1.07
CA LYS A 737 21.74 26.22 -1.49
C LYS A 737 21.73 26.66 -2.93
N ASP A 738 20.54 26.66 -3.53
CA ASP A 738 20.44 27.17 -4.90
C ASP A 738 20.58 28.71 -4.97
N LYS A 739 20.43 29.27 -6.17
CA LYS A 739 20.59 30.72 -6.40
C LYS A 739 19.78 31.58 -5.43
N SER A 740 18.53 31.17 -5.24
CA SER A 740 17.57 31.90 -4.42
C SER A 740 17.60 31.57 -2.92
N GLY A 741 18.58 30.77 -2.48
CA GLY A 741 18.73 30.42 -1.07
C GLY A 741 17.94 29.22 -0.53
N HIS A 742 17.34 28.43 -1.42
CA HIS A 742 16.77 27.13 -1.04
C HIS A 742 17.84 26.06 -0.76
N GLN A 743 17.77 25.48 0.44
CA GLN A 743 18.66 24.44 0.88
C GLN A 743 18.42 23.14 0.11
N VAL A 744 19.48 22.60 -0.48
CA VAL A 744 19.32 21.31 -1.15
C VAL A 744 20.04 20.15 -0.42
N ALA A 745 20.94 20.48 0.49
CA ALA A 745 21.70 19.48 1.20
C ALA A 745 22.31 20.14 2.42
N GLU A 746 22.68 19.30 3.39
CA GLU A 746 23.46 19.71 4.53
C GLU A 746 24.25 18.57 5.17
N SER A 747 25.39 18.96 5.72
CA SER A 747 26.22 18.04 6.47
CA SER A 747 26.28 18.07 6.42
C SER A 747 26.73 18.72 7.75
N VAL A 748 27.18 17.90 8.72
CA VAL A 748 27.95 18.39 9.87
CA VAL A 748 27.93 18.37 9.90
C VAL A 748 29.29 17.68 9.89
N HIS A 749 30.34 18.42 10.29
CA HIS A 749 31.70 17.90 10.35
C HIS A 749 32.32 18.08 11.74
N PHE A 750 32.92 17.04 12.30
CA PHE A 750 33.71 17.20 13.51
C PHE A 750 35.19 17.13 13.20
N PHE A 751 35.99 17.94 13.90
CA PHE A 751 37.42 18.13 13.57
C PHE A 751 38.31 17.12 14.26
N ARG A 752 37.79 16.54 15.34
CA ARG A 752 38.57 15.55 16.14
C ARG A 752 37.77 14.27 16.31
N LYS A 753 38.48 13.19 16.67
CA LYS A 753 37.84 11.94 17.06
C LYS A 753 36.89 12.16 18.23
N THR A 754 35.75 11.47 18.25
CA THR A 754 34.79 11.64 19.35
C THR A 754 35.42 11.57 20.80
N LYS A 755 36.35 10.63 21.03
CA LYS A 755 36.97 10.50 22.35
C LYS A 755 37.74 11.76 22.74
N ASP A 756 38.09 12.56 21.73
CA ASP A 756 38.89 13.80 21.92
C ASP A 756 38.05 15.08 22.05
N LEU A 757 36.74 14.96 21.81
CA LEU A 757 35.83 16.09 21.88
C LEU A 757 35.58 16.44 23.34
N GLN A 758 35.47 17.74 23.63
CA GLN A 758 35.20 18.22 24.97
C GLN A 758 33.69 18.32 25.10
N LEU A 759 33.02 17.17 25.16
CA LEU A 759 31.56 17.16 25.22
C LEU A 759 31.06 17.64 26.58
N PRO A 760 30.14 18.63 26.58
CA PRO A 760 29.55 19.13 27.80
C PRO A 760 28.40 18.23 28.32
N PRO A 761 28.33 18.03 29.65
CA PRO A 761 27.12 17.48 30.27
C PRO A 761 25.87 18.22 29.82
N THR A 762 24.82 17.46 29.53
CA THR A 762 23.59 18.03 28.95
C THR A 762 22.47 17.02 28.95
N SER A 763 21.26 17.56 28.93
CA SER A 763 20.04 16.76 28.89
C SER A 763 19.30 17.04 27.62
N VAL A 764 18.99 15.98 26.88
CA VAL A 764 18.02 16.05 25.81
C VAL A 764 16.63 15.93 26.46
N SER A 765 15.91 17.04 26.51
CA SER A 765 14.49 16.98 26.88
C SER A 765 13.66 16.80 25.60
N TYR A 766 12.40 16.40 25.77
CA TYR A 766 11.55 16.17 24.63
C TYR A 766 10.11 16.40 25.03
N GLN A 767 9.34 16.88 24.06
CA GLN A 767 7.89 16.81 24.12
C GLN A 767 7.41 15.71 23.16
N MET A 768 6.32 15.04 23.53
CA MET A 768 5.78 13.89 22.82
C MET A 768 4.32 14.11 22.50
N LYS A 769 3.93 13.96 21.24
CA LYS A 769 2.51 13.94 20.88
C LYS A 769 2.14 12.57 20.24
N GLN A 770 1.41 11.75 20.98
CA GLN A 770 1.14 10.35 20.65
C GLN A 770 -0.30 10.10 20.27
N THR A 771 -0.49 9.63 19.05
CA THR A 771 -1.78 9.12 18.57
C THR A 771 -1.52 7.63 18.34
N ASP A 772 -2.52 6.81 18.02
CA ASP A 772 -2.10 5.44 17.72
C ASP A 772 -1.43 5.33 16.33
N GLY A 773 -0.51 4.40 16.27
CA GLY A 773 0.33 4.29 15.11
C GLY A 773 1.48 5.25 15.15
N LYS A 774 1.48 6.18 16.11
CA LYS A 774 2.34 7.36 15.99
C LYS A 774 2.78 8.15 17.23
N CYS A 775 4.05 8.54 17.22
CA CYS A 775 4.59 9.38 18.26
CA CYS A 775 4.60 9.41 18.25
C CYS A 775 5.47 10.47 17.64
N GLU A 776 5.06 11.72 17.75
CA GLU A 776 5.86 12.87 17.29
C GLU A 776 6.61 13.41 18.50
N LEU A 777 7.94 13.43 18.43
CA LEU A 777 8.78 13.95 19.50
C LEU A 777 9.45 15.22 19.05
N THR A 778 9.53 16.20 19.94
CA THR A 778 10.31 17.40 19.70
C THR A 778 11.39 17.39 20.74
N LEU A 779 12.62 17.31 20.26
CA LEU A 779 13.78 17.21 21.14
C LEU A 779 14.46 18.56 21.28
N PHE A 780 15.01 18.80 22.47
CA PHE A 780 15.78 20.01 22.68
C PHE A 780 16.95 19.78 23.61
N SER A 781 18.08 20.40 23.29
CA SER A 781 19.24 20.48 24.19
C SER A 781 19.94 21.80 23.95
N SER A 782 20.23 22.53 25.02
CA SER A 782 20.97 23.81 24.90
C SER A 782 22.39 23.59 24.41
N MET A 783 22.97 22.44 24.74
CA MET A 783 24.29 22.10 24.26
C MET A 783 24.26 20.95 23.21
N LEU A 784 25.37 20.78 22.50
CA LEU A 784 25.51 19.62 21.64
C LEU A 784 25.34 18.31 22.45
N ALA A 785 24.41 17.47 21.96
CA ALA A 785 24.32 16.07 22.32
C ALA A 785 24.81 15.24 21.11
N LYS A 786 25.86 14.45 21.34
CA LYS A 786 26.59 13.77 20.29
C LYS A 786 25.99 12.39 19.99
N ASP A 787 25.80 12.08 18.71
CA ASP A 787 25.28 10.76 18.28
C ASP A 787 24.09 10.18 19.04
N ILE A 788 23.01 10.92 19.13
CA ILE A 788 21.93 10.50 20.01
C ILE A 788 21.19 9.26 19.50
N PHE A 789 20.77 8.41 20.44
CA PHE A 789 19.94 7.24 20.14
C PHE A 789 18.61 7.39 20.90
N ILE A 790 17.53 7.51 20.15
CA ILE A 790 16.20 7.50 20.72
C ILE A 790 15.78 6.05 20.71
N GLU A 791 15.80 5.48 21.91
CA GLU A 791 15.57 4.07 22.10
C GLU A 791 14.21 3.82 22.72
N THR A 792 13.44 2.94 22.08
CA THR A 792 12.10 2.53 22.51
C THR A 792 12.03 1.00 22.64
N PRO A 793 11.14 0.46 23.50
CA PRO A 793 11.19 -1.04 23.64
C PRO A 793 10.40 -1.77 22.55
N LEU A 794 9.69 -0.98 21.74
CA LEU A 794 8.84 -1.45 20.67
C LEU A 794 9.62 -2.06 19.50
N GLN A 795 9.58 -3.38 19.37
CA GLN A 795 10.26 -4.06 18.25
C GLN A 795 9.78 -3.52 16.91
N GLY A 796 10.72 -3.20 16.02
CA GLY A 796 10.39 -2.78 14.66
C GLY A 796 9.84 -1.38 14.48
N ALA A 797 9.83 -0.58 15.55
CA ALA A 797 9.45 0.85 15.46
C ALA A 797 10.32 1.56 14.39
N ARG A 798 9.69 2.39 13.56
CA ARG A 798 10.38 3.10 12.50
C ARG A 798 10.51 4.55 12.92
N TYR A 799 11.63 5.18 12.56
CA TYR A 799 11.91 6.62 12.96
C TYR A 799 12.14 7.48 11.74
N SER A 800 11.68 8.74 11.73
CA SER A 800 12.06 9.65 10.65
C SER A 800 13.57 9.89 10.64
N ASP A 801 14.20 9.83 11.83
CA ASP A 801 15.67 9.95 11.91
C ASP A 801 16.15 9.44 13.26
N ASN A 802 17.40 8.99 13.34
CA ASN A 802 17.98 8.52 14.62
C ASN A 802 19.49 8.49 14.43
N PHE A 803 20.24 8.37 15.52
CA PHE A 803 21.71 8.38 15.43
C PHE A 803 22.26 9.60 14.71
N PHE A 804 21.86 10.74 15.25
CA PHE A 804 22.24 12.04 14.67
C PHE A 804 22.66 12.95 15.82
N ASP A 805 23.40 13.99 15.51
CA ASP A 805 23.89 14.88 16.55
C ASP A 805 22.78 15.90 16.71
N LEU A 806 22.34 16.10 17.95
CA LEU A 806 21.40 17.14 18.23
C LEU A 806 22.19 18.43 18.53
N LEU A 807 21.94 19.45 17.72
CA LEU A 807 22.79 20.60 17.74
C LEU A 807 22.33 21.55 18.83
N PRO A 808 23.29 22.28 19.41
CA PRO A 808 23.02 23.15 20.57
C PRO A 808 21.91 24.11 20.20
N GLY A 809 20.80 24.03 20.95
CA GLY A 809 19.73 25.00 20.85
C GLY A 809 18.75 24.80 19.73
N GLU A 810 19.01 23.82 18.86
CA GLU A 810 18.19 23.64 17.69
C GLU A 810 17.13 22.58 17.98
N ARG A 811 15.86 22.93 17.80
CA ARG A 811 14.76 21.97 17.96
C ARG A 811 14.85 20.91 16.84
N LYS A 812 14.41 19.70 17.15
CA LYS A 812 14.45 18.63 16.16
C LYS A 812 13.22 17.75 16.32
N LYS A 813 12.40 17.71 15.27
CA LYS A 813 11.20 16.84 15.22
C LYS A 813 11.57 15.41 14.77
N VAL A 814 11.13 14.41 15.54
CA VAL A 814 11.27 12.98 15.16
C VAL A 814 9.92 12.24 15.27
N ILE A 815 9.53 11.56 14.19
CA ILE A 815 8.29 10.79 14.20
C ILE A 815 8.64 9.32 14.33
N ILE A 816 8.09 8.68 15.36
CA ILE A 816 8.16 7.23 15.52
C ILE A 816 6.79 6.63 15.11
N THR A 817 6.83 5.59 14.29
CA THR A 817 5.61 4.91 13.89
C THR A 817 5.76 3.43 14.19
N SER A 818 4.61 2.79 14.42
CA SER A 818 4.49 1.37 14.72
C SER A 818 3.01 1.09 14.82
N PRO A 819 2.55 -0.02 14.21
CA PRO A 819 1.13 -0.43 14.35
C PRO A 819 0.72 -0.60 15.81
N ARG A 820 1.70 -0.83 16.69
CA ARG A 820 1.46 -1.11 18.11
C ARG A 820 1.37 0.13 19.04
N ILE A 821 1.60 1.32 18.49
CA ILE A 821 1.50 2.53 19.31
C ILE A 821 0.02 2.86 19.55
N LYS A 822 -0.38 2.97 20.82
CA LYS A 822 -1.79 3.21 21.22
C LYS A 822 -2.11 4.66 21.60
N LYS A 823 -3.23 5.15 21.06
CA LYS A 823 -3.73 6.54 21.18
C LYS A 823 -3.66 7.18 22.57
N GLY A 824 -3.40 6.37 23.61
CA GLY A 824 -3.15 6.83 24.99
C GLY A 824 -1.68 6.71 25.38
N GLU A 826 1.57 6.00 26.83
CA GLU A 826 2.66 6.83 26.29
C GLU A 826 3.87 5.95 26.04
N LEU A 827 4.45 6.12 24.86
CA LEU A 827 5.59 5.29 24.43
C LEU A 827 6.81 5.50 25.36
N PRO A 828 7.34 4.40 25.93
CA PRO A 828 8.60 4.56 26.65
C PRO A 828 9.70 5.01 25.70
N VAL A 829 10.43 6.03 26.11
CA VAL A 829 11.54 6.60 25.34
C VAL A 829 12.73 6.86 26.28
N ASN A 830 13.92 6.43 25.86
CA ASN A 830 15.16 6.67 26.59
C ASN A 830 16.10 7.25 25.54
N ILE A 831 16.71 8.39 25.84
CA ILE A 831 17.57 9.07 24.85
C ILE A 831 19.00 8.97 25.32
N LYS A 832 19.88 8.40 24.52
CA LYS A 832 21.25 8.22 24.92
C LYS A 832 22.08 9.13 24.06
N HIS A 833 23.22 9.57 24.60
CA HIS A 833 24.18 10.35 23.80
C HIS A 833 25.60 10.15 24.35
N ILE A 834 26.64 10.55 23.61
CA ILE A 834 27.97 10.02 23.89
C ILE A 834 28.48 10.38 25.31
N ARG A 835 28.35 11.66 25.66
CA ARG A 835 28.84 12.18 26.95
C ARG A 835 28.30 11.43 28.17
N GLU A 836 27.07 10.89 28.10
CA GLU A 836 26.47 10.12 29.19
C GLU A 836 27.16 8.81 29.45
N THR A 837 27.92 8.32 28.48
CA THR A 837 28.42 6.95 28.58
C THR A 837 29.66 6.85 29.45
N TYR A 838 30.15 8.00 29.88
CA TYR A 838 31.34 8.03 30.76
C TYR A 838 31.31 9.22 31.74
N LYS A 839 32.03 9.04 32.84
CA LYS A 839 32.34 10.11 33.82
C LYS A 839 33.78 10.54 33.53
N GLY B 2 1.83 23.78 -10.99
CA GLY B 2 2.31 22.70 -11.92
C GLY B 2 3.81 22.80 -11.85
N ASN B 3 4.57 22.06 -12.68
CA ASN B 3 5.99 22.40 -12.83
CA ASN B 3 5.96 22.45 -12.79
C ASN B 3 6.12 23.58 -13.80
N ASP B 4 6.25 24.74 -13.20
CA ASP B 4 6.39 26.01 -13.85
C ASP B 4 7.41 26.68 -12.97
N THR B 5 7.66 27.95 -13.21
CA THR B 5 8.70 28.62 -12.45
C THR B 5 8.17 29.15 -11.10
N SER B 6 6.89 28.95 -10.77
CA SER B 6 6.41 29.49 -9.49
C SER B 6 7.02 28.70 -8.32
N GLU B 7 7.03 29.33 -7.17
CA GLU B 7 7.43 28.65 -5.95
C GLU B 7 6.24 28.68 -5.01
N VAL B 8 6.00 27.56 -4.34
CA VAL B 8 4.88 27.47 -3.40
C VAL B 8 5.44 27.20 -2.01
N MET B 9 4.97 27.94 -1.02
CA MET B 9 5.40 27.68 0.34
C MET B 9 4.13 27.18 1.06
N LEU B 10 4.22 26.02 1.68
CA LEU B 10 3.11 25.50 2.46
C LEU B 10 3.10 26.06 3.89
N LEU B 11 2.02 26.66 4.35
CA LEU B 11 2.01 27.25 5.68
C LEU B 11 1.42 26.26 6.65
N ASP B 12 2.21 25.25 6.99
CA ASP B 12 1.68 24.08 7.69
C ASP B 12 2.38 23.84 9.02
N THR B 13 3.24 24.76 9.44
CA THR B 13 3.96 24.61 10.68
C THR B 13 3.93 25.95 11.40
N GLY B 14 4.33 25.96 12.68
CA GLY B 14 4.48 27.21 13.40
C GLY B 14 3.18 27.84 13.86
N TRP B 15 2.04 27.16 13.65
CA TRP B 15 0.74 27.72 14.04
C TRP B 15 0.47 27.57 15.53
N GLU B 16 -0.27 28.54 16.09
CA GLU B 16 -0.71 28.53 17.47
C GLU B 16 -2.17 28.97 17.49
N PHE B 17 -2.90 28.62 18.55
CA PHE B 17 -4.29 28.98 18.70
C PHE B 17 -4.58 29.45 20.13
N SER B 18 -5.67 30.19 20.30
CA SER B 18 -6.04 30.75 21.60
C SER B 18 -7.54 30.91 21.66
N GLN B 19 -8.14 30.54 22.78
CA GLN B 19 -9.53 30.86 23.03
C GLN B 19 -9.55 32.36 23.25
N SER B 20 -10.36 33.07 22.46
CA SER B 20 -10.37 34.52 22.44
CA SER B 20 -10.38 34.52 22.45
C SER B 20 -10.69 35.08 23.84
N GLY B 21 -9.96 36.12 24.23
CA GLY B 21 -10.18 36.74 25.54
C GLY B 21 -9.20 36.24 26.59
N THR B 22 -8.52 35.12 26.35
CA THR B 22 -7.70 34.52 27.39
C THR B 22 -6.22 34.94 27.30
N GLU B 23 -5.83 35.45 26.13
CA GLU B 23 -4.42 35.76 25.82
C GLU B 23 -3.47 34.59 26.07
N LYS B 24 -4.00 33.36 26.11
CA LYS B 24 -3.17 32.16 26.25
C LYS B 24 -3.12 31.38 24.92
N TRP B 25 -1.91 31.03 24.49
CA TRP B 25 -1.63 30.45 23.16
C TRP B 25 -1.03 29.06 23.32
N MET B 26 -1.30 28.16 22.37
CA MET B 26 -0.72 26.81 22.40
C MET B 26 -0.57 26.34 20.98
N PRO B 27 0.33 25.35 20.76
CA PRO B 27 0.52 24.80 19.43
C PRO B 27 -0.77 24.24 18.86
N ALA B 28 -0.95 24.46 17.56
CA ALA B 28 -2.09 24.04 16.77
C ALA B 28 -1.58 23.23 15.57
N THR B 29 -2.44 22.39 14.99
CA THR B 29 -2.09 21.68 13.76
C THR B 29 -3.00 22.20 12.65
N VAL B 30 -2.40 22.53 11.51
CA VAL B 30 -3.11 23.10 10.37
C VAL B 30 -2.67 22.34 9.06
N PRO B 31 -3.63 21.85 8.26
CA PRO B 31 -5.06 21.97 8.50
C PRO B 31 -5.50 21.29 9.77
N GLY B 32 -6.61 21.76 10.35
CA GLY B 32 -7.02 21.27 11.65
C GLY B 32 -8.33 21.87 12.09
N THR B 33 -8.73 21.55 13.32
CA THR B 33 -9.99 22.08 13.88
C THR B 33 -9.66 22.58 15.30
N VAL B 34 -10.49 23.48 15.83
CA VAL B 34 -10.41 23.92 17.21
C VAL B 34 -10.47 22.68 18.15
N HIS B 35 -11.48 21.82 17.93
CA HIS B 35 -11.73 20.65 18.78
C HIS B 35 -10.55 19.72 18.82
N GLN B 36 -9.88 19.49 17.69
CA GLN B 36 -8.71 18.61 17.75
C GLN B 36 -7.51 19.28 18.43
N ASP B 37 -7.39 20.57 18.23
CA ASP B 37 -6.27 21.29 18.87
C ASP B 37 -6.41 21.22 20.42
N LEU B 38 -7.64 21.37 20.91
CA LEU B 38 -8.01 21.18 22.31
C LEU B 38 -7.82 19.74 22.79
N ILE B 39 -8.32 18.77 22.03
CA ILE B 39 -8.02 17.34 22.31
C ILE B 39 -6.52 17.06 22.45
N SER B 40 -5.70 17.58 21.54
CA SER B 40 -4.25 17.35 21.55
CA SER B 40 -4.26 17.30 21.58
C SER B 40 -3.59 17.82 22.86
N HIS B 41 -4.26 18.75 23.55
CA HIS B 41 -3.73 19.28 24.81
C HIS B 41 -4.55 18.84 26.02
N GLU B 42 -5.35 17.79 25.85
CA GLU B 42 -6.36 17.39 26.85
C GLU B 42 -7.13 18.53 27.50
N LEU B 43 -7.60 19.46 26.69
CA LEU B 43 -8.51 20.49 27.15
C LEU B 43 -9.91 20.11 26.73
N LEU B 44 -10.04 18.98 26.01
CA LEU B 44 -11.34 18.30 25.84
C LEU B 44 -11.17 16.82 26.15
N PRO B 45 -12.23 16.16 26.66
CA PRO B 45 -12.12 14.71 26.76
C PRO B 45 -12.31 14.12 25.35
N ASN B 46 -12.10 12.81 25.20
CA ASN B 46 -12.44 12.12 23.97
C ASN B 46 -13.92 12.36 23.64
N PRO B 47 -14.21 13.14 22.57
CA PRO B 47 -15.60 13.54 22.32
C PRO B 47 -16.56 12.39 21.92
N PHE B 48 -15.97 11.29 21.42
CA PHE B 48 -16.74 10.10 21.00
C PHE B 48 -17.03 9.12 22.16
N TYR B 49 -16.36 9.32 23.31
CA TYR B 49 -16.54 8.43 24.48
C TYR B 49 -17.79 8.64 25.34
N GLY B 50 -18.42 7.52 25.73
CA GLY B 50 -19.55 7.56 26.71
C GLY B 50 -20.52 8.73 26.61
N MET B 51 -20.53 9.61 27.61
CA MET B 51 -21.48 10.75 27.63
C MET B 51 -20.87 12.10 27.24
N ASN B 52 -19.69 12.05 26.61
CA ASN B 52 -18.85 13.23 26.39
C ASN B 52 -19.39 14.32 25.46
N GLU B 53 -20.48 14.06 24.74
CA GLU B 53 -20.98 15.03 23.74
C GLU B 53 -21.42 16.35 24.43
N LYS B 54 -22.10 16.22 25.58
CA LYS B 54 -22.64 17.39 26.29
C LYS B 54 -21.50 18.22 26.84
N LYS B 55 -20.41 17.54 27.14
CA LYS B 55 -19.18 18.08 27.74
C LYS B 55 -18.26 18.84 26.77
N ILE B 56 -18.57 18.77 25.47
CA ILE B 56 -17.74 19.47 24.47
C ILE B 56 -18.47 20.64 23.81
N GLN B 57 -19.73 20.85 24.18
CA GLN B 57 -20.60 21.81 23.51
C GLN B 57 -20.22 23.27 23.74
N TRP B 58 -19.45 23.52 24.81
CA TRP B 58 -19.07 24.88 25.19
C TRP B 58 -18.22 25.58 24.11
N VAL B 59 -17.39 24.81 23.40
CA VAL B 59 -16.47 25.33 22.40
C VAL B 59 -17.18 26.17 21.33
N GLU B 60 -18.42 25.83 20.97
CA GLU B 60 -19.11 26.49 19.85
C GLU B 60 -19.59 27.88 20.26
N ASN B 61 -19.55 28.17 21.55
CA ASN B 61 -19.88 29.53 22.03
C ASN B 61 -18.71 30.49 22.18
N GLU B 62 -17.49 29.99 22.10
CA GLU B 62 -16.26 30.83 22.15
C GLU B 62 -15.85 31.27 20.77
N ASP B 63 -15.05 32.35 20.72
CA ASP B 63 -14.35 32.74 19.53
C ASP B 63 -12.96 32.18 19.69
N TRP B 64 -12.31 31.92 18.56
CA TRP B 64 -10.99 31.24 18.51
C TRP B 64 -10.00 31.96 17.61
N GLU B 65 -8.78 32.16 18.07
CA GLU B 65 -7.76 32.85 17.23
C GLU B 65 -6.58 31.94 16.87
N TYR B 66 -6.11 32.04 15.62
CA TYR B 66 -4.92 31.30 15.10
C TYR B 66 -3.88 32.28 14.60
N ARG B 67 -2.62 31.94 14.76
CA ARG B 67 -1.55 32.77 14.28
C ARG B 67 -0.43 31.88 13.82
N THR B 68 0.28 32.36 12.81
CA THR B 68 1.59 31.82 12.45
C THR B 68 2.50 32.96 11.94
N SER B 69 3.82 32.71 11.91
CA SER B 69 4.76 33.63 11.27
CA SER B 69 4.78 33.63 11.30
C SER B 69 5.64 32.93 10.23
N PHE B 70 6.18 33.67 9.28
CA PHE B 70 6.91 33.02 8.21
C PHE B 70 7.89 34.03 7.63
N ILE B 71 9.03 33.55 7.13
CA ILE B 71 10.02 34.42 6.48
C ILE B 71 9.82 34.59 5.00
N VAL B 72 9.88 35.84 4.51
CA VAL B 72 9.95 36.13 3.07
C VAL B 72 11.33 36.76 2.69
N SER B 73 11.96 36.23 1.65
CA SER B 73 13.31 36.65 1.23
C SER B 73 13.22 37.81 0.24
N GLU B 74 14.36 38.50 0.07
CA GLU B 74 14.48 39.57 -0.88
C GLU B 74 14.06 39.06 -2.27
N GLU B 75 14.51 37.86 -2.63
CA GLU B 75 14.22 37.31 -3.96
C GLU B 75 12.75 36.85 -4.15
N GLN B 76 12.13 36.28 -3.11
CA GLN B 76 10.69 36.03 -3.12
C GLN B 76 9.91 37.32 -3.30
N LEU B 77 10.38 38.38 -2.65
CA LEU B 77 9.77 39.70 -2.79
C LEU B 77 9.89 40.36 -4.14
N ASN B 78 10.84 39.90 -4.96
CA ASN B 78 10.97 40.43 -6.31
C ASN B 78 10.20 39.65 -7.38
N ARG B 79 9.54 38.53 -7.01
CA ARG B 79 8.67 37.85 -7.98
C ARG B 79 7.58 38.85 -8.39
N ASP B 80 7.04 38.73 -9.60
CA ASP B 80 5.98 39.64 -10.06
C ASP B 80 4.71 39.64 -9.17
N GLY B 81 4.33 38.45 -8.72
CA GLY B 81 3.08 38.31 -7.96
C GLY B 81 3.25 37.40 -6.78
N ILE B 82 2.53 37.67 -5.67
CA ILE B 82 2.44 36.76 -4.49
C ILE B 82 0.98 36.59 -3.99
N GLN B 83 0.52 35.31 -3.97
CA GLN B 83 -0.86 34.96 -3.56
C GLN B 83 -0.85 34.16 -2.30
N LEU B 84 -1.77 34.50 -1.41
CA LEU B 84 -2.02 33.69 -0.22
C LEU B 84 -3.32 32.92 -0.48
N ILE B 85 -3.24 31.59 -0.48
CA ILE B 85 -4.41 30.79 -0.87
C ILE B 85 -4.99 29.99 0.33
N PHE B 86 -6.30 30.16 0.58
CA PHE B 86 -7.02 29.40 1.60
C PHE B 86 -7.96 28.45 0.88
N GLU B 87 -7.68 27.15 1.02
CA GLU B 87 -8.52 26.12 0.40
C GLU B 87 -9.80 25.85 1.21
N GLY B 88 -9.81 26.19 2.49
CA GLY B 88 -11.05 26.19 3.26
C GLY B 88 -10.87 26.92 4.62
N LEU B 89 -11.76 27.89 4.91
CA LEU B 89 -11.88 28.47 6.25
C LEU B 89 -13.22 28.15 6.84
N ASP B 90 -13.22 27.59 8.05
CA ASP B 90 -14.48 27.22 8.72
C ASP B 90 -14.73 28.14 9.95
N THR B 91 -15.61 29.13 9.94
CA THR B 91 -16.34 29.69 8.78
C THR B 91 -16.23 31.23 8.67
N TYR B 92 -16.55 31.93 9.75
CA TYR B 92 -16.56 33.40 9.79
C TYR B 92 -15.22 33.81 10.30
N ALA B 93 -14.24 33.90 9.38
CA ALA B 93 -12.82 34.19 9.68
C ALA B 93 -12.39 35.55 9.16
N ASP B 94 -11.83 36.39 10.05
CA ASP B 94 -11.25 37.66 9.65
C ASP B 94 -9.78 37.38 9.56
N VAL B 95 -9.25 37.53 8.34
CA VAL B 95 -7.86 37.12 8.07
C VAL B 95 -6.97 38.37 7.96
N TYR B 96 -5.99 38.48 8.86
CA TYR B 96 -5.10 39.67 8.97
C TYR B 96 -3.67 39.30 8.68
N LEU B 97 -3.01 40.06 7.81
CA LEU B 97 -1.61 39.86 7.54
C LEU B 97 -0.85 41.19 7.64
N ASN B 98 0.09 41.31 8.61
CA ASN B 98 0.98 42.50 8.68
C ASN B 98 0.14 43.77 8.81
N GLY B 99 -0.95 43.68 9.59
CA GLY B 99 -1.81 44.87 9.87
C GLY B 99 -2.93 45.07 8.86
N SER B 100 -2.96 44.22 7.83
CA SER B 100 -3.96 44.33 6.78
C SER B 100 -5.05 43.28 6.94
N LEU B 101 -6.32 43.71 6.93
CA LEU B 101 -7.43 42.76 6.87
C LEU B 101 -7.56 42.36 5.40
N LEU B 102 -7.25 41.12 5.10
CA LEU B 102 -7.29 40.63 3.71
C LEU B 102 -8.67 40.20 3.23
N LEU B 103 -9.47 39.69 4.14
CA LEU B 103 -10.64 38.94 3.77
C LEU B 103 -11.54 38.81 4.99
N LYS B 104 -12.84 39.06 4.86
CA LYS B 104 -13.76 38.51 5.91
C LYS B 104 -14.44 37.28 5.32
N ALA B 105 -13.93 36.10 5.60
CA ALA B 105 -14.43 34.85 4.97
C ALA B 105 -15.81 34.46 5.54
N ASP B 106 -16.67 33.81 4.77
CA ASP B 106 -18.02 33.52 5.31
C ASP B 106 -18.64 32.28 4.67
N ASN B 107 -17.78 31.44 4.10
CA ASN B 107 -18.21 30.23 3.39
C ASN B 107 -17.18 29.10 3.47
N MET B 108 -17.55 28.08 4.22
CA MET B 108 -16.64 26.97 4.50
C MET B 108 -16.22 26.25 3.18
N PHE B 109 -17.06 26.42 2.17
CA PHE B 109 -17.09 25.66 0.94
C PHE B 109 -16.39 26.39 -0.18
N VAL B 110 -15.80 27.55 0.13
CA VAL B 110 -15.16 28.42 -0.84
C VAL B 110 -13.64 28.47 -0.61
N GLY B 111 -12.86 28.36 -1.69
CA GLY B 111 -11.41 28.59 -1.67
C GLY B 111 -11.18 30.08 -1.92
N TYR B 112 -10.21 30.67 -1.24
CA TYR B 112 -9.92 32.09 -1.45
C TYR B 112 -8.49 32.28 -1.90
N THR B 113 -8.28 33.14 -2.88
CA THR B 113 -6.95 33.44 -3.41
C THR B 113 -6.78 34.93 -3.29
N LEU B 114 -5.77 35.36 -2.53
CA LEU B 114 -5.64 36.77 -2.11
C LEU B 114 -4.30 37.36 -2.56
N PRO B 115 -4.30 38.51 -3.32
CA PRO B 115 -3.02 39.15 -3.74
C PRO B 115 -2.37 39.76 -2.53
N VAL B 116 -1.10 39.42 -2.25
CA VAL B 116 -0.46 39.92 -1.00
C VAL B 116 0.99 40.46 -1.13
N LYS B 117 1.52 40.52 -2.34
CA LYS B 117 2.88 41.02 -2.56
C LYS B 117 3.13 42.36 -1.81
N SER B 118 2.22 43.32 -1.95
CA SER B 118 2.39 44.65 -1.42
C SER B 118 2.09 44.73 0.12
N VAL B 119 1.58 43.66 0.73
CA VAL B 119 1.52 43.67 2.18
C VAL B 119 2.67 42.87 2.86
N LEU B 120 3.44 42.11 2.08
CA LEU B 120 4.47 41.26 2.66
C LEU B 120 5.74 42.07 2.96
N ARG B 121 6.54 41.59 3.91
CA ARG B 121 7.74 42.32 4.34
C ARG B 121 8.90 41.35 4.27
N LYS B 122 10.07 41.85 3.89
CA LYS B 122 11.24 40.98 3.90
C LYS B 122 11.50 40.64 5.34
N GLY B 123 11.86 39.38 5.60
CA GLY B 123 11.97 38.92 6.99
C GLY B 123 10.65 38.38 7.51
N GLU B 124 10.35 38.67 8.76
N GLU B 124 10.41 38.60 8.80
CA GLU B 124 9.18 38.13 9.47
CA GLU B 124 9.18 38.24 9.56
C GLU B 124 7.85 38.76 9.11
C GLU B 124 7.89 38.76 8.91
N ASN B 125 6.87 37.89 8.87
CA ASN B 125 5.50 38.26 8.45
C ASN B 125 4.56 37.53 9.39
N HIS B 126 3.46 38.18 9.77
CA HIS B 126 2.57 37.64 10.80
C HIS B 126 1.17 37.50 10.24
N LEU B 127 0.63 36.29 10.30
CA LEU B 127 -0.70 35.99 9.79
C LEU B 127 -1.54 35.67 11.02
N TYR B 128 -2.64 36.37 11.20
CA TYR B 128 -3.52 36.15 12.32
CA TYR B 128 -3.53 36.14 12.35
C TYR B 128 -4.94 35.96 11.79
N ILE B 129 -5.66 34.94 12.30
CA ILE B 129 -7.02 34.72 11.81
C ILE B 129 -7.96 34.67 13.01
N TYR B 130 -9.03 35.47 12.97
CA TYR B 130 -10.02 35.55 14.03
C TYR B 130 -11.28 34.84 13.55
N PHE B 131 -11.56 33.67 14.15
CA PHE B 131 -12.79 32.92 13.88
C PHE B 131 -13.92 33.29 14.85
N HIS B 132 -14.92 33.98 14.34
CA HIS B 132 -16.14 34.21 15.12
C HIS B 132 -16.93 32.90 15.29
N SER B 133 -17.40 32.64 16.51
CA SER B 133 -18.39 31.60 16.76
C SER B 133 -19.50 31.70 15.68
N PRO B 134 -19.71 30.60 14.94
CA PRO B 134 -20.77 30.57 13.96
C PRO B 134 -22.11 30.69 14.67
N ILE B 135 -22.17 30.27 15.94
CA ILE B 135 -23.38 30.44 16.78
C ILE B 135 -23.69 31.93 17.12
N ARG B 136 -22.78 32.57 17.86
N ARG B 136 -22.77 32.53 17.87
CA ARG B 136 -23.00 33.96 18.24
CA ARG B 136 -22.83 33.94 18.27
C ARG B 136 -22.95 34.92 17.04
C ARG B 136 -22.92 34.88 17.07
N GLN B 137 -22.26 34.53 15.97
CA GLN B 137 -22.39 35.28 14.73
C GLN B 137 -23.82 35.30 14.13
N THR B 138 -24.53 34.18 14.22
CA THR B 138 -25.89 34.09 13.57
C THR B 138 -27.07 34.22 14.58
N LEU B 139 -26.77 34.28 15.85
CA LEU B 139 -27.81 34.65 16.82
C LEU B 139 -28.60 35.93 16.49
N PRO B 140 -27.92 37.05 16.12
CA PRO B 140 -28.69 38.25 15.75
C PRO B 140 -29.50 38.08 14.48
N GLN B 141 -28.99 37.27 13.56
CA GLN B 141 -29.67 36.96 12.33
C GLN B 141 -30.95 36.17 12.58
N TYR B 142 -30.81 35.17 13.42
CA TYR B 142 -31.93 34.39 13.95
C TYR B 142 -32.99 35.32 14.59
N ALA B 143 -32.56 36.21 15.48
CA ALA B 143 -33.44 37.19 16.19
C ALA B 143 -34.19 38.08 15.22
N SER B 144 -33.53 38.51 14.16
CA SER B 144 -34.18 39.30 13.14
C SER B 144 -35.22 38.55 12.28
N ASN B 145 -35.20 37.21 12.30
CA ASN B 145 -35.90 36.41 11.27
C ASN B 145 -37.40 36.25 11.49
N GLY B 146 -37.79 36.21 12.76
CA GLY B 146 -39.19 36.07 13.10
C GLY B 146 -39.73 34.65 13.15
N PHE B 147 -38.97 33.64 12.68
CA PHE B 147 -39.38 32.24 12.80
C PHE B 147 -38.13 31.36 12.92
N ASN B 148 -38.31 30.14 13.42
CA ASN B 148 -37.25 29.16 13.50
C ASN B 148 -37.38 28.23 12.29
N TYR B 149 -36.32 28.12 11.48
CA TYR B 149 -36.33 27.16 10.35
C TYR B 149 -36.44 25.73 10.89
N PRO B 150 -37.22 24.87 10.21
CA PRO B 150 -37.47 23.50 10.71
C PRO B 150 -36.33 22.50 10.41
N ALA B 151 -35.12 22.83 10.83
CA ALA B 151 -33.97 21.96 10.64
C ALA B 151 -33.86 21.10 11.88
N ASP B 152 -34.73 20.11 11.95
CA ASP B 152 -34.79 19.17 13.07
C ASP B 152 -33.48 18.41 13.38
N ASN B 153 -32.60 18.20 12.38
CA ASN B 153 -31.26 17.61 12.60
C ASN B 153 -30.22 18.58 13.19
N ASP B 154 -30.51 19.87 13.17
CA ASP B 154 -29.76 20.87 13.95
C ASP B 154 -30.15 20.75 15.43
N HIS B 155 -29.25 20.21 16.22
CA HIS B 155 -29.51 19.79 17.61
C HIS B 155 -29.32 20.92 18.61
N HIS B 156 -30.19 21.91 18.51
CA HIS B 156 -30.15 23.08 19.36
C HIS B 156 -31.54 23.61 19.20
N GLU B 157 -32.06 24.30 20.21
CA GLU B 157 -33.42 24.92 20.14
C GLU B 157 -33.51 25.96 19.03
N LYS B 158 -32.40 26.66 18.83
CA LYS B 158 -32.26 27.58 17.70
C LYS B 158 -31.55 26.89 16.53
N HIS B 159 -32.17 26.92 15.36
CA HIS B 159 -31.66 26.23 14.19
C HIS B 159 -30.91 27.18 13.28
N LEU B 160 -29.69 27.39 13.70
CA LEU B 160 -28.82 28.42 13.17
C LEU B 160 -28.06 27.95 11.92
N SER B 161 -27.96 26.64 11.73
CA SER B 161 -27.25 26.10 10.57
C SER B 161 -27.70 26.71 9.29
N VAL B 162 -29.00 27.00 9.11
CA VAL B 162 -29.49 27.45 7.82
C VAL B 162 -28.90 28.80 7.39
N PHE B 163 -28.42 29.54 8.39
CA PHE B 163 -27.86 30.84 8.16
C PHE B 163 -26.42 30.76 7.64
N SER B 164 -25.73 29.68 8.00
CA SER B 164 -24.33 29.57 7.65
C SER B 164 -24.03 28.60 6.50
N ARG B 165 -23.16 29.00 5.57
CA ARG B 165 -22.60 28.06 4.59
C ARG B 165 -21.48 27.28 5.28
N LYS B 166 -21.87 26.18 5.95
CA LYS B 166 -21.02 25.40 6.83
C LYS B 166 -21.64 23.99 6.86
N ALA B 167 -20.81 22.94 6.87
CA ALA B 167 -21.26 21.55 6.84
C ALA B 167 -22.56 21.34 7.67
N PRO B 168 -23.72 21.03 7.01
CA PRO B 168 -24.93 20.88 7.86
C PRO B 168 -24.81 19.90 9.03
N TYR B 169 -24.12 18.77 8.83
CA TYR B 169 -24.02 17.71 9.85
C TYR B 169 -23.17 18.11 11.07
N SER B 170 -22.39 19.19 10.96
CA SER B 170 -21.59 19.65 12.08
C SER B 170 -22.49 20.08 13.23
N TYR B 171 -23.74 20.44 12.92
CA TYR B 171 -24.74 20.90 13.91
C TYR B 171 -25.48 19.72 14.53
N GLY B 172 -25.06 18.53 14.11
CA GLY B 172 -25.67 17.27 14.55
C GLY B 172 -26.42 16.64 13.39
N TRP B 173 -26.63 15.34 13.43
CA TRP B 173 -27.54 14.67 12.50
C TRP B 173 -28.15 13.41 13.17
N ASP B 174 -29.12 12.76 12.53
CA ASP B 174 -29.73 11.51 13.13
C ASP B 174 -28.77 10.28 13.17
N TRP B 175 -27.52 10.48 12.73
CA TRP B 175 -26.47 9.46 12.91
C TRP B 175 -25.22 10.11 13.45
N GLY B 176 -25.34 11.35 13.93
CA GLY B 176 -24.12 12.18 14.12
C GLY B 176 -24.03 13.00 15.39
N ILE B 177 -22.81 13.19 15.86
CA ILE B 177 -22.51 14.04 17.02
C ILE B 177 -22.50 15.56 16.62
N ARG B 178 -22.95 16.43 17.52
CA ARG B 178 -22.89 17.86 17.29
C ARG B 178 -21.48 18.36 17.71
N MET B 179 -20.72 18.80 16.72
CA MET B 179 -19.39 19.33 16.93
C MET B 179 -19.26 20.50 15.96
N VAL B 180 -19.79 21.64 16.39
CA VAL B 180 -19.82 22.85 15.59
C VAL B 180 -18.43 23.50 15.70
N THR B 181 -17.53 23.01 14.84
CA THR B 181 -16.13 23.32 14.95
C THR B 181 -15.79 24.53 14.07
N SER B 182 -14.51 24.93 14.12
CA SER B 182 -13.99 26.05 13.39
C SER B 182 -12.56 25.74 13.00
N GLY B 183 -11.97 26.54 12.10
CA GLY B 183 -10.55 26.43 11.84
C GLY B 183 -10.19 26.47 10.36
N VAL B 184 -8.89 26.32 10.10
CA VAL B 184 -8.29 26.29 8.77
C VAL B 184 -8.37 24.83 8.40
N TRP B 185 -9.50 24.44 7.80
CA TRP B 185 -9.82 23.03 7.62
C TRP B 185 -9.23 22.36 6.36
N ARG B 186 -8.70 23.19 5.44
CA ARG B 186 -7.92 22.78 4.27
C ARG B 186 -6.61 23.63 4.13
N PRO B 187 -5.67 23.25 3.21
CA PRO B 187 -4.33 23.83 3.27
C PRO B 187 -4.24 25.32 2.91
N VAL B 188 -3.21 25.95 3.45
CA VAL B 188 -2.90 27.35 3.23
C VAL B 188 -1.55 27.32 2.58
N THR B 189 -1.41 28.11 1.54
CA THR B 189 -0.26 28.07 0.67
C THR B 189 0.03 29.49 0.19
N LEU B 190 1.31 29.79 0.03
CA LEU B 190 1.75 31.03 -0.58
C LEU B 190 2.44 30.72 -1.90
N ARG B 191 2.02 31.40 -2.96
CA ARG B 191 2.56 31.17 -4.29
C ARG B 191 3.29 32.41 -4.80
N PHE B 192 4.56 32.25 -5.15
CA PHE B 192 5.40 33.32 -5.66
C PHE B 192 5.61 33.06 -7.12
N TYR B 193 5.24 34.01 -7.98
CA TYR B 193 5.21 33.66 -9.42
C TYR B 193 5.59 34.85 -10.30
N ASP B 194 5.93 34.60 -11.56
CA ASP B 194 6.11 35.69 -12.49
C ASP B 194 5.03 35.73 -13.56
N ILE B 195 4.74 36.96 -14.02
CA ILE B 195 3.81 37.25 -15.14
C ILE B 195 2.33 36.95 -14.82
N ALA B 196 2.00 35.67 -14.61
CA ALA B 196 0.58 35.28 -14.51
C ALA B 196 0.41 33.96 -13.83
N THR B 197 -0.84 33.63 -13.51
CA THR B 197 -1.21 32.31 -13.01
C THR B 197 -2.39 31.84 -13.87
N ILE B 198 -2.53 30.52 -14.03
CA ILE B 198 -3.75 29.94 -14.58
C ILE B 198 -4.79 29.88 -13.47
N SER B 199 -5.84 30.71 -13.52
CA SER B 199 -6.84 30.62 -12.46
CA SER B 199 -6.87 30.66 -12.49
C SER B 199 -7.76 29.43 -12.68
N ASP B 200 -7.94 28.99 -13.92
CA ASP B 200 -8.78 27.84 -14.15
C ASP B 200 -8.34 27.18 -15.44
N TYR B 201 -8.34 25.86 -15.42
CA TYR B 201 -8.22 25.16 -16.67
C TYR B 201 -9.33 24.14 -16.75
N TYR B 202 -10.08 24.22 -17.84
CA TYR B 202 -11.18 23.31 -18.02
C TYR B 202 -11.04 22.58 -19.36
N VAL B 203 -10.94 21.26 -19.32
CA VAL B 203 -10.95 20.50 -20.55
C VAL B 203 -12.40 20.14 -20.92
N ARG B 204 -12.97 20.85 -21.90
CA ARG B 204 -14.36 20.59 -22.34
C ARG B 204 -14.46 19.58 -23.47
N GLN B 205 -15.25 18.56 -23.25
CA GLN B 205 -15.41 17.52 -24.22
C GLN B 205 -16.49 17.93 -25.18
N LEU B 206 -16.11 18.09 -26.45
CA LEU B 206 -17.00 18.57 -27.51
C LEU B 206 -17.76 17.39 -28.03
N SER B 207 -17.00 16.36 -28.41
CA SER B 207 -17.60 15.16 -28.95
C SER B 207 -16.69 13.99 -28.66
N LEU B 208 -17.31 12.80 -28.58
CA LEU B 208 -16.53 11.61 -28.45
C LEU B 208 -17.11 10.47 -29.28
N THR B 209 -16.30 9.85 -30.14
CA THR B 209 -16.69 8.61 -30.84
C THR B 209 -15.55 7.57 -30.72
N ASP B 210 -15.72 6.37 -31.27
CA ASP B 210 -14.65 5.37 -31.21
C ASP B 210 -13.47 5.86 -32.02
N GLU B 211 -13.76 6.76 -32.97
CA GLU B 211 -12.73 7.28 -33.89
C GLU B 211 -12.02 8.50 -33.35
N ASN B 212 -12.71 9.36 -32.62
CA ASN B 212 -12.13 10.64 -32.32
C ASN B 212 -12.75 11.27 -31.09
N ALA B 213 -11.89 11.88 -30.27
CA ALA B 213 -12.39 12.73 -29.20
C ALA B 213 -12.05 14.19 -29.52
N ARG B 214 -13.01 15.09 -29.39
CA ARG B 214 -12.71 16.49 -29.63
C ARG B 214 -12.88 17.31 -28.34
N LEU B 215 -11.78 17.94 -27.92
CA LEU B 215 -11.67 18.72 -26.71
C LEU B 215 -11.42 20.19 -26.98
N SER B 216 -11.88 21.00 -26.05
CA SER B 216 -11.60 22.39 -26.07
C SER B 216 -11.00 22.72 -24.73
N ASN B 217 -9.75 23.18 -24.77
CA ASN B 217 -8.97 23.55 -23.61
C ASN B 217 -9.18 25.00 -23.23
N GLU B 218 -9.94 25.22 -22.17
CA GLU B 218 -10.34 26.57 -21.77
C GLU B 218 -9.60 27.03 -20.56
N LEU B 219 -8.81 28.07 -20.78
CA LEU B 219 -7.98 28.66 -19.75
C LEU B 219 -8.39 30.07 -19.39
N ILE B 220 -8.36 30.33 -18.09
CA ILE B 220 -8.48 31.67 -17.57
C ILE B 220 -7.12 31.96 -16.95
N VAL B 221 -6.45 32.94 -17.50
CA VAL B 221 -5.14 33.34 -17.06
C VAL B 221 -5.22 34.77 -16.47
N ASN B 222 -4.72 34.91 -15.24
CA ASN B 222 -4.70 36.18 -14.57
C ASN B 222 -3.27 36.78 -14.53
N GLN B 223 -3.10 37.83 -15.31
CA GLN B 223 -1.82 38.45 -15.48
C GLN B 223 -1.71 39.60 -14.50
N ILE B 224 -0.59 39.64 -13.77
CA ILE B 224 -0.36 40.57 -12.65
C ILE B 224 0.53 41.77 -13.05
N VAL B 225 1.16 41.71 -14.22
CA VAL B 225 2.07 42.79 -14.61
C VAL B 225 1.34 43.81 -15.49
N PRO B 226 1.87 45.05 -15.54
CA PRO B 226 1.14 46.10 -16.26
C PRO B 226 1.27 46.06 -17.77
N GLN B 227 2.32 45.44 -18.30
CA GLN B 227 2.52 45.55 -19.76
C GLN B 227 1.78 44.43 -20.54
N LYS B 228 1.49 44.66 -21.83
CA LYS B 228 0.99 43.56 -22.68
C LYS B 228 2.16 42.54 -22.79
N ILE B 229 1.84 41.24 -22.71
CA ILE B 229 2.91 40.24 -22.69
C ILE B 229 2.66 39.19 -23.77
N PRO B 230 3.58 39.11 -24.75
CA PRO B 230 3.50 37.97 -25.69
C PRO B 230 3.85 36.63 -25.02
N ALA B 231 3.01 35.63 -25.31
CA ALA B 231 3.12 34.32 -24.70
C ALA B 231 2.70 33.29 -25.72
N GLU B 232 3.10 32.04 -25.44
CA GLU B 232 2.62 30.88 -26.15
C GLU B 232 1.96 29.91 -25.19
N VAL B 233 0.72 29.57 -25.49
CA VAL B 233 -0.01 28.55 -24.73
C VAL B 233 0.24 27.18 -25.37
N ARG B 234 0.75 26.22 -24.58
CA ARG B 234 0.93 24.84 -25.02
C ARG B 234 0.03 23.85 -24.26
N VAL B 235 -0.62 22.97 -25.00
CA VAL B 235 -1.35 21.87 -24.37
C VAL B 235 -0.78 20.54 -24.80
N ASN B 236 -0.22 19.83 -23.82
CA ASN B 236 0.26 18.44 -24.03
C ASN B 236 -0.75 17.44 -23.47
N VAL B 237 -1.15 16.51 -24.34
CA VAL B 237 -2.02 15.41 -24.03
C VAL B 237 -1.23 14.11 -24.12
N SER B 238 -1.14 13.43 -22.96
CA SER B 238 -0.37 12.20 -22.83
CA SER B 238 -0.41 12.18 -22.94
C SER B 238 -1.18 11.05 -22.27
N LEU B 239 -0.73 9.81 -22.51
CA LEU B 239 -1.39 8.65 -21.94
C LEU B 239 -0.30 7.71 -21.48
N ASN B 240 -0.24 7.55 -20.16
CA ASN B 240 0.73 6.65 -19.54
C ASN B 240 2.16 7.01 -19.94
N GLY B 241 2.44 8.31 -19.98
CA GLY B 241 3.82 8.75 -20.13
C GLY B 241 4.25 8.95 -21.56
N THR B 242 3.32 8.82 -22.50
CA THR B 242 3.63 9.09 -23.92
C THR B 242 2.70 10.16 -24.49
N THR B 243 3.29 11.22 -25.04
CA THR B 243 2.51 12.26 -25.71
C THR B 243 1.66 11.65 -26.82
N VAL B 244 0.34 11.91 -26.77
CA VAL B 244 -0.53 11.55 -27.88
C VAL B 244 -0.78 12.76 -28.80
N THR B 245 -0.89 13.95 -28.22
CA THR B 245 -1.14 15.16 -29.01
C THR B 245 -0.65 16.41 -28.32
N GLU B 246 -0.12 17.35 -29.11
CA GLU B 246 0.46 18.59 -28.63
C GLU B 246 -0.12 19.77 -29.43
N VAL B 247 -0.76 20.73 -28.78
CA VAL B 247 -1.27 21.93 -29.47
C VAL B 247 -0.65 23.19 -28.83
N LYS B 248 -0.59 24.26 -29.62
CA LYS B 248 -0.07 25.57 -29.22
C LYS B 248 -0.74 26.75 -29.92
N GLN B 249 -0.58 27.92 -29.33
CA GLN B 249 -1.24 29.10 -29.81
C GLN B 249 -0.45 30.28 -29.25
N GLN B 250 -0.05 31.23 -30.12
CA GLN B 250 0.47 32.54 -29.71
C GLN B 250 -0.67 33.40 -29.21
N VAL B 251 -0.46 34.06 -28.09
CA VAL B 251 -1.44 34.99 -27.54
C VAL B 251 -0.64 36.21 -27.05
N THR B 252 -1.32 37.32 -26.82
CA THR B 252 -0.75 38.41 -26.07
C THR B 252 -1.62 38.54 -24.84
N LEU B 253 -1.01 38.38 -23.68
CA LEU B 253 -1.73 38.53 -22.45
C LEU B 253 -1.91 40.01 -22.11
N GLN B 254 -3.12 40.39 -21.67
CA GLN B 254 -3.33 41.73 -21.10
C GLN B 254 -3.42 41.69 -19.55
N PRO B 255 -3.14 42.80 -18.88
CA PRO B 255 -3.29 42.81 -17.42
C PRO B 255 -4.68 42.31 -16.95
N GLY B 256 -4.70 41.57 -15.85
CA GLY B 256 -5.94 40.95 -15.36
C GLY B 256 -6.29 39.68 -16.12
N ILE B 257 -7.60 39.49 -16.32
CA ILE B 257 -8.20 38.27 -16.78
C ILE B 257 -8.08 38.11 -18.28
N ASN B 258 -7.61 36.94 -18.69
CA ASN B 258 -7.47 36.58 -20.07
C ASN B 258 -8.24 35.27 -20.26
N HIS B 259 -9.00 35.16 -21.35
CA HIS B 259 -9.70 33.91 -21.69
C HIS B 259 -9.10 33.37 -22.97
N ILE B 260 -8.59 32.14 -22.90
CA ILE B 260 -7.92 31.50 -24.00
C ILE B 260 -8.56 30.14 -24.24
N THR B 261 -8.80 29.81 -25.50
CA THR B 261 -9.32 28.51 -25.90
C THR B 261 -8.44 27.87 -26.99
N LEU B 262 -7.96 26.64 -26.75
CA LEU B 262 -7.28 25.83 -27.78
C LEU B 262 -7.97 24.49 -27.94
N PRO B 263 -8.26 24.13 -29.19
CA PRO B 263 -8.87 22.84 -29.38
C PRO B 263 -7.81 21.72 -29.39
N ALA B 264 -8.24 20.50 -29.13
CA ALA B 264 -7.34 19.34 -29.30
C ALA B 264 -8.17 18.08 -29.62
N GLU B 265 -7.58 17.14 -30.35
CA GLU B 265 -8.30 15.93 -30.74
C GLU B 265 -7.49 14.74 -30.29
N VAL B 266 -8.16 13.74 -29.75
CA VAL B 266 -7.46 12.47 -29.53
C VAL B 266 -8.08 11.47 -30.50
N THR B 267 -7.29 10.93 -31.43
CA THR B 267 -7.78 9.92 -32.40
C THR B 267 -7.76 8.57 -31.75
N ASN B 268 -8.76 7.73 -32.05
CA ASN B 268 -8.86 6.38 -31.45
C ASN B 268 -8.78 6.38 -29.91
N PRO B 269 -9.53 7.27 -29.29
CA PRO B 269 -9.39 7.49 -27.84
C PRO B 269 -9.71 6.22 -27.01
N VAL B 270 -8.97 6.04 -25.94
CA VAL B 270 -9.23 4.90 -25.01
C VAL B 270 -10.18 5.40 -23.93
N ARG B 271 -11.35 4.79 -23.87
CA ARG B 271 -12.40 5.27 -23.02
C ARG B 271 -12.15 5.01 -21.54
N TRP B 272 -12.65 5.93 -20.72
CA TRP B 272 -12.78 5.68 -19.29
C TRP B 272 -14.03 4.82 -19.10
N MET B 273 -13.84 3.67 -18.42
N MET B 273 -13.87 3.65 -18.46
CA MET B 273 -14.92 2.75 -18.03
CA MET B 273 -15.01 2.77 -18.12
C MET B 273 -15.25 2.84 -16.54
C MET B 273 -15.25 2.77 -16.60
N PRO B 274 -16.54 2.63 -16.18
CA PRO B 274 -16.90 2.54 -14.76
C PRO B 274 -16.51 1.15 -14.21
N ASN B 275 -16.41 1.04 -12.89
CA ASN B 275 -15.92 -0.17 -12.25
C ASN B 275 -16.80 -1.33 -12.69
N GLY B 276 -16.14 -2.39 -13.18
CA GLY B 276 -16.83 -3.58 -13.68
C GLY B 276 -16.93 -3.68 -15.20
N TRP B 277 -16.79 -2.54 -15.89
CA TRP B 277 -16.86 -2.50 -17.35
C TRP B 277 -15.46 -2.33 -18.02
N GLY B 278 -14.40 -2.26 -17.24
CA GLY B 278 -13.07 -2.15 -17.87
C GLY B 278 -12.19 -1.18 -17.09
N THR B 279 -11.16 -0.64 -17.77
CA THR B 279 -10.17 0.28 -17.20
C THR B 279 -10.72 1.69 -17.08
N PRO B 280 -10.56 2.28 -15.89
CA PRO B 280 -10.89 3.71 -15.77
C PRO B 280 -9.74 4.56 -16.34
N THR B 281 -9.50 4.47 -17.65
CA THR B 281 -8.41 5.17 -18.36
C THR B 281 -8.40 6.67 -18.18
N LEU B 282 -7.28 7.20 -17.71
CA LEU B 282 -7.06 8.60 -17.54
C LEU B 282 -5.90 9.09 -18.39
N TYR B 283 -6.22 10.10 -19.19
CA TYR B 283 -5.20 10.87 -19.86
C TYR B 283 -4.70 12.02 -18.95
N ASP B 284 -3.47 12.43 -19.20
CA ASP B 284 -2.86 13.61 -18.61
C ASP B 284 -2.92 14.80 -19.55
N PHE B 285 -3.70 15.82 -19.18
CA PHE B 285 -3.77 17.08 -19.96
C PHE B 285 -3.02 18.15 -19.23
N SER B 286 -1.95 18.66 -19.86
CA SER B 286 -1.13 19.71 -19.24
C SER B 286 -1.12 21.02 -20.04
N ALA B 287 -1.54 22.10 -19.39
CA ALA B 287 -1.64 23.39 -20.04
C ALA B 287 -0.52 24.25 -19.49
N GLN B 288 0.26 24.85 -20.40
CA GLN B 288 1.42 25.68 -20.05
C GLN B 288 1.33 27.08 -20.65
N ILE B 289 1.71 28.09 -19.86
CA ILE B 289 1.95 29.47 -20.36
C ILE B 289 3.45 29.70 -20.46
N ALA B 290 3.92 29.81 -21.70
CA ALA B 290 5.36 30.05 -22.00
C ALA B 290 5.60 31.50 -22.31
N CYS B 291 6.46 32.16 -21.55
CA CYS B 291 6.87 33.53 -21.79
C CYS B 291 8.37 33.51 -22.06
N GLY B 292 8.73 33.62 -23.33
CA GLY B 292 10.09 33.22 -23.73
C GLY B 292 10.26 31.73 -23.62
N ASP B 293 11.38 31.36 -22.98
N ASP B 293 11.32 31.27 -22.97
CA ASP B 293 11.76 30.02 -22.50
CA ASP B 293 11.45 29.84 -22.64
C ASP B 293 10.92 29.55 -21.31
C ASP B 293 11.22 29.60 -21.13
N ARG B 294 10.50 30.51 -20.46
CA ARG B 294 10.03 30.26 -19.08
C ARG B 294 8.58 29.76 -19.11
N ILE B 295 8.31 28.64 -18.43
CA ILE B 295 6.94 28.15 -18.20
C ILE B 295 6.54 28.84 -16.94
N VAL B 296 5.89 30.00 -17.08
CA VAL B 296 5.55 30.85 -15.93
C VAL B 296 4.38 30.25 -15.18
N ALA B 297 3.59 29.44 -15.89
CA ALA B 297 2.40 28.83 -15.32
C ALA B 297 2.06 27.52 -15.99
N GLU B 298 1.64 26.54 -15.19
CA GLU B 298 1.27 25.21 -15.69
C GLU B 298 0.17 24.65 -14.83
N GLN B 299 -0.81 24.02 -15.45
CA GLN B 299 -1.91 23.30 -14.76
C GLN B 299 -2.29 22.01 -15.50
N SER B 300 -2.44 20.93 -14.74
CA SER B 300 -2.66 19.57 -15.22
C SER B 300 -3.95 19.03 -14.63
N HIS B 301 -4.68 18.25 -15.44
CA HIS B 301 -5.79 17.43 -14.96
C HIS B 301 -5.64 16.05 -15.59
N ARG B 302 -6.05 15.07 -14.80
CA ARG B 302 -6.35 13.75 -15.27
C ARG B 302 -7.75 13.76 -15.89
N ILE B 303 -7.85 13.25 -17.11
CA ILE B 303 -9.07 13.33 -17.89
C ILE B 303 -9.50 11.95 -18.34
N GLY B 304 -10.75 11.60 -18.06
CA GLY B 304 -11.29 10.37 -18.60
C GLY B 304 -12.15 10.77 -19.77
N LEU B 305 -11.98 10.09 -20.90
CA LEU B 305 -12.79 10.34 -22.10
C LEU B 305 -13.98 9.39 -22.07
N ARG B 306 -15.17 9.91 -21.81
CA ARG B 306 -16.36 9.09 -21.78
C ARG B 306 -17.55 10.01 -21.96
N THR B 307 -18.71 9.42 -22.26
CA THR B 307 -19.93 10.15 -22.18
C THR B 307 -20.74 9.58 -21.04
N ILE B 308 -21.32 10.48 -20.27
CA ILE B 308 -22.30 10.17 -19.26
C ILE B 308 -23.52 11.02 -19.56
N ARG B 309 -24.64 10.35 -19.68
CA ARG B 309 -25.93 10.99 -19.95
C ARG B 309 -26.93 10.36 -18.98
N VAL B 310 -27.56 11.21 -18.17
CA VAL B 310 -28.61 10.81 -17.29
C VAL B 310 -29.88 10.92 -18.12
N VAL B 311 -30.56 9.80 -18.35
CA VAL B 311 -31.82 9.83 -19.07
C VAL B 311 -33.03 9.97 -18.10
N ASN B 312 -33.78 11.05 -18.23
CA ASN B 312 -34.89 11.38 -17.31
C ASN B 312 -36.05 11.83 -18.23
N GLU B 313 -36.90 10.87 -18.58
CA GLU B 313 -37.88 11.12 -19.61
C GLU B 313 -39.17 10.42 -19.32
N LYS B 314 -40.27 11.01 -19.79
CA LYS B 314 -41.59 10.39 -19.74
C LYS B 314 -41.54 9.12 -20.51
N ASP B 315 -42.03 8.05 -19.90
CA ASP B 315 -42.23 6.80 -20.60
C ASP B 315 -43.51 6.15 -20.10
N LYS B 316 -43.75 4.92 -20.57
CA LYS B 316 -44.99 4.20 -20.34
C LYS B 316 -45.20 3.91 -18.85
N ASP B 317 -44.11 3.91 -18.08
CA ASP B 317 -44.14 3.65 -16.62
C ASP B 317 -44.10 4.89 -15.73
N GLY B 318 -44.08 6.10 -16.32
CA GLY B 318 -43.95 7.33 -15.57
C GLY B 318 -42.80 8.21 -16.09
N GLU B 319 -41.67 8.26 -15.37
CA GLU B 319 -40.47 9.03 -15.81
C GLU B 319 -39.24 8.27 -15.41
N SER B 320 -38.45 7.86 -16.42
CA SER B 320 -37.24 7.08 -16.20
C SER B 320 -36.20 7.89 -15.42
N PHE B 321 -35.20 7.19 -14.87
CA PHE B 321 -34.05 7.89 -14.26
C PHE B 321 -32.91 6.92 -14.28
N TYR B 322 -32.09 6.97 -15.33
CA TYR B 322 -30.89 6.14 -15.40
C TYR B 322 -29.62 6.80 -16.00
N PHE B 323 -28.48 6.17 -15.76
CA PHE B 323 -27.24 6.62 -16.33
C PHE B 323 -26.87 5.79 -17.58
N GLU B 324 -26.53 6.51 -18.63
CA GLU B 324 -26.04 5.92 -19.83
C GLU B 324 -24.56 6.27 -19.88
N VAL B 325 -23.71 5.25 -19.89
CA VAL B 325 -22.27 5.45 -19.89
C VAL B 325 -21.67 4.87 -21.17
N ASN B 326 -20.93 5.71 -21.92
CA ASN B 326 -20.37 5.41 -23.23
C ASN B 326 -21.43 4.79 -24.10
N GLY B 327 -22.65 5.31 -24.00
CA GLY B 327 -23.77 4.93 -24.84
C GLY B 327 -24.53 3.71 -24.32
N ILE B 328 -24.06 3.07 -23.26
CA ILE B 328 -24.69 1.86 -22.70
C ILE B 328 -25.39 2.14 -21.37
N PRO B 329 -26.71 1.76 -21.24
CA PRO B 329 -27.39 1.97 -19.95
C PRO B 329 -26.73 1.14 -18.85
N MET B 330 -26.37 1.81 -17.76
CA MET B 330 -25.55 1.20 -16.71
C MET B 330 -26.40 1.19 -15.45
N PHE B 331 -26.67 0.00 -14.96
CA PHE B 331 -27.43 -0.12 -13.71
C PHE B 331 -26.46 0.30 -12.59
N ALA B 332 -26.89 1.29 -11.81
CA ALA B 332 -26.10 1.83 -10.67
C ALA B 332 -26.17 0.95 -9.41
N LYS B 333 -25.03 0.75 -8.80
CA LYS B 333 -24.82 -0.09 -7.63
C LYS B 333 -23.87 0.67 -6.75
N GLY B 334 -24.38 1.14 -5.61
CA GLY B 334 -23.53 1.86 -4.69
C GLY B 334 -24.23 2.28 -3.39
N ALA B 335 -23.84 3.42 -2.87
CA ALA B 335 -24.31 3.84 -1.55
C ALA B 335 -24.19 5.35 -1.38
N ASN B 336 -24.83 5.85 -0.33
CA ASN B 336 -24.75 7.24 0.01
C ASN B 336 -23.62 7.46 0.98
N TYR B 337 -22.83 8.50 0.71
CA TYR B 337 -21.62 8.81 1.46
C TYR B 337 -21.84 10.05 2.31
N ILE B 338 -21.44 9.93 3.59
CA ILE B 338 -21.46 11.02 4.55
C ILE B 338 -20.01 11.34 4.95
N PRO B 339 -19.75 12.45 5.68
CA PRO B 339 -18.34 12.68 6.12
C PRO B 339 -17.76 11.53 6.94
N GLN B 340 -16.44 11.30 6.84
CA GLN B 340 -15.78 10.17 7.51
C GLN B 340 -15.41 10.47 8.94
N ASP B 341 -15.71 11.68 9.33
CA ASP B 341 -15.35 12.14 10.66
C ASP B 341 -16.13 13.39 11.01
N ALA B 342 -16.33 13.57 12.33
CA ALA B 342 -16.84 14.82 12.89
C ALA B 342 -15.83 15.93 12.73
N LEU B 343 -14.54 15.56 12.71
CA LEU B 343 -13.45 16.54 12.48
C LEU B 343 -12.81 16.26 11.13
N LEU B 344 -13.22 17.03 10.12
CA LEU B 344 -12.87 16.69 8.70
C LEU B 344 -11.37 16.55 8.43
N PRO B 345 -10.53 17.47 8.95
CA PRO B 345 -9.11 17.31 8.66
C PRO B 345 -8.44 16.09 9.31
N ASN B 346 -9.13 15.40 10.22
CA ASN B 346 -8.57 14.14 10.79
C ASN B 346 -8.58 13.03 9.77
N VAL B 347 -9.37 13.18 8.69
CA VAL B 347 -9.41 12.09 7.71
C VAL B 347 -8.13 12.07 6.84
N THR B 348 -7.35 10.99 6.92
CA THR B 348 -6.07 10.96 6.26
C THR B 348 -6.21 10.41 4.85
N THR B 349 -5.13 10.55 4.11
CA THR B 349 -5.07 9.97 2.77
C THR B 349 -5.38 8.48 2.76
N GLU B 350 -4.76 7.76 3.67
CA GLU B 350 -5.00 6.33 3.89
C GLU B 350 -6.46 5.97 4.09
N ARG B 351 -7.16 6.75 4.90
CA ARG B 351 -8.59 6.49 5.19
C ARG B 351 -9.43 6.68 3.93
N TYR B 352 -9.18 7.76 3.18
CA TYR B 352 -9.80 7.92 1.86
C TYR B 352 -9.50 6.72 0.91
N GLN B 353 -8.23 6.38 0.75
CA GLN B 353 -7.84 5.20 -0.05
C GLN B 353 -8.56 3.90 0.37
N THR B 354 -8.57 3.61 1.67
CA THR B 354 -9.27 2.40 2.18
C THR B 354 -10.76 2.39 1.83
N LEU B 355 -11.40 3.51 2.09
CA LEU B 355 -12.85 3.66 1.77
C LEU B 355 -13.16 3.40 0.29
N PHE B 356 -12.35 3.94 -0.60
CA PHE B 356 -12.45 3.60 -2.05
C PHE B 356 -12.14 2.12 -2.34
N ARG B 357 -11.18 1.56 -1.62
CA ARG B 357 -10.94 0.09 -1.70
C ARG B 357 -12.24 -0.68 -1.32
N ASP B 358 -12.87 -0.26 -0.23
CA ASP B 358 -14.10 -0.88 0.24
C ASP B 358 -15.24 -0.82 -0.77
N MET B 359 -15.41 0.33 -1.46
CA MET B 359 -16.45 0.49 -2.48
C MET B 359 -16.08 -0.33 -3.72
N LYS B 360 -14.81 -0.24 -4.13
CA LYS B 360 -14.36 -1.03 -5.31
C LYS B 360 -14.55 -2.52 -5.09
N GLU B 361 -14.07 -3.01 -3.94
CA GLU B 361 -14.23 -4.43 -3.56
C GLU B 361 -15.71 -4.92 -3.39
N ALA B 362 -16.65 -4.02 -3.05
CA ALA B 362 -18.12 -4.37 -3.04
C ALA B 362 -18.77 -4.28 -4.39
N ASN B 363 -17.97 -4.09 -5.44
CA ASN B 363 -18.46 -4.09 -6.84
C ASN B 363 -19.31 -2.86 -7.16
N MET B 364 -19.08 -1.76 -6.44
CA MET B 364 -19.88 -0.55 -6.67
C MET B 364 -19.36 0.25 -7.88
N ASN B 365 -20.26 1.02 -8.48
CA ASN B 365 -19.93 1.80 -9.62
C ASN B 365 -20.43 3.25 -9.42
N MET B 366 -21.02 3.51 -8.25
CA MET B 366 -21.58 4.84 -7.95
C MET B 366 -21.58 5.17 -6.46
N VAL B 367 -21.30 6.44 -6.14
CA VAL B 367 -21.52 6.98 -4.79
C VAL B 367 -22.28 8.33 -4.86
N ARG B 368 -23.26 8.55 -3.96
CA ARG B 368 -23.86 9.88 -3.77
C ARG B 368 -23.12 10.60 -2.62
N ILE B 369 -22.54 11.76 -2.94
CA ILE B 369 -22.09 12.72 -1.92
C ILE B 369 -23.31 13.54 -1.44
N TRP B 370 -23.92 13.06 -0.35
CA TRP B 370 -25.24 13.58 0.08
C TRP B 370 -25.04 15.01 0.69
N GLY B 371 -26.06 15.83 0.50
CA GLY B 371 -25.98 17.26 0.71
C GLY B 371 -25.95 17.76 2.16
N GLY B 372 -25.83 16.91 3.16
CA GLY B 372 -25.55 17.43 4.51
C GLY B 372 -24.10 17.35 4.92
N GLY B 373 -23.20 16.97 3.99
CA GLY B 373 -21.74 16.88 4.27
C GLY B 373 -20.90 18.06 3.77
N THR B 374 -19.89 17.75 2.96
CA THR B 374 -19.11 18.77 2.28
C THR B 374 -19.00 18.39 0.82
N TYR B 375 -18.77 19.37 -0.05
CA TYR B 375 -18.11 19.10 -1.34
C TYR B 375 -16.75 18.50 -1.00
N GLU B 376 -16.55 17.24 -1.34
CA GLU B 376 -15.34 16.54 -0.91
C GLU B 376 -14.01 17.06 -1.48
N ASN B 377 -12.91 16.60 -0.90
CA ASN B 377 -11.66 17.13 -1.24
C ASN B 377 -11.25 16.61 -2.64
N ASN B 378 -10.13 17.12 -3.18
CA ASN B 378 -9.74 16.77 -4.55
C ASN B 378 -9.35 15.28 -4.62
N LEU B 379 -8.73 14.76 -3.56
CA LEU B 379 -8.42 13.32 -3.44
C LEU B 379 -9.61 12.39 -3.58
N PHE B 380 -10.69 12.66 -2.87
CA PHE B 380 -11.93 11.94 -3.01
C PHE B 380 -12.26 11.73 -4.51
N TYR B 381 -12.38 12.82 -5.27
CA TYR B 381 -12.75 12.67 -6.72
C TYR B 381 -11.64 12.01 -7.58
N ASP B 382 -10.39 12.27 -7.23
CA ASP B 382 -9.27 11.64 -7.88
C ASP B 382 -9.37 10.13 -7.66
N LEU B 383 -9.73 9.72 -6.43
CA LEU B 383 -9.92 8.29 -6.17
C LEU B 383 -11.10 7.66 -6.89
N ALA B 384 -12.24 8.34 -6.94
CA ALA B 384 -13.34 7.87 -7.77
C ALA B 384 -12.91 7.79 -9.24
N ASP B 385 -12.11 8.75 -9.70
CA ASP B 385 -11.65 8.77 -11.11
C ASP B 385 -10.88 7.46 -11.44
N GLU B 386 -9.96 7.10 -10.57
CA GLU B 386 -9.09 5.97 -10.83
C GLU B 386 -9.64 4.61 -10.42
N ASN B 387 -10.84 4.59 -9.83
CA ASN B 387 -11.51 3.35 -9.41
C ASN B 387 -12.81 3.13 -10.15
N GLY B 388 -13.12 4.00 -11.13
CA GLY B 388 -14.30 3.84 -11.99
C GLY B 388 -15.61 3.98 -11.23
N ILE B 389 -15.63 4.86 -10.23
CA ILE B 389 -16.85 5.06 -9.45
C ILE B 389 -17.54 6.39 -9.82
N LEU B 390 -18.73 6.35 -10.44
CA LEU B 390 -19.43 7.62 -10.75
C LEU B 390 -19.82 8.37 -9.46
N VAL B 391 -19.75 9.70 -9.52
CA VAL B 391 -20.09 10.56 -8.41
C VAL B 391 -21.39 11.36 -8.68
N TRP B 392 -22.38 11.14 -7.81
CA TRP B 392 -23.55 12.01 -7.73
C TRP B 392 -23.30 13.09 -6.63
N GLN B 393 -23.23 14.37 -7.04
CA GLN B 393 -22.90 15.43 -6.09
C GLN B 393 -24.13 16.29 -5.73
N ASP B 394 -24.63 16.13 -4.51
CA ASP B 394 -25.61 17.11 -4.01
C ASP B 394 -24.85 18.41 -3.79
N PHE B 395 -25.53 19.52 -4.00
CA PHE B 395 -25.09 20.78 -3.35
C PHE B 395 -25.33 20.66 -1.83
N MET B 396 -24.66 21.47 -1.02
CA MET B 396 -24.76 21.24 0.43
C MET B 396 -25.99 21.88 1.08
N PHE B 397 -27.16 21.32 0.74
CA PHE B 397 -28.48 21.73 1.29
C PHE B 397 -29.29 20.47 1.60
N ALA B 398 -29.73 20.32 2.84
CA ALA B 398 -30.43 19.07 3.23
C ALA B 398 -31.57 19.29 4.22
N CYS B 399 -32.75 18.85 3.82
CA CYS B 399 -33.87 18.49 4.75
C CYS B 399 -34.63 19.66 5.37
N THR B 400 -34.23 20.89 5.05
CA THR B 400 -34.99 22.07 5.46
C THR B 400 -34.99 23.07 4.34
N PRO B 401 -36.06 23.91 4.27
CA PRO B 401 -35.89 25.08 3.43
C PRO B 401 -34.78 25.98 4.03
N TYR B 402 -34.21 26.80 3.16
CA TYR B 402 -33.12 27.71 3.48
C TYR B 402 -33.60 29.13 3.16
N PRO B 403 -32.93 30.15 3.72
CA PRO B 403 -33.10 31.53 3.28
C PRO B 403 -32.87 31.66 1.77
N SER B 404 -33.32 32.79 1.20
CA SER B 404 -33.27 33.01 -0.20
C SER B 404 -33.22 34.51 -0.50
N ASP B 405 -32.75 35.27 0.50
CA ASP B 405 -32.52 36.71 0.36
C ASP B 405 -31.29 36.90 -0.57
N PRO B 406 -31.18 38.08 -1.23
CA PRO B 406 -30.09 38.33 -2.18
C PRO B 406 -28.70 38.14 -1.62
N THR B 407 -28.44 38.54 -0.38
CA THR B 407 -27.08 38.36 0.16
C THR B 407 -26.74 36.89 0.38
N PHE B 408 -27.73 36.08 0.76
CA PHE B 408 -27.47 34.65 0.99
C PHE B 408 -27.24 33.92 -0.36
N LEU B 409 -28.03 34.30 -1.36
CA LEU B 409 -27.94 33.75 -2.73
C LEU B 409 -26.61 34.09 -3.43
N LYS B 410 -26.12 35.29 -3.16
CA LYS B 410 -24.80 35.73 -3.60
C LYS B 410 -23.68 34.84 -3.02
N ARG B 411 -23.68 34.55 -1.73
CA ARG B 411 -22.84 33.54 -1.08
C ARG B 411 -22.89 32.11 -1.69
N VAL B 412 -24.09 31.57 -1.85
CA VAL B 412 -24.32 30.28 -2.54
C VAL B 412 -23.81 30.31 -3.96
N GLU B 413 -24.02 31.42 -4.65
CA GLU B 413 -23.49 31.58 -6.01
C GLU B 413 -22.00 31.36 -6.07
N ALA B 414 -21.28 32.03 -5.16
CA ALA B 414 -19.84 31.91 -5.04
C ALA B 414 -19.43 30.46 -4.81
N GLU B 415 -20.12 29.78 -3.91
CA GLU B 415 -19.72 28.41 -3.61
C GLU B 415 -20.09 27.48 -4.76
N ALA B 416 -21.23 27.73 -5.41
CA ALA B 416 -21.58 26.95 -6.59
C ALA B 416 -20.50 27.07 -7.64
N VAL B 417 -20.17 28.31 -8.02
CA VAL B 417 -19.20 28.58 -9.06
C VAL B 417 -17.85 27.94 -8.67
N TYR B 418 -17.37 28.22 -7.45
CA TYR B 418 -16.13 27.69 -6.95
C TYR B 418 -16.07 26.15 -7.07
N ASN B 419 -17.05 25.46 -6.49
CA ASN B 419 -17.00 24.00 -6.54
C ASN B 419 -17.24 23.31 -7.88
N ILE B 420 -18.03 23.94 -8.74
CA ILE B 420 -18.24 23.43 -10.06
C ILE B 420 -16.92 23.45 -10.84
N ARG B 421 -16.24 24.57 -10.80
CA ARG B 421 -14.98 24.73 -11.52
C ARG B 421 -13.95 23.80 -10.94
N ARG B 422 -13.95 23.67 -9.63
CA ARG B 422 -13.00 22.75 -8.93
C ARG B 422 -13.20 21.29 -9.38
N LEU B 423 -14.45 20.90 -9.63
CA LEU B 423 -14.80 19.47 -9.83
C LEU B 423 -15.09 19.03 -11.26
N ARG B 424 -15.28 20.00 -12.16
CA ARG B 424 -15.82 19.69 -13.48
C ARG B 424 -14.89 18.95 -14.47
N ASN B 425 -13.63 18.73 -14.11
CA ASN B 425 -12.75 17.96 -14.99
C ASN B 425 -12.60 16.51 -14.57
N HIS B 426 -13.26 16.11 -13.49
CA HIS B 426 -13.16 14.72 -13.00
C HIS B 426 -14.08 13.82 -13.82
N ALA B 427 -13.47 12.79 -14.40
CA ALA B 427 -14.15 11.73 -15.10
C ALA B 427 -15.36 11.12 -14.35
N SER B 428 -15.18 10.90 -13.04
CA SER B 428 -16.20 10.33 -12.14
C SER B 428 -17.42 11.22 -11.93
N LEU B 429 -17.27 12.54 -12.04
CA LEU B 429 -18.43 13.40 -11.77
C LEU B 429 -19.55 13.15 -12.78
N ALA B 430 -20.74 12.77 -12.30
CA ALA B 430 -21.81 12.35 -13.21
C ALA B 430 -23.00 13.32 -13.30
N MET B 431 -23.24 14.05 -12.22
CA MET B 431 -24.48 14.85 -12.13
C MET B 431 -24.45 15.69 -10.87
N TRP B 432 -25.25 16.76 -10.84
CA TRP B 432 -25.44 17.61 -9.69
C TRP B 432 -26.86 17.51 -9.23
N CYS B 433 -27.09 17.61 -7.93
CA CYS B 433 -28.46 17.60 -7.40
C CYS B 433 -28.60 18.77 -6.38
N GLY B 434 -29.63 19.61 -6.58
CA GLY B 434 -29.85 20.79 -5.71
C GLY B 434 -29.75 20.58 -4.22
N ASN B 435 -30.39 19.50 -3.75
CA ASN B 435 -30.54 19.29 -2.32
C ASN B 435 -31.02 17.87 -2.02
N ASN B 436 -30.84 17.50 -0.77
CA ASN B 436 -31.53 16.35 -0.23
C ASN B 436 -32.87 16.71 0.42
N GLU B 437 -33.96 16.27 -0.21
CA GLU B 437 -35.26 16.12 0.44
C GLU B 437 -35.99 17.41 0.81
N ILE B 438 -35.60 18.54 0.23
CA ILE B 438 -36.24 19.82 0.62
C ILE B 438 -37.63 19.98 0.01
N LEU B 439 -37.82 19.66 -1.26
CA LEU B 439 -39.17 19.69 -1.82
C LEU B 439 -40.06 18.68 -1.11
N GLU B 440 -39.51 17.54 -0.78
CA GLU B 440 -40.21 16.54 0.05
C GLU B 440 -40.68 17.08 1.42
N ALA B 441 -39.76 17.72 2.11
CA ALA B 441 -40.02 18.37 3.39
C ALA B 441 -41.12 19.45 3.30
N LEU B 442 -41.01 20.32 2.32
CA LEU B 442 -42.01 21.32 2.00
C LEU B 442 -43.41 20.74 1.67
N LYS B 443 -43.45 19.61 0.98
CA LYS B 443 -44.73 19.00 0.58
C LYS B 443 -45.36 18.06 1.62
N TYR B 444 -44.52 17.33 2.36
CA TYR B 444 -45.01 16.18 3.12
C TYR B 444 -44.66 16.13 4.60
N TRP B 445 -43.78 17.00 5.08
CA TRP B 445 -43.33 16.87 6.48
C TRP B 445 -44.14 17.70 7.49
N GLY B 446 -45.28 18.22 7.03
CA GLY B 446 -46.25 18.97 7.86
C GLY B 446 -45.80 20.38 8.25
N PHE B 447 -45.13 21.07 7.33
CA PHE B 447 -44.53 22.38 7.67
C PHE B 447 -45.43 23.43 8.31
N GLU B 448 -46.73 23.50 8.05
CA GLU B 448 -47.45 24.24 7.04
C GLU B 448 -48.57 24.40 8.13
N LYS B 449 -48.56 23.45 9.07
CA LYS B 449 -49.19 23.65 10.37
C LYS B 449 -48.20 24.29 11.38
N LYS B 450 -46.94 24.51 10.97
CA LYS B 450 -45.88 25.08 11.85
C LYS B 450 -45.64 26.55 11.55
N PHE B 451 -46.12 27.04 10.41
CA PHE B 451 -45.79 28.41 9.99
C PHE B 451 -47.04 29.11 9.51
N THR B 452 -47.08 30.42 9.76
CA THR B 452 -48.14 31.28 9.24
C THR B 452 -48.21 31.06 7.75
N PRO B 453 -49.40 31.17 7.14
CA PRO B 453 -49.41 30.96 5.69
C PRO B 453 -48.41 31.85 4.95
N GLU B 454 -48.12 33.03 5.49
CA GLU B 454 -47.29 34.01 4.78
C GLU B 454 -45.84 33.52 4.76
N VAL B 455 -45.35 33.04 5.91
CA VAL B 455 -44.02 32.42 6.02
C VAL B 455 -43.87 31.17 5.17
N TYR B 456 -44.89 30.30 5.18
CA TYR B 456 -44.96 29.16 4.26
C TYR B 456 -44.79 29.54 2.76
N GLN B 457 -45.66 30.40 2.24
CA GLN B 457 -45.51 30.83 0.85
C GLN B 457 -44.15 31.44 0.53
N GLY B 458 -43.60 32.14 1.52
CA GLY B 458 -42.26 32.70 1.40
C GLY B 458 -41.21 31.60 1.22
N LEU B 459 -41.36 30.53 1.98
CA LEU B 459 -40.47 29.37 1.87
C LEU B 459 -40.57 28.66 0.52
N MET B 460 -41.81 28.51 0.02
CA MET B 460 -42.08 27.99 -1.35
C MET B 460 -41.41 28.76 -2.47
N HIS B 461 -41.57 30.10 -2.44
CA HIS B 461 -40.92 30.98 -3.40
C HIS B 461 -39.40 30.98 -3.27
N GLY B 462 -38.89 30.96 -2.04
CA GLY B 462 -37.45 30.81 -1.82
C GLY B 462 -36.86 29.52 -2.40
N TYR B 463 -37.63 28.41 -2.32
CA TYR B 463 -37.21 27.12 -2.90
C TYR B 463 -36.86 27.32 -4.35
N ASP B 464 -37.80 27.92 -5.10
CA ASP B 464 -37.63 28.13 -6.51
C ASP B 464 -36.46 29.03 -6.84
N LYS B 465 -36.27 30.12 -6.09
CA LYS B 465 -35.15 31.05 -6.31
C LYS B 465 -33.80 30.33 -6.24
N LEU B 466 -33.67 29.47 -5.23
CA LEU B 466 -32.41 28.75 -4.99
C LEU B 466 -32.25 27.56 -5.97
N PHE B 467 -33.24 26.66 -5.97
CA PHE B 467 -33.07 25.36 -6.57
C PHE B 467 -33.61 25.20 -7.96
N ARG B 468 -34.59 26.01 -8.34
CA ARG B 468 -35.04 26.01 -9.72
C ARG B 468 -34.48 27.16 -10.54
N GLU B 469 -33.71 28.07 -9.94
CA GLU B 469 -33.22 29.21 -10.71
C GLU B 469 -31.71 29.38 -10.55
N LEU B 470 -31.24 29.78 -9.38
CA LEU B 470 -29.80 30.00 -9.18
C LEU B 470 -28.92 28.73 -9.45
N LEU B 471 -29.18 27.61 -8.77
CA LEU B 471 -28.32 26.43 -8.93
C LEU B 471 -28.32 25.84 -10.36
N PRO B 472 -29.52 25.61 -10.99
CA PRO B 472 -29.52 25.14 -12.39
C PRO B 472 -28.91 26.11 -13.40
N SER B 473 -29.10 27.44 -13.26
CA SER B 473 -28.42 28.40 -14.17
CA SER B 473 -28.44 28.32 -14.23
C SER B 473 -26.91 28.30 -14.09
N THR B 474 -26.40 28.06 -12.87
CA THR B 474 -24.96 28.02 -12.62
C THR B 474 -24.39 26.76 -13.23
N VAL B 475 -25.10 25.66 -13.07
CA VAL B 475 -24.70 24.41 -13.72
C VAL B 475 -24.74 24.56 -15.23
N LYS B 476 -25.80 25.17 -15.73
CA LYS B 476 -25.92 25.40 -17.18
C LYS B 476 -24.75 26.25 -17.68
N GLU B 477 -24.38 27.29 -16.91
CA GLU B 477 -23.24 28.13 -17.29
C GLU B 477 -21.85 27.46 -17.19
N PHE B 478 -21.61 26.68 -16.13
CA PHE B 478 -20.23 26.27 -15.84
C PHE B 478 -19.98 24.78 -16.02
N ASP B 479 -21.08 24.02 -16.16
CA ASP B 479 -20.97 22.58 -16.40
C ASP B 479 -22.08 22.08 -17.35
N SER B 480 -22.13 22.63 -18.57
CA SER B 480 -23.34 22.48 -19.43
C SER B 480 -23.71 21.09 -19.95
N ASP B 481 -22.71 20.20 -20.08
CA ASP B 481 -22.95 18.81 -20.44
C ASP B 481 -23.29 17.86 -19.26
N ARG B 482 -23.34 18.37 -18.03
CA ARG B 482 -23.73 17.54 -16.91
C ARG B 482 -25.17 17.78 -16.45
N PHE B 483 -25.81 16.71 -16.03
CA PHE B 483 -27.18 16.76 -15.63
C PHE B 483 -27.33 17.44 -14.28
N TYR B 484 -28.37 18.28 -14.12
CA TYR B 484 -28.83 18.79 -12.81
C TYR B 484 -30.27 18.37 -12.51
N VAL B 485 -30.55 18.03 -11.26
CA VAL B 485 -31.94 17.90 -10.82
C VAL B 485 -32.11 18.72 -9.55
N HIS B 486 -33.26 19.36 -9.38
CA HIS B 486 -33.45 20.32 -8.27
C HIS B 486 -33.44 19.72 -6.87
N SER B 487 -33.77 18.43 -6.73
CA SER B 487 -33.87 17.78 -5.44
C SER B 487 -33.78 16.27 -5.57
N SER B 488 -33.40 15.62 -4.48
CA SER B 488 -33.56 14.17 -4.38
C SER B 488 -34.30 13.83 -3.10
N PRO B 489 -35.49 13.17 -3.21
CA PRO B 489 -36.19 12.65 -4.42
C PRO B 489 -36.92 13.75 -5.13
N TYR B 490 -36.81 13.82 -6.44
CA TYR B 490 -37.36 15.02 -7.07
C TYR B 490 -38.93 15.04 -7.07
N LEU B 491 -39.57 13.86 -7.08
CA LEU B 491 -41.06 13.87 -7.05
C LEU B 491 -41.68 12.75 -6.21
N ALA B 492 -41.11 11.56 -6.33
CA ALA B 492 -41.61 10.40 -5.65
C ALA B 492 -41.46 10.55 -4.17
N ASN B 493 -42.45 10.01 -3.47
CA ASN B 493 -42.50 10.01 -2.03
C ASN B 493 -42.99 8.62 -1.57
N TRP B 494 -42.40 8.10 -0.50
CA TRP B 494 -42.61 6.70 -0.13
C TRP B 494 -44.04 6.41 0.36
N GLY B 495 -44.76 7.46 0.78
CA GLY B 495 -46.12 7.33 1.29
C GLY B 495 -47.12 7.58 0.19
N ARG B 496 -46.62 7.83 -1.03
CA ARG B 496 -47.45 8.06 -2.20
C ARG B 496 -47.20 6.95 -3.28
N PRO B 497 -47.94 5.82 -3.18
CA PRO B 497 -47.60 4.71 -4.10
C PRO B 497 -47.72 5.09 -5.56
N GLU B 498 -48.55 6.08 -5.91
CA GLU B 498 -48.75 6.41 -7.30
C GLU B 498 -47.62 7.27 -7.86
N SER B 499 -46.70 7.73 -6.98
CA SER B 499 -45.52 8.52 -7.41
C SER B 499 -44.25 7.70 -7.71
N TRP B 500 -44.32 6.39 -7.47
CA TRP B 500 -43.14 5.55 -7.48
C TRP B 500 -42.61 5.35 -8.86
N GLY B 501 -43.48 5.53 -9.86
CA GLY B 501 -43.11 5.35 -11.26
C GLY B 501 -42.43 6.56 -11.84
N THR B 502 -42.30 7.60 -11.02
CA THR B 502 -41.79 8.92 -11.46
C THR B 502 -40.45 9.29 -10.80
N GLY B 503 -39.35 9.03 -11.50
CA GLY B 503 -38.01 9.49 -11.05
C GLY B 503 -37.34 8.64 -9.99
N ASP B 504 -36.40 9.22 -9.24
CA ASP B 504 -35.72 8.50 -8.17
C ASP B 504 -36.57 8.44 -6.85
N SER B 505 -36.39 7.37 -6.05
CA SER B 505 -37.02 7.25 -4.70
C SER B 505 -36.04 7.18 -3.58
N HIS B 506 -36.37 7.90 -2.50
CA HIS B 506 -35.96 7.58 -1.12
C HIS B 506 -37.04 6.68 -0.41
N ASN B 507 -36.89 5.37 -0.54
CA ASN B 507 -37.91 4.49 0.04
C ASN B 507 -37.64 4.27 1.49
N TRP B 508 -38.28 5.09 2.33
CA TRP B 508 -38.14 4.95 3.76
C TRP B 508 -39.37 4.24 4.39
N GLY B 509 -40.21 3.62 3.56
CA GLY B 509 -41.26 2.71 4.02
C GLY B 509 -40.65 1.55 4.81
N VAL B 510 -39.55 1.01 4.33
CA VAL B 510 -38.72 0.15 5.19
C VAL B 510 -37.97 1.09 6.15
N TRP B 511 -37.88 0.70 7.42
CA TRP B 511 -37.39 1.50 8.51
C TRP B 511 -38.47 2.48 9.02
N TYR B 512 -38.58 3.68 8.46
CA TYR B 512 -39.58 4.66 8.97
C TYR B 512 -41.05 4.20 8.92
N GLY B 513 -41.48 3.58 7.82
CA GLY B 513 -42.90 3.16 7.70
C GLY B 513 -43.11 1.75 8.24
N LYS B 514 -42.05 1.19 8.82
CA LYS B 514 -42.05 -0.18 9.39
C LYS B 514 -42.42 -1.34 8.47
N LYS B 515 -42.38 -1.12 7.15
CA LYS B 515 -42.72 -2.18 6.19
C LYS B 515 -41.73 -3.33 6.27
N PRO B 516 -42.20 -4.53 5.99
CA PRO B 516 -41.23 -5.61 6.01
C PRO B 516 -40.28 -5.53 4.82
N PHE B 517 -39.15 -6.24 4.93
CA PHE B 517 -38.16 -6.25 3.87
C PHE B 517 -38.71 -6.78 2.58
N GLU B 518 -39.72 -7.67 2.69
CA GLU B 518 -40.44 -8.22 1.54
C GLU B 518 -41.11 -7.17 0.71
N SER B 519 -41.56 -6.07 1.32
CA SER B 519 -42.21 -4.99 0.56
C SER B 519 -41.34 -4.45 -0.60
N LEU B 520 -40.03 -4.67 -0.52
CA LEU B 520 -39.05 -4.12 -1.49
C LEU B 520 -39.10 -4.88 -2.80
N ASP B 521 -39.74 -6.07 -2.78
CA ASP B 521 -40.02 -6.88 -3.95
C ASP B 521 -41.20 -6.32 -4.74
N THR B 522 -42.10 -5.61 -4.06
CA THR B 522 -43.31 -5.09 -4.71
C THR B 522 -43.33 -3.57 -4.91
N ASP B 523 -42.63 -2.84 -4.03
CA ASP B 523 -42.67 -1.38 -4.05
C ASP B 523 -41.37 -0.88 -4.74
N LEU B 524 -41.37 -0.97 -6.06
CA LEU B 524 -40.19 -0.76 -6.87
C LEU B 524 -40.09 0.68 -7.32
N PRO B 525 -38.86 1.22 -7.36
CA PRO B 525 -38.72 2.56 -7.86
C PRO B 525 -38.08 2.49 -9.27
N ARG B 526 -37.94 3.64 -9.92
CA ARG B 526 -37.28 3.72 -11.21
C ARG B 526 -35.79 3.76 -10.96
N PHE B 527 -35.44 4.17 -9.74
CA PHE B 527 -34.06 4.28 -9.31
C PHE B 527 -34.12 4.49 -7.80
N MET B 528 -33.40 3.68 -7.02
CA MET B 528 -33.43 3.86 -5.55
C MET B 528 -32.22 4.71 -5.14
N SER B 529 -32.44 6.00 -4.82
CA SER B 529 -31.30 6.82 -4.43
C SER B 529 -31.05 6.81 -2.91
N GLU B 530 -32.02 6.28 -2.16
CA GLU B 530 -31.90 5.97 -0.74
C GLU B 530 -32.88 4.85 -0.33
N PHE B 531 -32.41 3.98 0.55
CA PHE B 531 -33.24 3.10 1.39
C PHE B 531 -32.24 2.51 2.39
N GLY B 532 -32.76 2.12 3.55
CA GLY B 532 -31.79 1.81 4.60
C GLY B 532 -32.34 1.17 5.85
N PHE B 533 -31.43 0.66 6.65
CA PHE B 533 -31.83 -0.06 7.85
C PHE B 533 -30.71 0.03 8.83
N GLN B 534 -31.04 0.28 10.10
CA GLN B 534 -30.03 0.62 11.09
C GLN B 534 -29.40 -0.64 11.72
N SER B 535 -28.17 -0.54 12.20
CA SER B 535 -27.63 -1.55 13.08
C SER B 535 -26.58 -0.97 14.05
N PHE B 536 -26.53 -1.61 15.23
CA PHE B 536 -25.45 -1.43 16.17
C PHE B 536 -24.18 -1.91 15.51
N PRO B 537 -23.06 -1.19 15.73
CA PRO B 537 -21.80 -1.71 15.23
C PRO B 537 -21.32 -2.87 16.09
N GLU B 538 -20.35 -3.63 15.60
CA GLU B 538 -19.90 -4.80 16.36
C GLU B 538 -19.29 -4.44 17.73
N MET B 539 -19.17 -5.42 18.62
CA MET B 539 -18.69 -5.18 20.01
C MET B 539 -17.41 -4.36 20.21
N LYS B 540 -16.37 -4.60 19.40
CA LYS B 540 -15.12 -3.80 19.53
C LYS B 540 -15.31 -2.30 19.28
N THR B 541 -16.25 -1.95 18.41
CA THR B 541 -16.65 -0.52 18.31
C THR B 541 -17.45 -0.04 19.50
N ILE B 542 -18.40 -0.86 19.97
CA ILE B 542 -19.17 -0.49 21.17
C ILE B 542 -18.21 -0.28 22.35
N ALA B 543 -17.23 -1.17 22.48
CA ALA B 543 -16.18 -1.09 23.47
C ALA B 543 -15.39 0.22 23.34
N ALA B 544 -15.32 0.80 22.13
CA ALA B 544 -14.59 2.06 21.97
C ALA B 544 -15.35 3.25 22.58
N PHE B 545 -16.68 3.14 22.73
CA PHE B 545 -17.45 4.22 23.34
C PHE B 545 -18.13 3.91 24.67
N ALA B 546 -18.17 2.64 25.05
CA ALA B 546 -18.87 2.19 26.28
C ALA B 546 -18.03 1.23 27.15
N ALA B 547 -18.17 1.36 28.47
CA ALA B 547 -17.60 0.40 29.42
C ALA B 547 -18.60 -0.78 29.54
N PRO B 548 -18.13 -2.01 29.87
CA PRO B 548 -19.01 -3.19 29.96
C PRO B 548 -20.26 -2.99 30.80
N GLU B 549 -20.14 -2.22 31.87
CA GLU B 549 -21.29 -1.95 32.74
C GLU B 549 -22.45 -1.36 31.96
N ASP B 550 -22.16 -0.79 30.79
CA ASP B 550 -23.22 -0.07 30.04
C ASP B 550 -23.64 -0.76 28.75
N TYR B 551 -23.09 -1.97 28.53
CA TYR B 551 -23.55 -2.88 27.48
C TYR B 551 -25.01 -3.34 27.69
N GLN B 552 -25.94 -2.40 27.68
CA GLN B 552 -27.35 -2.72 27.53
C GLN B 552 -27.81 -1.81 26.40
N ILE B 553 -28.88 -2.19 25.68
CA ILE B 553 -29.42 -1.40 24.57
C ILE B 553 -29.80 0.02 25.00
N GLU B 554 -30.26 0.17 26.23
CA GLU B 554 -30.79 1.44 26.68
C GLU B 554 -30.05 2.02 27.88
N SER B 555 -28.78 1.66 28.09
CA SER B 555 -28.03 2.39 29.10
C SER B 555 -27.93 3.89 28.67
N GLU B 556 -27.54 4.76 29.60
CA GLU B 556 -27.38 6.18 29.27
C GLU B 556 -26.41 6.38 28.10
N VAL B 557 -25.28 5.68 28.19
CA VAL B 557 -24.20 5.74 27.23
C VAL B 557 -24.65 5.22 25.87
N MET B 558 -25.40 4.12 25.87
CA MET B 558 -25.88 3.56 24.63
C MET B 558 -26.85 4.49 23.95
N ASN B 559 -27.63 5.21 24.77
CA ASN B 559 -28.58 6.20 24.25
C ASN B 559 -27.83 7.42 23.68
N ALA B 560 -26.69 7.76 24.31
CA ALA B 560 -25.81 8.82 23.82
C ALA B 560 -25.39 8.56 22.36
N HIS B 561 -25.24 7.27 21.99
CA HIS B 561 -24.78 6.87 20.65
C HIS B 561 -25.82 6.25 19.75
N GLN B 562 -27.05 6.71 19.88
CA GLN B 562 -28.16 6.29 19.07
C GLN B 562 -28.97 7.55 18.92
N LYS B 563 -29.00 8.11 17.71
CA LYS B 563 -29.52 9.49 17.51
C LYS B 563 -30.82 9.39 16.77
N SER B 564 -31.29 8.16 16.69
CA SER B 564 -32.62 7.84 16.23
C SER B 564 -33.45 7.46 17.47
N SER B 565 -34.50 8.22 17.73
CA SER B 565 -35.32 8.00 18.92
C SER B 565 -36.19 6.75 18.83
N ILE B 566 -36.53 6.34 17.60
CA ILE B 566 -37.35 5.14 17.36
C ILE B 566 -36.52 3.88 17.08
N GLY B 567 -35.21 4.05 16.97
CA GLY B 567 -34.36 3.09 16.32
C GLY B 567 -34.22 1.79 17.04
N ASN B 568 -33.89 1.82 18.33
CA ASN B 568 -33.68 0.60 19.09
C ASN B 568 -34.90 -0.32 19.07
N SER B 569 -36.06 0.27 19.16
CA SER B 569 -37.24 -0.55 19.21
C SER B 569 -37.58 -1.07 17.81
N LEU B 570 -37.33 -0.26 16.77
CA LEU B 570 -37.56 -0.64 15.39
C LEU B 570 -36.69 -1.87 15.06
N ILE B 571 -35.44 -1.88 15.54
CA ILE B 571 -34.52 -2.99 15.31
C ILE B 571 -35.11 -4.26 15.94
N ARG B 572 -35.49 -4.16 17.21
CA ARG B 572 -36.07 -5.30 17.93
C ARG B 572 -37.36 -5.81 17.23
N THR B 573 -38.18 -4.87 16.75
CA THR B 573 -39.43 -5.19 16.01
C THR B 573 -39.18 -6.03 14.74
N TYR B 574 -38.23 -5.57 13.94
CA TYR B 574 -37.79 -6.26 12.72
C TYR B 574 -37.04 -7.53 13.09
N MET B 575 -36.24 -7.51 14.14
CA MET B 575 -35.55 -8.74 14.51
C MET B 575 -36.51 -9.93 14.75
N GLU B 576 -37.50 -9.70 15.61
CA GLU B 576 -38.60 -10.63 15.91
C GLU B 576 -39.26 -11.24 14.68
N ARG B 577 -39.29 -10.49 13.57
CA ARG B 577 -39.94 -11.03 12.36
C ARG B 577 -39.14 -12.18 11.73
N ASP B 578 -37.83 -12.21 11.92
CA ASP B 578 -37.00 -13.18 11.19
C ASP B 578 -36.11 -14.05 12.04
N TYR B 579 -35.93 -13.66 13.30
CA TYR B 579 -34.94 -14.21 14.22
C TYR B 579 -35.56 -14.29 15.58
N ILE B 580 -35.06 -15.26 16.32
CA ILE B 580 -35.28 -15.33 17.72
C ILE B 580 -34.39 -14.25 18.33
N ILE B 581 -35.02 -13.33 19.07
CA ILE B 581 -34.33 -12.27 19.81
C ILE B 581 -33.46 -12.83 20.93
N PRO B 582 -32.12 -12.64 20.83
CA PRO B 582 -31.26 -13.22 21.90
C PRO B 582 -31.36 -12.50 23.27
N GLU B 583 -30.98 -13.21 24.33
CA GLU B 583 -30.95 -12.66 25.68
C GLU B 583 -29.80 -11.70 25.91
N SER B 584 -28.58 -12.06 25.51
CA SER B 584 -27.46 -11.15 25.75
C SER B 584 -27.38 -9.97 24.74
N PHE B 585 -26.87 -8.85 25.25
CA PHE B 585 -26.49 -7.67 24.45
C PHE B 585 -25.53 -8.05 23.28
N GLU B 586 -24.54 -8.88 23.54
CA GLU B 586 -23.55 -9.24 22.54
C GLU B 586 -24.18 -10.04 21.41
N ASP B 587 -25.03 -10.98 21.78
CA ASP B 587 -25.78 -11.80 20.84
C ASP B 587 -26.80 -10.99 20.06
N PHE B 588 -27.48 -10.06 20.72
CA PHE B 588 -28.41 -9.16 20.02
C PHE B 588 -27.70 -8.27 18.95
N VAL B 589 -26.52 -7.77 19.31
CA VAL B 589 -25.70 -6.96 18.39
C VAL B 589 -25.31 -7.81 17.20
N TYR B 590 -24.79 -9.01 17.45
CA TYR B 590 -24.46 -9.94 16.38
C TYR B 590 -25.66 -10.27 15.46
N VAL B 591 -26.82 -10.59 16.05
CA VAL B 591 -27.99 -10.86 15.22
C VAL B 591 -28.46 -9.58 14.43
N GLY B 592 -28.35 -8.43 15.08
CA GLY B 592 -28.76 -7.16 14.45
C GLY B 592 -27.90 -6.89 13.21
N LEU B 593 -26.61 -7.27 13.22
CA LEU B 593 -25.76 -7.18 12.03
C LEU B 593 -26.25 -8.08 10.92
N VAL B 594 -26.64 -9.31 11.29
CA VAL B 594 -27.03 -10.30 10.32
C VAL B 594 -28.32 -9.83 9.63
N LEU B 595 -29.24 -9.34 10.45
CA LEU B 595 -30.56 -8.80 10.10
C LEU B 595 -30.51 -7.64 9.10
N GLN B 596 -29.78 -6.58 9.45
CA GLN B 596 -29.49 -5.45 8.53
C GLN B 596 -28.91 -5.94 7.19
N GLY B 597 -27.95 -6.86 7.24
CA GLY B 597 -27.35 -7.43 6.04
C GLY B 597 -28.33 -8.21 5.18
N GLN B 598 -29.08 -9.12 5.80
CA GLN B 598 -29.99 -10.02 5.12
C GLN B 598 -31.14 -9.27 4.56
N GLY B 599 -31.72 -8.34 5.33
CA GLY B 599 -32.90 -7.62 4.80
C GLY B 599 -32.52 -6.59 3.71
N MET B 600 -31.40 -5.88 3.92
CA MET B 600 -30.95 -4.89 2.90
C MET B 600 -30.57 -5.57 1.58
N ARG B 601 -29.83 -6.68 1.60
CA ARG B 601 -29.50 -7.32 0.31
CA ARG B 601 -29.48 -7.39 0.35
C ARG B 601 -30.70 -7.89 -0.41
N HIS B 602 -31.73 -8.29 0.37
CA HIS B 602 -32.97 -8.68 -0.25
C HIS B 602 -33.48 -7.53 -1.12
N GLY B 603 -33.41 -6.29 -0.64
CA GLY B 603 -33.82 -5.15 -1.45
C GLY B 603 -32.83 -4.89 -2.56
N LEU B 604 -31.54 -4.91 -2.28
CA LEU B 604 -30.53 -4.70 -3.35
C LEU B 604 -30.82 -5.66 -4.56
N GLU B 605 -31.07 -6.94 -4.24
CA GLU B 605 -31.50 -7.98 -5.22
C GLU B 605 -32.76 -7.69 -5.97
N ALA B 606 -33.81 -7.27 -5.26
CA ALA B 606 -35.09 -6.80 -5.90
C ALA B 606 -34.87 -5.70 -6.92
N HIS B 607 -33.98 -4.77 -6.57
CA HIS B 607 -33.69 -3.65 -7.49
C HIS B 607 -33.03 -4.08 -8.80
N ARG B 608 -31.91 -4.80 -8.71
CA ARG B 608 -31.29 -5.52 -9.87
C ARG B 608 -32.24 -6.43 -10.67
N ARG B 609 -32.92 -7.32 -9.98
CA ARG B 609 -33.88 -8.23 -10.64
C ARG B 609 -34.90 -7.49 -11.46
N ASN B 610 -35.25 -6.28 -11.01
CA ASN B 610 -36.29 -5.50 -11.69
C ASN B 610 -35.82 -4.43 -12.73
N ARG B 611 -34.56 -4.46 -13.12
CA ARG B 611 -34.10 -3.89 -14.37
C ARG B 611 -34.83 -4.39 -15.64
N PRO B 612 -35.20 -3.49 -16.60
CA PRO B 612 -34.88 -2.07 -16.65
C PRO B 612 -35.90 -1.13 -15.97
N TYR B 613 -36.97 -1.66 -15.36
CA TYR B 613 -37.93 -0.80 -14.66
C TYR B 613 -37.22 0.07 -13.62
N CYS B 614 -36.43 -0.60 -12.79
CA CYS B 614 -35.48 0.02 -11.87
C CYS B 614 -34.09 0.04 -12.50
N MET B 615 -33.36 1.12 -12.34
CA MET B 615 -32.05 1.26 -13.03
C MET B 615 -30.91 1.62 -12.10
N GLY B 616 -31.13 1.47 -10.81
CA GLY B 616 -30.10 1.77 -9.86
C GLY B 616 -30.55 1.64 -8.43
N THR B 617 -29.60 1.36 -7.55
CA THR B 617 -29.87 1.30 -6.14
C THR B 617 -28.64 1.82 -5.38
N LEU B 618 -28.85 2.87 -4.58
CA LEU B 618 -27.79 3.41 -3.69
C LEU B 618 -28.38 3.37 -2.31
N TYR B 619 -27.86 2.48 -1.47
CA TYR B 619 -28.36 2.39 -0.13
C TYR B 619 -27.84 3.49 0.81
N TRP B 620 -28.63 3.75 1.87
CA TRP B 620 -28.33 4.66 2.94
C TRP B 620 -27.89 3.74 4.11
N GLN B 621 -26.62 3.77 4.57
CA GLN B 621 -25.50 4.68 4.10
C GLN B 621 -24.22 3.85 4.07
N LEU B 622 -23.18 4.35 3.41
CA LEU B 622 -21.99 3.60 3.31
C LEU B 622 -21.26 3.60 4.65
N ASN B 623 -21.18 4.75 5.31
CA ASN B 623 -20.15 4.98 6.28
C ASN B 623 -20.62 5.80 7.47
N ASP B 624 -19.73 5.91 8.46
CA ASP B 624 -19.98 6.65 9.71
C ASP B 624 -18.90 7.72 10.00
N SER B 625 -19.31 8.79 10.69
CA SER B 625 -18.40 9.87 11.11
C SER B 625 -17.91 9.80 12.57
N TRP B 626 -18.49 8.85 13.32
CA TRP B 626 -18.09 8.56 14.74
C TRP B 626 -18.66 7.20 15.18
N PRO B 627 -18.20 6.64 16.35
CA PRO B 627 -18.79 5.35 16.80
C PRO B 627 -20.25 5.63 17.23
N VAL B 628 -21.20 4.97 16.55
CA VAL B 628 -22.61 5.31 16.71
C VAL B 628 -23.44 4.13 16.16
N VAL B 629 -24.70 4.03 16.59
CA VAL B 629 -25.71 3.18 15.90
C VAL B 629 -26.26 3.90 14.67
N SER B 630 -26.15 3.28 13.51
CA SER B 630 -26.56 3.92 12.26
C SER B 630 -26.88 2.91 11.17
N TRP B 631 -27.20 3.44 10.00
CA TRP B 631 -27.53 2.71 8.80
C TRP B 631 -26.30 2.28 7.98
N SER B 632 -25.09 2.54 8.48
CA SER B 632 -23.88 2.26 7.73
C SER B 632 -23.65 0.74 7.43
N SER B 633 -22.84 0.47 6.40
CA SER B 633 -22.38 -0.88 6.15
C SER B 633 -20.93 -1.08 6.61
N ILE B 634 -20.27 0.05 6.90
CA ILE B 634 -18.90 0.06 7.44
C ILE B 634 -18.95 1.01 8.64
N ASP B 635 -18.51 0.54 9.80
CA ASP B 635 -18.49 1.40 10.94
C ASP B 635 -17.33 2.42 10.90
N TYR B 636 -17.32 3.30 11.88
CA TYR B 636 -16.38 4.42 11.99
C TYR B 636 -14.92 3.98 11.89
N TYR B 637 -14.65 2.76 12.36
CA TYR B 637 -13.32 2.19 12.47
C TYR B 637 -12.98 1.39 11.25
N GLY B 638 -13.89 1.33 10.28
CA GLY B 638 -13.57 0.63 9.03
C GLY B 638 -13.94 -0.83 9.03
N ASN B 639 -14.63 -1.27 10.07
CA ASN B 639 -15.04 -2.68 10.14
C ASN B 639 -16.25 -2.86 9.24
N TRP B 640 -16.18 -3.80 8.29
CA TRP B 640 -17.29 -4.14 7.47
C TRP B 640 -18.38 -4.78 8.32
N LYS B 641 -19.57 -4.21 8.28
CA LYS B 641 -20.68 -4.90 8.89
C LYS B 641 -21.07 -6.01 7.91
N ALA B 642 -22.02 -6.84 8.32
CA ALA B 642 -22.60 -7.86 7.44
C ALA B 642 -23.10 -7.29 6.15
N LEU B 643 -23.76 -6.13 6.25
CA LEU B 643 -24.33 -5.49 5.08
C LEU B 643 -23.29 -5.26 4.00
N HIS B 644 -22.05 -5.02 4.40
CA HIS B 644 -21.07 -4.69 3.36
C HIS B 644 -20.63 -5.90 2.52
N TYR B 645 -20.52 -7.06 3.20
CA TYR B 645 -20.24 -8.35 2.53
C TYR B 645 -21.48 -8.67 1.71
N GLN B 646 -22.66 -8.53 2.29
CA GLN B 646 -23.91 -8.72 1.52
C GLN B 646 -24.10 -7.83 0.30
N ALA B 647 -23.66 -6.57 0.36
CA ALA B 647 -23.77 -5.64 -0.80
C ALA B 647 -22.81 -6.13 -1.85
N LYS B 648 -21.61 -6.53 -1.41
CA LYS B 648 -20.60 -7.10 -2.32
C LYS B 648 -21.14 -8.28 -3.15
N ARG B 649 -21.73 -9.23 -2.45
CA ARG B 649 -22.45 -10.34 -3.10
C ARG B 649 -23.62 -9.88 -3.96
N ALA B 650 -24.48 -8.99 -3.45
CA ALA B 650 -25.66 -8.56 -4.24
C ALA B 650 -25.28 -7.77 -5.46
N PHE B 651 -24.07 -7.18 -5.44
CA PHE B 651 -23.59 -6.34 -6.54
C PHE B 651 -22.68 -7.09 -7.55
N ALA B 652 -22.39 -8.37 -7.28
CA ALA B 652 -21.50 -9.18 -8.13
C ALA B 652 -21.98 -9.10 -9.58
N PRO B 653 -21.00 -8.97 -10.55
CA PRO B 653 -21.33 -8.81 -11.99
C PRO B 653 -22.33 -9.80 -12.52
N VAL B 654 -22.18 -11.06 -12.15
CA VAL B 654 -23.15 -12.14 -12.41
C VAL B 654 -23.70 -12.69 -11.10
N LEU B 655 -25.02 -12.66 -10.99
CA LEU B 655 -25.73 -12.97 -9.76
C LEU B 655 -26.88 -13.94 -10.06
N ILE B 656 -26.83 -15.13 -9.45
CA ILE B 656 -28.02 -16.03 -9.39
C ILE B 656 -28.93 -15.56 -8.25
N ASN B 657 -30.16 -15.19 -8.59
CA ASN B 657 -31.08 -14.65 -7.61
C ASN B 657 -32.33 -15.54 -7.49
N PRO B 658 -32.34 -16.46 -6.48
CA PRO B 658 -33.59 -17.18 -6.15
C PRO B 658 -34.47 -16.23 -5.41
N ILE B 659 -35.71 -16.11 -5.86
CA ILE B 659 -36.72 -15.30 -5.16
C ILE B 659 -37.97 -16.20 -4.92
N GLN B 660 -38.39 -16.28 -3.67
CA GLN B 660 -39.46 -17.18 -3.30
C GLN B 660 -40.62 -16.37 -2.78
N GLN B 661 -41.77 -16.48 -3.43
CA GLN B 661 -42.97 -15.76 -2.99
C GLN B 661 -44.17 -16.69 -3.20
N ASN B 662 -45.23 -16.51 -2.40
CA ASN B 662 -46.48 -17.26 -2.49
C ASN B 662 -46.24 -18.77 -2.68
N ASP B 663 -45.31 -19.33 -1.90
CA ASP B 663 -44.93 -20.74 -1.95
C ASP B 663 -44.43 -21.26 -3.33
N SER B 664 -43.78 -20.37 -4.07
CA SER B 664 -43.17 -20.65 -5.35
C SER B 664 -41.75 -20.04 -5.41
N LEU B 665 -40.83 -20.79 -6.01
CA LEU B 665 -39.48 -20.32 -6.24
C LEU B 665 -39.36 -19.90 -7.72
N SER B 666 -38.72 -18.77 -7.99
CA SER B 666 -38.29 -18.44 -9.31
C SER B 666 -36.80 -18.22 -9.16
N VAL B 667 -36.06 -18.53 -10.22
CA VAL B 667 -34.66 -18.24 -10.23
C VAL B 667 -34.34 -17.31 -11.39
N TYR B 668 -33.64 -16.24 -11.03
CA TYR B 668 -33.18 -15.20 -11.98
C TYR B 668 -31.68 -15.19 -12.16
N LEU B 669 -31.25 -14.97 -13.40
CA LEU B 669 -29.83 -14.84 -13.69
C LEU B 669 -29.66 -13.36 -14.00
N ILE B 670 -28.78 -12.70 -13.25
CA ILE B 670 -28.66 -11.23 -13.39
C ILE B 670 -27.25 -10.88 -13.80
N SER B 671 -27.13 -10.09 -14.85
CA SER B 671 -25.82 -9.79 -15.37
C SER B 671 -25.67 -8.32 -15.72
N ASP B 672 -24.58 -7.75 -15.22
CA ASP B 672 -24.08 -6.41 -15.59
C ASP B 672 -22.86 -6.47 -16.48
N ARG B 673 -22.59 -7.65 -17.08
CA ARG B 673 -21.49 -7.77 -18.04
C ARG B 673 -21.86 -7.17 -19.39
N LEU B 674 -20.84 -6.73 -20.11
CA LEU B 674 -21.02 -6.13 -21.43
C LEU B 674 -21.19 -7.19 -22.53
N ASP B 675 -20.72 -8.40 -22.23
CA ASP B 675 -20.78 -9.53 -23.15
C ASP B 675 -21.87 -10.51 -22.70
N THR B 676 -22.54 -11.14 -23.68
CA THR B 676 -23.50 -12.19 -23.41
C THR B 676 -22.90 -13.58 -23.21
N MET B 677 -23.47 -14.32 -22.27
CA MET B 677 -23.02 -15.66 -21.96
C MET B 677 -23.98 -16.66 -22.59
N GLU B 678 -23.38 -17.61 -23.31
CA GLU B 678 -24.14 -18.56 -24.11
C GLU B 678 -23.96 -19.99 -23.64
N GLN B 679 -25.00 -20.79 -23.83
CA GLN B 679 -24.97 -22.19 -23.46
C GLN B 679 -24.54 -22.38 -22.00
N MET B 680 -25.22 -21.67 -21.10
CA MET B 680 -24.97 -21.80 -19.67
C MET B 680 -25.84 -22.92 -19.14
N THR B 681 -25.38 -23.52 -18.06
CA THR B 681 -26.17 -24.49 -17.31
C THR B 681 -26.43 -24.02 -15.86
N LEU B 682 -27.71 -24.00 -15.48
CA LEU B 682 -28.09 -23.78 -14.07
C LEU B 682 -28.27 -25.13 -13.35
N GLU B 683 -27.55 -25.29 -12.25
CA GLU B 683 -27.60 -26.53 -11.51
C GLU B 683 -27.96 -26.27 -10.05
N MET B 684 -29.05 -26.90 -9.59
CA MET B 684 -29.59 -26.73 -8.23
C MET B 684 -29.79 -28.03 -7.47
N LYS B 685 -29.46 -28.04 -6.18
CA LYS B 685 -29.85 -29.17 -5.37
C LYS B 685 -30.18 -28.86 -3.94
N VAL B 686 -31.15 -29.60 -3.42
CA VAL B 686 -31.56 -29.50 -2.00
C VAL B 686 -30.61 -30.32 -1.13
N VAL B 687 -30.13 -29.70 -0.06
CA VAL B 687 -29.17 -30.32 0.84
C VAL B 687 -29.69 -30.09 2.26
N ASP B 688 -29.86 -31.15 3.03
CA ASP B 688 -30.30 -30.96 4.39
C ASP B 688 -29.13 -30.45 5.22
N PHE B 689 -29.43 -29.96 6.43
CA PHE B 689 -28.45 -29.29 7.27
C PHE B 689 -27.34 -30.23 7.73
N ASP B 690 -27.43 -31.49 7.35
CA ASP B 690 -26.43 -32.48 7.73
C ASP B 690 -25.52 -32.78 6.55
N GLY B 691 -25.95 -32.38 5.36
CA GLY B 691 -25.10 -32.46 4.19
C GLY B 691 -25.54 -33.49 3.17
N LYS B 692 -26.71 -34.09 3.38
CA LYS B 692 -27.26 -35.07 2.45
C LYS B 692 -28.17 -34.42 1.42
N THR B 693 -27.98 -34.80 0.18
CA THR B 693 -28.84 -34.38 -0.92
C THR B 693 -30.22 -35.01 -0.81
N LEU B 694 -31.26 -34.17 -0.88
CA LEU B 694 -32.63 -34.64 -0.94
C LEU B 694 -33.06 -34.68 -2.39
N GLY B 695 -33.39 -35.86 -2.87
CA GLY B 695 -33.76 -36.03 -4.29
C GLY B 695 -32.54 -35.95 -5.19
N LYS B 696 -32.79 -35.70 -6.48
CA LYS B 696 -31.73 -35.54 -7.49
C LYS B 696 -31.40 -34.04 -7.78
N LYS B 697 -30.28 -33.81 -8.48
CA LYS B 697 -29.91 -32.48 -8.98
C LYS B 697 -30.89 -32.11 -10.07
N ILE B 698 -31.24 -30.83 -10.14
CA ILE B 698 -32.04 -30.27 -11.22
C ILE B 698 -31.03 -29.58 -12.12
N GLN B 699 -31.22 -29.70 -13.43
CA GLN B 699 -30.33 -29.07 -14.38
C GLN B 699 -31.18 -28.33 -15.37
N VAL B 700 -30.74 -27.15 -15.78
CA VAL B 700 -31.45 -26.39 -16.80
C VAL B 700 -30.34 -25.96 -17.70
N HIS B 701 -30.35 -26.52 -18.90
CA HIS B 701 -29.25 -26.42 -19.82
C HIS B 701 -29.50 -25.41 -20.91
N SER B 702 -28.43 -25.14 -21.67
CA SER B 702 -28.41 -24.24 -22.85
C SER B 702 -29.04 -22.87 -22.59
N LEU B 703 -28.57 -22.26 -21.51
CA LEU B 703 -29.11 -21.00 -21.04
C LEU B 703 -28.30 -19.83 -21.63
N GLU B 704 -29.02 -18.79 -22.03
CA GLU B 704 -28.37 -17.59 -22.54
C GLU B 704 -28.52 -16.45 -21.50
N VAL B 705 -27.41 -15.80 -21.12
CA VAL B 705 -27.41 -14.65 -20.17
C VAL B 705 -26.95 -13.38 -20.88
N PRO B 706 -27.91 -12.64 -21.47
CA PRO B 706 -27.62 -11.43 -22.23
C PRO B 706 -26.98 -10.34 -21.37
N ALA B 707 -26.07 -9.60 -22.00
CA ALA B 707 -25.37 -8.49 -21.41
C ALA B 707 -26.40 -7.57 -20.77
N ASN B 708 -26.14 -7.15 -19.52
CA ASN B 708 -26.98 -6.14 -18.84
C ASN B 708 -28.45 -6.47 -18.75
N THR B 709 -28.77 -7.67 -18.28
CA THR B 709 -30.16 -8.05 -18.15
C THR B 709 -30.35 -8.93 -16.92
N SER B 710 -31.60 -8.95 -16.50
CA SER B 710 -32.11 -9.87 -15.49
C SER B 710 -33.19 -10.75 -16.17
N LYS B 711 -33.01 -12.07 -16.14
CA LYS B 711 -33.99 -13.00 -16.74
C LYS B 711 -34.37 -14.12 -15.79
N CYS B 712 -35.67 -14.43 -15.77
CA CYS B 712 -36.17 -15.63 -15.10
C CYS B 712 -35.84 -16.86 -15.93
N VAL B 713 -35.12 -17.83 -15.35
CA VAL B 713 -34.76 -19.05 -16.09
C VAL B 713 -35.37 -20.35 -15.50
N TYR B 714 -36.06 -20.23 -14.37
CA TYR B 714 -36.62 -21.36 -13.66
C TYR B 714 -37.70 -20.87 -12.70
N ARG B 715 -38.85 -21.57 -12.68
CA ARG B 715 -39.99 -21.37 -11.76
C ARG B 715 -40.57 -22.77 -11.39
N ALA B 716 -40.62 -23.09 -10.10
CA ALA B 716 -41.26 -24.29 -9.57
C ALA B 716 -42.00 -24.00 -8.25
N LYS B 717 -43.22 -24.52 -8.14
CA LYS B 717 -43.97 -24.44 -6.87
C LYS B 717 -43.40 -25.41 -5.82
N LEU B 718 -43.34 -24.97 -4.57
CA LEU B 718 -42.77 -25.80 -3.47
C LEU B 718 -43.70 -26.96 -3.05
N ASP B 719 -44.99 -26.79 -3.30
CA ASP B 719 -45.97 -27.84 -3.02
C ASP B 719 -45.77 -29.00 -3.98
N GLY B 720 -45.48 -30.18 -3.41
CA GLY B 720 -45.23 -31.38 -4.21
C GLY B 720 -43.74 -31.57 -4.49
N TRP B 721 -42.94 -30.59 -4.06
CA TRP B 721 -41.51 -30.69 -4.20
C TRP B 721 -40.88 -30.81 -2.81
N LEU B 722 -41.19 -29.86 -1.94
CA LEU B 722 -40.67 -29.89 -0.59
C LEU B 722 -41.80 -29.78 0.39
N THR B 723 -41.73 -30.58 1.45
CA THR B 723 -42.72 -30.53 2.53
C THR B 723 -42.39 -29.36 3.46
N PRO B 724 -43.41 -28.83 4.15
CA PRO B 724 -43.11 -27.76 5.11
C PRO B 724 -41.98 -28.18 6.07
N GLU B 725 -41.90 -29.48 6.33
CA GLU B 725 -40.87 -30.06 7.16
C GLU B 725 -39.46 -30.01 6.50
N ASP B 726 -39.38 -30.28 5.19
CA ASP B 726 -38.10 -30.14 4.44
C ASP B 726 -37.54 -28.71 4.48
N CYS B 727 -38.46 -27.77 4.39
CA CYS B 727 -38.19 -26.36 4.22
C CYS B 727 -37.51 -25.76 5.44
N ARG B 728 -37.74 -26.37 6.60
CA ARG B 728 -37.07 -26.00 7.86
C ARG B 728 -35.77 -26.71 8.08
N ARG B 729 -35.43 -27.65 7.21
CA ARG B 729 -34.32 -28.55 7.52
C ARG B 729 -33.33 -28.72 6.38
N SER B 730 -33.46 -27.86 5.37
CA SER B 730 -32.59 -27.88 4.21
C SER B 730 -32.52 -26.52 3.50
N PHE B 731 -31.62 -26.46 2.53
CA PHE B 731 -31.34 -25.25 1.75
C PHE B 731 -31.10 -25.66 0.29
N LEU B 732 -31.16 -24.69 -0.60
CA LEU B 732 -30.86 -24.91 -2.01
C LEU B 732 -29.49 -24.39 -2.32
N LYS B 733 -28.73 -25.23 -3.02
CA LYS B 733 -27.46 -24.89 -3.63
C LYS B 733 -27.75 -24.61 -5.11
N LEU B 734 -27.20 -23.49 -5.58
CA LEU B 734 -27.39 -23.04 -6.93
C LEU B 734 -26.00 -22.69 -7.45
N ILE B 735 -25.58 -23.33 -8.52
CA ILE B 735 -24.39 -22.88 -9.20
C ILE B 735 -24.72 -22.59 -10.66
N LEU B 736 -23.93 -21.76 -11.32
CA LEU B 736 -24.13 -21.54 -12.75
C LEU B 736 -22.83 -21.91 -13.44
N LYS B 737 -22.91 -22.73 -14.48
CA LYS B 737 -21.71 -23.22 -15.20
C LYS B 737 -21.76 -22.85 -16.69
N ASP B 738 -20.60 -22.49 -17.26
CA ASP B 738 -20.48 -22.36 -18.72
C ASP B 738 -20.66 -23.74 -19.41
N SER B 740 -19.17 -25.88 -21.15
CA SER B 740 -17.87 -26.33 -20.63
C SER B 740 -17.84 -26.88 -19.19
N GLY B 741 -18.77 -26.45 -18.34
CA GLY B 741 -18.82 -26.93 -16.95
C GLY B 741 -17.94 -26.24 -15.90
N HIS B 742 -17.36 -25.08 -16.24
CA HIS B 742 -16.73 -24.18 -15.26
C HIS B 742 -17.76 -23.26 -14.54
N GLN B 743 -17.62 -23.15 -13.21
CA GLN B 743 -18.53 -22.37 -12.37
C GLN B 743 -18.31 -20.86 -12.45
N VAL B 744 -19.40 -20.16 -12.77
CA VAL B 744 -19.41 -18.72 -13.02
C VAL B 744 -20.04 -17.92 -11.86
N ALA B 745 -20.99 -18.56 -11.16
CA ALA B 745 -21.62 -17.98 -9.99
C ALA B 745 -22.20 -19.08 -9.08
N GLU B 746 -22.38 -18.75 -7.81
CA GLU B 746 -23.12 -19.63 -6.91
C GLU B 746 -23.96 -18.86 -5.91
N SER B 747 -25.03 -19.50 -5.42
CA SER B 747 -25.97 -18.91 -4.47
CA SER B 747 -25.91 -18.91 -4.41
C SER B 747 -26.43 -20.00 -3.49
N VAL B 748 -26.91 -19.57 -2.30
CA VAL B 748 -27.62 -20.40 -1.36
C VAL B 748 -28.99 -19.76 -1.08
N HIS B 749 -30.01 -20.60 -0.96
CA HIS B 749 -31.39 -20.13 -0.65
C HIS B 749 -32.01 -20.96 0.50
N PHE B 750 -32.61 -20.28 1.47
CA PHE B 750 -33.35 -20.94 2.56
C PHE B 750 -34.80 -20.73 2.25
N PHE B 751 -35.61 -21.75 2.52
CA PHE B 751 -37.02 -21.74 2.18
C PHE B 751 -37.86 -21.14 3.32
N ARG B 752 -37.22 -20.90 4.46
CA ARG B 752 -37.92 -20.40 5.66
C ARG B 752 -37.11 -19.27 6.32
N LYS B 753 -37.84 -18.44 7.06
CA LYS B 753 -37.21 -17.46 7.94
C LYS B 753 -36.29 -18.14 8.91
N THR B 754 -35.21 -17.45 9.27
CA THR B 754 -34.17 -18.07 10.08
C THR B 754 -34.72 -18.55 11.44
N LYS B 755 -35.66 -17.79 12.01
CA LYS B 755 -36.29 -18.18 13.31
C LYS B 755 -37.05 -19.50 13.24
N ASP B 756 -37.41 -19.90 12.01
CA ASP B 756 -38.18 -21.10 11.70
C ASP B 756 -37.30 -22.31 11.26
N LEU B 757 -36.02 -22.05 11.04
CA LEU B 757 -35.11 -23.11 10.62
C LEU B 757 -34.78 -24.03 11.79
N GLN B 758 -34.68 -25.32 11.56
CA GLN B 758 -34.23 -26.22 12.64
C GLN B 758 -32.72 -26.34 12.58
N LEU B 759 -32.03 -25.35 13.14
CA LEU B 759 -30.58 -25.29 13.12
C LEU B 759 -29.96 -26.32 14.09
N PRO B 760 -29.01 -27.14 13.58
CA PRO B 760 -28.43 -28.19 14.42
C PRO B 760 -27.41 -27.57 15.37
N PRO B 761 -27.11 -28.25 16.51
CA PRO B 761 -26.06 -27.84 17.47
C PRO B 761 -24.69 -28.13 16.85
N THR B 762 -24.35 -27.39 15.80
CA THR B 762 -23.14 -27.69 15.01
C THR B 762 -21.81 -27.42 15.73
N SER B 763 -20.84 -28.28 15.46
CA SER B 763 -19.44 -28.08 15.86
C SER B 763 -18.67 -27.31 14.74
N VAL B 764 -18.28 -26.07 15.02
CA VAL B 764 -17.45 -25.35 14.07
C VAL B 764 -15.99 -25.46 14.51
N SER B 765 -15.19 -26.12 13.68
CA SER B 765 -13.77 -26.15 13.97
C SER B 765 -12.95 -25.33 12.93
N TYR B 766 -11.76 -24.91 13.34
CA TYR B 766 -10.87 -24.18 12.44
C TYR B 766 -9.41 -24.49 12.69
N GLN B 767 -8.63 -24.52 11.60
CA GLN B 767 -7.16 -24.52 11.66
C GLN B 767 -6.66 -23.10 11.36
N MET B 768 -5.60 -22.70 12.03
CA MET B 768 -5.11 -21.33 11.96
C MET B 768 -3.62 -21.25 11.62
N LYS B 769 -3.33 -20.77 10.41
CA LYS B 769 -1.97 -20.48 9.93
C LYS B 769 -1.75 -18.98 10.10
N GLN B 770 -0.97 -18.61 11.11
CA GLN B 770 -0.76 -17.20 11.45
C GLN B 770 0.62 -16.69 11.06
N THR B 771 0.64 -15.63 10.27
CA THR B 771 1.90 -15.02 9.86
C THR B 771 1.95 -13.52 10.21
N ASP B 772 2.86 -12.79 9.57
CA ASP B 772 2.98 -11.35 9.75
C ASP B 772 1.92 -10.66 8.92
N GLY B 773 1.12 -9.85 9.60
CA GLY B 773 -0.01 -9.15 8.99
C GLY B 773 -1.15 -10.01 8.47
N LYS B 774 -1.10 -11.31 8.77
CA LYS B 774 -2.03 -12.28 8.20
C LYS B 774 -2.39 -13.46 9.12
N CYS B 775 -3.67 -13.82 9.08
CA CYS B 775 -4.16 -15.12 9.52
C CYS B 775 -4.98 -15.77 8.43
N GLU B 776 -4.54 -16.95 7.99
CA GLU B 776 -5.36 -17.84 7.15
C GLU B 776 -6.12 -18.83 8.05
N LEU B 777 -7.46 -18.80 8.03
CA LEU B 777 -8.27 -19.77 8.79
C LEU B 777 -8.88 -20.71 7.82
N THR B 778 -8.82 -22.00 8.15
CA THR B 778 -9.66 -22.97 7.46
C THR B 778 -10.76 -23.46 8.40
N LEU B 779 -12.00 -23.29 7.98
CA LEU B 779 -13.13 -23.61 8.80
C LEU B 779 -13.80 -24.88 8.32
N PHE B 780 -14.20 -25.72 9.27
CA PHE B 780 -14.99 -26.90 8.92
C PHE B 780 -16.13 -27.08 9.90
N SER B 781 -17.28 -27.49 9.36
CA SER B 781 -18.35 -28.02 10.17
C SER B 781 -19.03 -29.15 9.43
N SER B 782 -19.26 -30.25 10.15
CA SER B 782 -20.04 -31.37 9.62
C SER B 782 -21.51 -30.99 9.37
N MET B 783 -21.99 -29.97 10.08
N MET B 783 -22.00 -29.96 10.03
CA MET B 783 -23.37 -29.48 9.96
CA MET B 783 -23.38 -29.52 9.79
C MET B 783 -23.40 -28.03 9.44
C MET B 783 -23.47 -28.00 9.65
N LEU B 784 -24.59 -27.54 9.08
CA LEU B 784 -24.79 -26.12 8.74
C LEU B 784 -24.54 -25.25 9.95
N ALA B 785 -23.72 -24.21 9.76
CA ALA B 785 -23.62 -23.09 10.69
C ALA B 785 -24.08 -21.80 9.95
N LYS B 786 -25.12 -21.19 10.51
CA LYS B 786 -25.88 -20.11 9.90
C LYS B 786 -25.25 -18.72 10.16
N ASP B 787 -24.99 -17.97 9.08
CA ASP B 787 -24.58 -16.56 9.21
C ASP B 787 -23.39 -16.38 10.14
N ILE B 788 -22.34 -17.12 9.82
CA ILE B 788 -21.14 -17.14 10.62
C ILE B 788 -20.45 -15.76 10.69
N PHE B 789 -20.02 -15.39 11.90
CA PHE B 789 -19.28 -14.19 12.20
C PHE B 789 -17.97 -14.52 12.93
N ILE B 790 -16.88 -14.31 12.19
CA ILE B 790 -15.53 -14.45 12.72
C ILE B 790 -15.16 -13.11 13.33
N GLU B 791 -15.27 -13.05 14.65
CA GLU B 791 -15.07 -11.85 15.37
C GLU B 791 -13.60 -11.88 15.85
N THR B 792 -12.88 -10.77 15.67
CA THR B 792 -11.53 -10.55 16.24
C THR B 792 -11.52 -9.20 16.97
N PRO B 793 -10.54 -8.98 17.88
CA PRO B 793 -10.56 -7.75 18.66
C PRO B 793 -9.87 -6.54 18.01
N LEU B 794 -9.22 -6.74 16.88
CA LEU B 794 -8.45 -5.70 16.24
C LEU B 794 -9.32 -4.77 15.41
N GLN B 795 -9.30 -3.49 15.75
CA GLN B 795 -10.01 -2.52 14.93
C GLN B 795 -9.49 -2.53 13.51
N GLY B 796 -10.44 -2.54 12.55
CA GLY B 796 -10.14 -2.42 11.14
C GLY B 796 -9.53 -3.62 10.42
N ALA B 797 -9.46 -4.79 11.07
CA ALA B 797 -8.98 -5.99 10.41
C ALA B 797 -9.85 -6.27 9.20
N ARG B 798 -9.23 -6.72 8.11
CA ARG B 798 -9.89 -7.00 6.85
C ARG B 798 -10.05 -8.51 6.67
N TYR B 799 -11.20 -8.95 6.19
CA TYR B 799 -11.48 -10.37 6.03
C TYR B 799 -11.74 -10.67 4.57
N SER B 800 -11.17 -11.77 4.06
CA SER B 800 -11.51 -12.19 2.69
C SER B 800 -13.03 -12.38 2.59
N ASP B 801 -13.68 -12.85 3.67
CA ASP B 801 -15.15 -13.05 3.66
C ASP B 801 -15.55 -13.14 5.12
N ASN B 802 -16.82 -12.91 5.37
CA ASN B 802 -17.37 -12.95 6.72
C ASN B 802 -18.89 -12.92 6.58
N PHE B 803 -19.59 -13.26 7.66
CA PHE B 803 -21.03 -13.24 7.65
C PHE B 803 -21.62 -14.09 6.52
N PHE B 804 -21.14 -15.33 6.40
CA PHE B 804 -21.60 -16.28 5.39
C PHE B 804 -22.12 -17.53 6.12
N ASP B 805 -22.98 -18.29 5.48
CA ASP B 805 -23.34 -19.63 5.97
C ASP B 805 -22.20 -20.64 5.72
N LEU B 806 -21.86 -21.41 6.75
CA LEU B 806 -20.88 -22.52 6.60
C LEU B 806 -21.63 -23.84 6.33
N LEU B 807 -21.44 -24.39 5.13
CA LEU B 807 -22.31 -25.46 4.64
C LEU B 807 -21.76 -26.77 5.15
N PRO B 808 -22.65 -27.75 5.38
CA PRO B 808 -22.17 -29.01 5.99
C PRO B 808 -21.08 -29.66 5.15
N GLY B 809 -19.94 -29.94 5.78
CA GLY B 809 -18.90 -30.70 5.07
C GLY B 809 -18.16 -29.96 3.97
N GLU B 810 -18.32 -28.63 3.87
CA GLU B 810 -17.57 -27.83 2.89
C GLU B 810 -16.60 -26.87 3.55
N ARG B 811 -15.29 -27.21 3.55
CA ARG B 811 -14.24 -26.35 4.19
C ARG B 811 -14.27 -24.93 3.66
N LYS B 812 -13.84 -24.00 4.50
CA LYS B 812 -13.87 -22.59 4.14
C LYS B 812 -12.65 -21.86 4.64
N LYS B 813 -11.84 -21.37 3.70
CA LYS B 813 -10.60 -20.68 4.07
C LYS B 813 -10.89 -19.16 4.16
N VAL B 814 -10.60 -18.56 5.31
CA VAL B 814 -10.81 -17.13 5.46
C VAL B 814 -9.46 -16.44 5.72
N ILE B 815 -9.12 -15.40 4.93
CA ILE B 815 -7.93 -14.60 5.23
C ILE B 815 -8.24 -13.30 6.01
N ILE B 816 -7.55 -13.10 7.12
CA ILE B 816 -7.69 -11.91 7.96
C ILE B 816 -6.36 -11.18 7.99
N THR B 817 -6.35 -9.98 7.43
CA THR B 817 -5.14 -9.18 7.47
C THR B 817 -5.36 -7.94 8.32
N SER B 818 -4.33 -7.61 9.07
CA SER B 818 -4.24 -6.39 9.85
C SER B 818 -2.77 -6.16 10.16
N PRO B 819 -2.34 -4.87 10.21
CA PRO B 819 -0.96 -4.52 10.56
C PRO B 819 -0.62 -4.90 12.00
N ARG B 820 -1.61 -4.98 12.87
CA ARG B 820 -1.39 -5.39 14.26
C ARG B 820 -1.27 -6.91 14.45
N ILE B 821 -1.37 -7.72 13.38
CA ILE B 821 -1.08 -9.17 13.46
C ILE B 821 0.41 -9.48 13.29
N LYS B 822 0.98 -9.99 14.39
CA LYS B 822 2.37 -10.45 14.45
C LYS B 822 2.45 -11.96 14.73
N LYS B 823 3.17 -12.67 13.84
CA LYS B 823 3.40 -14.12 13.88
C LYS B 823 3.58 -14.69 15.29
N GLY B 824 4.40 -14.03 16.08
CA GLY B 824 4.63 -14.45 17.47
C GLY B 824 3.37 -14.65 18.31
N GLU B 825 2.55 -13.59 18.40
CA GLU B 825 1.41 -13.50 19.33
C GLU B 825 0.04 -13.75 18.64
N GLU B 826 -0.71 -14.72 19.19
CA GLU B 826 -1.88 -15.31 18.51
C GLU B 826 -3.19 -14.51 18.63
N LEU B 827 -3.89 -14.41 17.50
CA LEU B 827 -5.07 -13.59 17.37
C LEU B 827 -6.31 -14.26 18.03
N PRO B 828 -6.92 -13.60 19.04
CA PRO B 828 -8.19 -14.12 19.50
C PRO B 828 -9.24 -14.17 18.37
N VAL B 829 -10.01 -15.25 18.34
CA VAL B 829 -11.04 -15.53 17.33
C VAL B 829 -12.25 -16.10 18.08
N ASN B 830 -13.40 -15.45 17.90
CA ASN B 830 -14.67 -15.88 18.43
C ASN B 830 -15.60 -16.05 17.22
N ILE B 831 -16.02 -17.27 16.99
CA ILE B 831 -16.94 -17.59 15.89
C ILE B 831 -18.39 -17.74 16.38
N LYS B 832 -19.24 -16.80 15.96
CA LYS B 832 -20.64 -16.77 16.33
C LYS B 832 -21.43 -17.33 15.18
N HIS B 833 -22.60 -17.91 15.50
CA HIS B 833 -23.53 -18.30 14.48
C HIS B 833 -24.87 -18.39 15.14
N ILE B 834 -25.90 -18.49 14.33
CA ILE B 834 -27.20 -18.09 14.82
C ILE B 834 -27.70 -19.07 15.91
N ARG B 835 -27.44 -20.36 15.72
CA ARG B 835 -27.93 -21.39 16.65
C ARG B 835 -27.45 -21.10 18.06
N GLU B 836 -26.27 -20.49 18.16
CA GLU B 836 -25.67 -20.15 19.44
C GLU B 836 -26.33 -19.06 20.21
N THR B 837 -27.33 -18.42 19.63
CA THR B 837 -27.81 -17.16 20.20
C THR B 837 -29.10 -17.37 20.99
N TYR B 838 -29.61 -18.59 21.02
CA TYR B 838 -30.84 -18.86 21.78
C TYR B 838 -30.86 -20.23 22.53
N LYS B 839 -31.63 -20.25 23.61
CA LYS B 839 -31.84 -21.41 24.44
C LYS B 839 -33.19 -22.00 24.08
N GLU B 840 -33.18 -23.26 23.74
CA GLU B 840 -34.41 -24.03 23.58
C GLU B 840 -34.88 -24.59 24.94
N HIS B 841 -36.20 -24.60 25.14
CA HIS B 841 -36.83 -25.20 26.33
C HIS B 841 -37.57 -26.50 26.04
N HIS B 842 -37.98 -27.22 27.10
CA HIS B 842 -38.77 -28.45 26.92
C HIS B 842 -40.13 -28.18 26.24
C1 MVL C . 32.64 -12.09 3.62
N10 MVL C . 32.73 -11.78 4.90
C3 MVL C . 30.65 -13.51 3.91
C4 MVL C . 30.97 -13.32 5.42
C5 MVL C . 31.55 -11.95 5.76
C6 MVL C . 31.83 -11.71 7.25
C7 MVL C . 34.72 -11.62 4.09
C8 MVL C . 34.04 -11.61 5.26
N1 MVL C . 33.87 -11.98 3.11
O3 MVL C . 31.08 -14.81 3.50
O2 MVL C . 31.56 -12.97 1.66
O4 MVL C . 29.80 -13.50 6.23
C2 MVL C . 31.34 -12.48 2.99
O6 MVL C . 32.93 -12.49 7.69
C1 EDO D . 16.23 -7.88 8.71
O1 EDO D . 17.63 -7.99 9.03
C2 EDO D . 15.80 -8.79 7.56
O2 EDO D . 16.45 -10.08 7.52
C1 EDO E . 40.46 -2.00 -2.20
O1 EDO E . 39.56 -1.13 -1.48
C2 EDO E . 41.34 -2.72 -1.15
O2 EDO E . 40.71 -3.92 -0.73
C1 EDO F . 12.99 -6.82 -18.57
O1 EDO F . 11.96 -7.08 -17.59
C2 EDO F . 14.26 -7.69 -18.43
O2 EDO F . 15.04 -7.44 -19.62
C1 EDO G . 18.86 -8.02 -20.12
O1 EDO G . 19.53 -7.26 -19.07
C2 EDO G . 19.23 -7.48 -21.51
O2 EDO G . 18.40 -6.35 -21.80
C1 EDO H . 40.55 -13.00 -5.93
O1 EDO H . 41.17 -12.24 -4.83
C2 EDO H . 41.45 -14.10 -6.51
O2 EDO H . 42.62 -13.54 -7.16
C1 EDO I . 31.50 -3.03 28.15
O1 EDO I . 32.84 -2.55 28.19
C2 EDO I . 31.49 -4.26 29.03
O2 EDO I . 30.65 -3.81 30.08
C1 EDO J . 36.58 -10.79 -15.39
O1 EDO J . 37.42 -9.99 -16.22
C2 EDO J . 37.45 -11.99 -14.99
O2 EDO J . 37.20 -13.04 -15.92
C1 EDO K . 41.50 13.24 -0.79
O1 EDO K . 41.68 11.81 -0.68
C2 EDO K . 40.08 13.68 -1.14
O2 EDO K . 39.45 12.74 -2.03
C1 EDO L . 8.43 6.98 10.31
O1 EDO L . 8.95 6.35 9.13
C2 EDO L . 7.81 8.30 9.88
O2 EDO L . 8.85 9.15 9.35
C1 EDO M . 6.56 -42.74 10.24
O1 EDO M . 7.19 -42.45 11.52
C2 EDO M . 6.95 -44.16 9.81
O2 EDO M . 8.40 -44.30 9.84
C1 EDO N . 34.58 -15.65 5.86
O1 EDO N . 33.32 -16.20 6.24
C2 EDO N . 34.81 -15.74 4.34
O2 EDO N . 33.83 -14.97 3.63
C1 EDO O . 39.16 13.77 11.34
O1 EDO O . 39.39 13.43 12.71
C2 EDO O . 37.67 14.04 11.16
O2 EDO O . 36.91 13.22 12.07
C1 EDO P . 8.06 -10.24 -13.58
O1 EDO P . 6.74 -10.84 -13.74
C2 EDO P . 9.18 -10.90 -14.40
O2 EDO P . 9.17 -12.36 -14.28
C1 EDO Q . 5.81 -36.71 14.84
O1 EDO Q . 6.83 -37.73 15.06
C2 EDO Q . 6.35 -35.44 15.48
O2 EDO Q . 7.63 -35.73 16.03
C1 EDO R . 19.79 -41.89 6.01
O1 EDO R . 18.91 -41.03 6.77
C2 EDO R . 19.19 -42.07 4.64
O2 EDO R . 17.77 -42.22 4.84
BR BR S . -0.73 -35.45 -17.32
BR BR T . 8.42 -26.66 -32.37
BR BR U . 34.26 -17.16 -17.27
BR BR V . 3.86 -32.12 -17.04
BR BR W . 43.74 15.71 10.28
BR BR X . 44.51 -34.55 0.63
CL CL Y . 36.68 13.42 7.50
C1 EDO Z . 33.46 5.12 -16.21
O1 EDO Z . 32.58 6.01 -15.49
C2 EDO Z . 34.83 5.07 -15.53
O2 EDO Z . 35.45 3.77 -15.67
BR BR AA . 32.14 -9.68 29.35
BR BR BA . 7.81 -18.73 -2.86
CL CL CA . 10.01 -20.92 -13.02
C1 EDO DA . 25.65 26.27 7.84
O1 EDO DA . 24.38 26.41 8.47
C2 EDO DA . 26.35 27.62 7.71
O2 EDO DA . 25.41 28.72 7.76
C1 EDO EA . -8.02 -33.40 -27.85
O1 EDO EA . -9.04 -32.40 -27.77
C2 EDO EA . -8.19 -34.44 -26.74
O2 EDO EA . -8.54 -33.75 -25.53
BR BR FA . 33.14 12.74 11.35
C1 EDO GA . 17.63 -42.02 -1.63
O1 EDO GA . 18.58 -41.57 -0.69
C2 EDO GA . 17.26 -43.42 -1.28
O2 EDO GA . 16.16 -43.71 -2.13
C1 EDO HA . 11.66 7.34 -16.13
O1 EDO HA . 11.12 8.44 -15.38
C2 EDO HA . 10.50 6.58 -16.81
O2 EDO HA . 10.19 5.36 -16.07
CL CL IA . 13.74 -21.72 25.51
CL CL JA . 25.89 13.96 30.49
C1 EDO KA . 22.37 6.79 -9.04
O1 EDO KA . 23.56 6.38 -8.34
C2 EDO KA . 21.11 6.46 -8.22
O2 EDO KA . 20.46 5.45 -8.96
C1 MVL LA . -32.46 10.15 4.93
N10 MVL LA . -32.59 9.38 6.02
C3 MVL LA . -30.49 11.34 5.73
C4 MVL LA . -30.75 10.50 7.02
C5 MVL LA . -31.36 9.08 6.78
C6 MVL LA . -31.63 8.27 8.02
C7 MVL LA . -34.61 9.79 5.25
C8 MVL LA . -33.90 9.09 6.23
N1 MVL LA . -33.70 10.40 4.45
O3 MVL LA . -30.95 12.72 5.87
O2 MVL LA . -31.34 11.64 3.43
O4 MVL LA . -29.54 10.38 7.76
C2 MVL LA . -31.14 10.71 4.50
O6 MVL LA . -32.81 8.84 8.67
C1 EDO MA . -40.44 3.21 -4.07
O1 EDO MA . -39.54 2.10 -3.94
C2 EDO MA . -41.30 3.26 -2.80
O2 EDO MA . -40.56 3.78 -1.70
C1 EDO NA . -19.14 15.98 -18.74
O1 EDO NA . -19.69 14.76 -18.19
C2 EDO NA . -19.39 15.98 -20.26
O2 EDO NA . -18.78 14.87 -20.94
C1 EDO OA . -6.62 37.36 22.35
O1 EDO OA . -8.01 37.51 22.65
C2 EDO OA . -6.31 35.88 22.28
O2 EDO OA . -6.77 35.19 23.45
C1 EDO PA . -15.55 5.62 6.98
O1 EDO PA . -16.29 6.83 7.38
C2 EDO PA . -15.81 4.44 7.93
O2 EDO PA . -17.22 4.21 8.15
C1 EDO QA . -41.57 15.90 -3.58
O1 EDO QA . -42.77 15.48 -4.29
C2 EDO QA . -40.56 14.80 -3.23
O2 EDO QA . -41.10 13.74 -2.35
C1 EDO RA . -34.45 13.23 7.19
O1 EDO RA . -33.54 12.69 6.21
C2 EDO RA . -34.26 12.58 8.55
O2 EDO RA . -32.96 12.82 9.12
C1 EDO SA . -29.36 -5.63 -13.01
O1 EDO SA . -28.06 -5.21 -12.50
C2 EDO SA . -29.26 -6.53 -14.28
O2 EDO SA . -28.39 -6.03 -15.33
C1 EDO TA . -14.53 14.77 -18.00
O1 EDO TA . -14.92 15.65 -16.92
C2 EDO TA . -13.01 14.72 -18.11
O2 EDO TA . -12.39 13.85 -17.10
C1 EDO UA . -36.93 -16.67 3.30
O1 EDO UA . -37.03 -16.90 1.87
C2 EDO UA . -38.25 -17.05 3.96
O2 EDO UA . -39.21 -17.17 2.90
C1 EDO VA . -5.20 28.41 24.21
O1 EDO VA . -6.00 29.48 24.81
C2 EDO VA . -6.02 27.13 24.17
O2 EDO VA . -7.20 27.34 24.95
BR BR WA . 0.23 40.31 -5.92
BR BR XA . -43.19 -18.28 0.40
BR BR YA . -34.52 22.77 -12.24
BR BR ZA . -44.38 31.72 11.31
CL CL AB . -14.19 30.31 -8.46
CL CL BB . -27.66 30.08 22.34
CL CL CB . -4.36 37.25 -7.10
CL CL DB . -36.32 -14.95 -1.36
BR BR EB . -7.76 18.98 0.87
C1 EDO FB . -10.51 6.23 12.50
O1 EDO FB . -9.72 5.58 13.50
C2 EDO FB . -11.08 5.19 11.56
O2 EDO FB . -10.07 4.64 10.68
C1 EDO GB . -9.40 16.37 -12.71
O1 EDO GB . -9.45 17.64 -12.00
C2 EDO GB . -8.43 15.34 -12.14
O2 EDO GB . -7.00 15.63 -12.21
C1 EDO HB . -34.98 2.05 -19.92
O1 EDO HB . -35.99 2.65 -19.04
C2 EDO HB . -33.76 1.62 -19.11
O2 EDO HB . -32.80 0.86 -19.87
BR BR IB . -21.11 -1.77 -13.92
CL CL JB . -17.84 1.62 -20.75
CL CL KB . -1.47 21.03 -11.86
C1 EDO LB . 4.80 17.88 -21.33
O1 EDO LB . 4.12 18.91 -20.61
C2 EDO LB . 4.23 16.54 -20.88
O2 EDO LB . 5.00 15.45 -21.40
C1 EDO MB . -2.65 8.73 -15.07
O1 EDO MB . -3.41 9.87 -15.51
C2 EDO MB . -2.88 8.39 -13.61
O2 EDO MB . -1.94 9.11 -12.79
C1 EDO NB . -13.74 -6.62 21.59
O1 EDO NB . -14.73 -6.00 22.45
C2 EDO NB . -14.48 -7.67 20.75
O2 EDO NB . -13.85 -7.93 19.48
CL CL OB . -29.90 -5.18 26.70
C1 EDO PB . -10.70 38.38 -21.79
O1 EDO PB . -10.48 39.36 -20.76
C2 EDO PB . -9.77 38.63 -22.97
O2 EDO PB . -9.20 37.36 -23.30
C1 EDO QB . -20.17 16.02 -24.98
O1 EDO QB . -20.14 16.22 -23.56
C2 EDO QB . -19.33 14.80 -25.26
O2 EDO QB . -20.22 13.89 -25.88
C1 EDO RB . -13.44 -6.43 4.93
O1 EDO RB . -13.12 -7.11 6.13
C2 EDO RB . -13.16 -7.23 3.65
O2 EDO RB . -11.85 -6.86 3.24
BR BR SB . -32.54 -15.89 2.48
#